data_5V68
#
_entry.id   5V68
#
_cell.length_a   73.110
_cell.length_b   180.850
_cell.length_c   220.160
_cell.angle_alpha   90.00
_cell.angle_beta   90.00
_cell.angle_gamma   90.00
#
_symmetry.space_group_name_H-M   'P 21 21 21'
#
loop_
_entity.id
_entity.type
_entity.pdbx_description
1 polymer 'Cell division protein FtsZ'
2 non-polymer "GUANOSINE-5'-DIPHOSPHATE"
3 non-polymer 'PHOSPHATE ION'
#
_entity_poly.entity_id   1
_entity_poly.type   'polypeptide(L)'
_entity_poly.pdbx_seq_one_letter_code
;MTPPHNYLAVIKVVGIGGGGVNAVNRMIEQGLKGVEFIAINTDAQALLMSDADVKLDVGRDSTRGLGAGADPEVGRKAAE
DAKDEIEELLRGADMVFVTAGEGGGTGTGGAPVVASIARKLGALTVGVVTRPFSFEGKRRSNQAENGIAALRESCDTLIV
IPNDRLLQMGDAAVSLMDAFRSADEVLLNGVQGITDLITTPGLINVDFADVKGIMSGAGTALMGIGSARGEGRSLKAAEI
AINSPLLEASMEGAQGVLMSIAGGSDLGLFEINEAASLVQDAAHPDANIIFGTVIDDSLGDEVRVTVIAAGFDVSGPGRK
PVMGETGGAHRIESAKAGKLTSTLFEPVDAVSVPLHTNGATLSIGGDDDDVDVPPFMRR
;
_entity_poly.pdbx_strand_id   A,B,C,D,E,F
#
loop_
_chem_comp.id
_chem_comp.type
_chem_comp.name
_chem_comp.formula
GDP RNA linking GUANOSINE-5'-DIPHOSPHATE 'C10 H15 N5 O11 P2'
PO4 non-polymer 'PHOSPHATE ION' 'O4 P -3'
#
# COMPACT_ATOMS: atom_id res chain seq x y z
N GLY A 15 -8.36 10.47 -37.65
CA GLY A 15 -7.48 9.68 -38.57
C GLY A 15 -6.99 10.43 -39.79
N ILE A 16 -5.66 10.49 -39.97
CA ILE A 16 -5.01 11.15 -41.13
C ILE A 16 -5.48 10.52 -42.47
N GLY A 17 -6.68 10.90 -42.87
CA GLY A 17 -7.38 10.29 -44.00
C GLY A 17 -8.70 10.98 -44.31
N GLY A 18 -9.12 10.88 -45.57
CA GLY A 18 -10.35 11.48 -46.03
C GLY A 18 -11.57 10.66 -45.66
N GLY A 19 -11.37 9.56 -44.92
CA GLY A 19 -12.43 8.88 -44.17
C GLY A 19 -12.09 8.48 -42.73
N GLY A 20 -10.95 8.93 -42.20
CA GLY A 20 -10.50 8.64 -40.83
C GLY A 20 -10.67 9.78 -39.83
N VAL A 21 -10.70 11.02 -40.34
CA VAL A 21 -11.13 12.20 -39.58
C VAL A 21 -12.51 11.97 -38.93
N ASN A 22 -13.46 11.47 -39.72
CA ASN A 22 -14.86 11.29 -39.29
C ASN A 22 -15.05 9.98 -38.49
N ALA A 23 -14.61 10.01 -37.23
CA ALA A 23 -14.55 8.82 -36.37
C ALA A 23 -14.28 9.14 -34.90
N VAL A 24 -13.24 9.95 -34.68
CA VAL A 24 -12.78 10.37 -33.34
C VAL A 24 -13.91 10.98 -32.51
N ASN A 25 -14.30 10.32 -31.41
CA ASN A 25 -15.28 10.86 -30.44
C ASN A 25 -15.03 10.36 -29.02
N THR A 42 -5.38 17.87 -45.57
CA THR A 42 -5.24 18.52 -46.87
C THR A 42 -6.49 19.33 -47.25
N ASP A 43 -7.68 18.81 -46.94
CA ASP A 43 -8.95 19.50 -47.21
C ASP A 43 -9.14 20.70 -46.27
N ALA A 44 -9.68 21.79 -46.82
CA ALA A 44 -10.02 22.98 -46.04
C ALA A 44 -11.22 22.69 -45.12
N GLN A 45 -12.26 22.07 -45.70
CA GLN A 45 -13.49 21.72 -44.96
C GLN A 45 -13.41 20.31 -44.35
N ALA A 46 -12.47 20.13 -43.43
CA ALA A 46 -12.20 18.84 -42.77
C ALA A 46 -11.29 18.99 -41.55
N LEU A 47 -10.19 19.75 -41.72
CA LEU A 47 -9.35 20.20 -40.59
C LEU A 47 -10.11 21.01 -39.52
N LEU A 48 -11.20 21.66 -39.92
CA LEU A 48 -12.00 22.53 -39.04
C LEU A 48 -13.17 21.78 -38.35
N MET A 49 -12.97 20.50 -38.04
CA MET A 49 -13.88 19.73 -37.19
C MET A 49 -13.13 18.87 -36.15
N SER A 50 -11.88 19.27 -35.82
CA SER A 50 -11.06 18.53 -34.84
C SER A 50 -11.44 19.03 -33.43
N ASP A 51 -12.00 18.13 -32.63
CA ASP A 51 -12.76 18.51 -31.43
C ASP A 51 -11.91 19.14 -30.31
N ALA A 52 -10.61 18.85 -30.28
CA ALA A 52 -9.67 19.44 -29.31
C ALA A 52 -9.15 20.80 -29.79
N ASP A 53 -9.02 21.75 -28.86
CA ASP A 53 -8.54 23.11 -29.17
C ASP A 53 -7.47 23.57 -28.17
N GLY A 59 -3.44 20.68 -44.85
CA GLY A 59 -3.83 22.09 -44.83
C GLY A 59 -5.12 22.34 -45.58
N ARG A 60 -5.06 23.19 -46.62
CA ARG A 60 -6.24 23.65 -47.38
C ARG A 60 -6.00 23.61 -48.90
N ASP A 61 -5.89 22.41 -49.49
CA ASP A 61 -5.82 22.24 -50.96
C ASP A 61 -6.20 20.84 -51.54
N SER A 62 -7.03 20.07 -50.83
CA SER A 62 -7.53 18.76 -51.34
C SER A 62 -8.58 18.13 -50.41
N ASP A 71 -7.68 10.52 -53.56
CA ASP A 71 -6.51 9.80 -54.05
C ASP A 71 -5.44 9.65 -52.94
N PRO A 72 -4.76 8.48 -52.86
CA PRO A 72 -3.69 8.21 -51.87
C PRO A 72 -2.55 9.24 -51.74
N GLU A 73 -1.86 9.54 -52.84
CA GLU A 73 -0.64 10.38 -52.81
C GLU A 73 -0.90 11.87 -52.47
N VAL A 74 -2.17 12.25 -52.29
CA VAL A 74 -2.59 13.56 -51.75
C VAL A 74 -1.85 13.89 -50.44
N GLY A 75 -1.64 12.87 -49.59
CA GLY A 75 -0.83 13.03 -48.39
C GLY A 75 0.66 12.99 -48.71
N ARG A 76 1.18 14.13 -49.20
CA ARG A 76 2.62 14.27 -49.49
C ARG A 76 3.08 15.75 -49.55
N LYS A 77 2.54 16.53 -50.49
CA LYS A 77 2.84 17.98 -50.58
C LYS A 77 1.67 18.88 -50.14
N ALA A 78 0.54 18.28 -49.75
CA ALA A 78 -0.52 18.95 -49.00
C ALA A 78 -0.44 18.58 -47.51
N ALA A 79 -0.18 17.29 -47.23
CA ALA A 79 -0.03 16.78 -45.86
C ALA A 79 1.41 16.80 -45.34
N GLU A 80 2.28 15.94 -45.89
CA GLU A 80 3.61 15.63 -45.28
C GLU A 80 4.45 16.88 -44.97
N ASP A 81 4.53 17.19 -43.67
CA ASP A 81 5.30 18.33 -43.13
C ASP A 81 6.72 17.87 -42.73
N ALA A 82 7.36 18.55 -41.77
CA ALA A 82 8.81 18.44 -41.55
C ALA A 82 9.26 17.10 -40.95
N LYS A 83 10.58 16.93 -40.82
CA LYS A 83 11.16 15.76 -40.14
C LYS A 83 11.01 15.80 -38.60
N ASP A 84 10.92 17.00 -38.02
CA ASP A 84 10.84 17.19 -36.56
C ASP A 84 9.55 17.92 -36.16
N GLU A 85 8.49 17.14 -35.94
CA GLU A 85 7.18 17.67 -35.54
C GLU A 85 6.66 17.02 -34.24
N ILE A 86 7.58 16.49 -33.42
CA ILE A 86 7.28 16.00 -32.06
C ILE A 86 8.47 16.31 -31.13
N GLU A 87 8.78 17.60 -31.01
CA GLU A 87 9.88 18.09 -30.17
C GLU A 87 9.38 19.15 -29.20
N LEU A 90 5.31 13.92 -29.00
CA LEU A 90 6.28 13.33 -28.09
C LEU A 90 6.45 14.16 -26.83
N ARG A 91 6.12 15.45 -26.90
CA ARG A 91 6.40 16.41 -25.82
C ARG A 91 5.66 16.09 -24.49
N GLY A 92 4.34 16.29 -24.46
CA GLY A 92 3.55 16.19 -23.22
C GLY A 92 3.04 14.83 -22.77
N ALA A 93 3.23 13.79 -23.60
CA ALA A 93 2.80 12.40 -23.28
C ALA A 93 3.76 11.37 -23.91
N ASP A 94 3.54 10.08 -23.66
CA ASP A 94 4.40 8.99 -24.20
C ASP A 94 3.84 8.22 -25.43
N MET A 95 2.52 8.27 -25.65
CA MET A 95 1.90 7.77 -26.89
C MET A 95 0.70 8.63 -27.32
N VAL A 96 0.44 8.62 -28.63
CA VAL A 96 -0.88 8.92 -29.24
C VAL A 96 -1.11 7.85 -30.33
N PHE A 97 -2.37 7.66 -30.74
CA PHE A 97 -2.74 6.63 -31.71
C PHE A 97 -3.04 7.21 -33.10
N VAL A 98 -3.11 6.32 -34.09
CA VAL A 98 -3.41 6.67 -35.50
C VAL A 98 -4.71 5.98 -35.91
N THR A 99 -5.82 6.74 -35.94
CA THR A 99 -7.13 6.21 -36.35
C THR A 99 -7.35 6.37 -37.87
N ALA A 100 -6.28 6.20 -38.65
CA ALA A 100 -6.26 6.48 -40.08
C ALA A 100 -6.46 5.18 -40.85
N GLY A 101 -7.73 4.86 -41.11
CA GLY A 101 -8.08 3.61 -41.76
C GLY A 101 -7.76 3.57 -43.24
N GLU A 102 -8.66 2.97 -44.02
CA GLU A 102 -8.61 3.02 -45.49
C GLU A 102 -10.04 3.04 -46.05
N GLY A 103 -10.71 4.18 -45.87
CA GLY A 103 -12.06 4.44 -46.39
C GLY A 103 -12.30 5.88 -46.83
N GLY A 104 -11.25 6.51 -47.36
CA GLY A 104 -11.35 7.85 -47.94
C GLY A 104 -10.00 8.41 -48.36
N GLY A 105 -10.01 9.69 -48.73
CA GLY A 105 -8.87 10.43 -49.31
C GLY A 105 -7.44 9.96 -49.07
N THR A 106 -6.76 10.57 -48.11
CA THR A 106 -5.35 10.27 -47.84
C THR A 106 -5.12 9.02 -46.98
N GLY A 107 -6.18 8.26 -46.68
CA GLY A 107 -6.06 6.99 -45.98
C GLY A 107 -5.45 5.91 -46.85
N THR A 108 -4.17 6.10 -47.19
CA THR A 108 -3.36 5.18 -47.99
C THR A 108 -1.96 5.79 -48.16
N GLY A 109 -1.87 6.88 -48.92
CA GLY A 109 -0.60 7.57 -49.14
C GLY A 109 -0.28 8.60 -48.07
N GLY A 110 -1.32 9.09 -47.39
CA GLY A 110 -1.16 10.02 -46.26
C GLY A 110 -1.24 9.40 -44.87
N ALA A 111 -1.58 8.12 -44.78
CA ALA A 111 -1.65 7.41 -43.48
C ALA A 111 -0.27 7.21 -42.82
N PRO A 112 0.73 6.68 -43.59
CA PRO A 112 2.06 6.48 -43.00
C PRO A 112 2.94 7.73 -42.87
N VAL A 113 2.34 8.92 -42.97
CA VAL A 113 2.98 10.16 -42.55
C VAL A 113 3.30 10.09 -41.04
N VAL A 114 2.40 9.47 -40.28
CA VAL A 114 2.56 9.33 -38.83
C VAL A 114 3.45 8.12 -38.48
N ALA A 115 3.60 7.17 -39.41
CA ALA A 115 4.35 5.92 -39.18
C ALA A 115 5.85 6.14 -38.93
N SER A 116 6.48 6.94 -39.78
CA SER A 116 7.89 7.29 -39.63
C SER A 116 8.12 8.46 -38.65
N ILE A 117 7.10 8.83 -37.86
CA ILE A 117 7.15 9.97 -36.91
C ILE A 117 8.28 9.83 -35.89
N ALA A 118 8.65 8.58 -35.56
CA ALA A 118 9.86 8.29 -34.80
C ALA A 118 10.33 6.86 -35.07
N ARG A 119 10.70 6.56 -36.31
CA ARG A 119 11.24 5.25 -36.70
C ARG A 119 12.68 5.11 -36.17
N LEU A 124 6.82 5.26 -29.12
CA LEU A 124 5.99 4.13 -29.50
C LEU A 124 4.58 4.59 -29.89
N THR A 125 4.07 4.10 -31.02
CA THR A 125 2.67 4.33 -31.41
C THR A 125 2.14 3.22 -32.32
N VAL A 126 0.91 2.76 -32.01
CA VAL A 126 0.21 1.66 -32.69
C VAL A 126 -1.10 2.16 -33.33
N GLY A 127 -1.18 2.07 -34.67
CA GLY A 127 -2.36 2.55 -35.41
C GLY A 127 -3.52 1.57 -35.44
N VAL A 128 -4.74 2.09 -35.28
CA VAL A 128 -5.97 1.30 -35.22
C VAL A 128 -6.76 1.51 -36.51
N VAL A 129 -6.38 0.78 -37.56
CA VAL A 129 -6.82 1.08 -38.93
C VAL A 129 -8.15 0.39 -39.31
N THR A 130 -8.48 0.39 -40.60
CA THR A 130 -9.69 -0.23 -41.12
C THR A 130 -9.46 -0.64 -42.56
N ARG A 131 -9.44 -1.95 -42.84
CA ARG A 131 -9.46 -2.43 -44.24
C ARG A 131 -10.87 -2.19 -44.79
N PRO A 132 -10.97 -1.85 -46.10
CA PRO A 132 -12.25 -1.43 -46.70
C PRO A 132 -13.25 -2.58 -46.85
N PHE A 133 -14.53 -2.25 -46.99
CA PHE A 133 -15.58 -3.25 -47.27
C PHE A 133 -15.34 -3.91 -48.63
N SER A 134 -16.05 -5.01 -48.90
CA SER A 134 -15.98 -5.69 -50.19
C SER A 134 -16.56 -4.82 -51.33
N PHE A 135 -17.78 -4.32 -51.09
CA PHE A 135 -18.52 -3.49 -52.08
C PHE A 135 -17.96 -2.09 -52.34
N GLU A 136 -17.05 -1.59 -51.49
CA GLU A 136 -16.40 -0.28 -51.69
C GLU A 136 -15.38 -0.26 -52.85
N GLY A 137 -15.58 -1.10 -53.87
CA GLY A 137 -14.78 -1.08 -55.09
C GLY A 137 -13.48 -1.84 -55.02
N LYS A 138 -12.94 -2.18 -56.19
CA LYS A 138 -11.58 -2.70 -56.33
C LYS A 138 -10.54 -1.59 -56.16
N ARG A 139 -10.91 -0.35 -56.46
CA ARG A 139 -9.96 0.79 -56.39
C ARG A 139 -9.50 1.10 -54.96
N ARG A 140 -10.41 1.01 -53.99
CA ARG A 140 -10.05 1.13 -52.57
C ARG A 140 -9.27 -0.12 -52.07
N SER A 141 -9.66 -1.30 -52.58
CA SER A 141 -8.93 -2.55 -52.30
C SER A 141 -7.55 -2.60 -52.98
N ASN A 142 -7.39 -1.88 -54.10
CA ASN A 142 -6.08 -1.71 -54.77
C ASN A 142 -5.14 -0.81 -53.94
N GLN A 143 -5.73 0.01 -53.05
CA GLN A 143 -4.99 0.86 -52.11
C GLN A 143 -4.82 0.20 -50.73
N ALA A 144 -4.89 -1.13 -50.68
CA ALA A 144 -4.89 -1.87 -49.41
C ALA A 144 -3.49 -2.04 -48.82
N GLU A 145 -2.66 -2.85 -49.46
CA GLU A 145 -1.34 -3.22 -48.93
C GLU A 145 -0.40 -2.03 -48.82
N ASN A 146 -0.32 -1.22 -49.88
CA ASN A 146 0.54 -0.01 -49.88
C ASN A 146 0.11 1.04 -48.84
N GLY A 147 -1.19 1.15 -48.59
CA GLY A 147 -1.71 2.02 -47.51
C GLY A 147 -1.56 1.50 -46.09
N ILE A 148 -1.12 0.24 -45.97
CA ILE A 148 -0.77 -0.39 -44.70
C ILE A 148 0.74 -0.76 -44.63
N ALA A 149 1.44 -0.83 -45.75
CA ALA A 149 2.82 -1.38 -45.79
C ALA A 149 3.80 -0.63 -44.90
N ALA A 150 3.76 0.70 -44.95
CA ALA A 150 4.58 1.57 -44.09
C ALA A 150 4.00 1.70 -42.68
N LEU A 151 2.69 1.45 -42.54
CA LEU A 151 2.06 1.25 -41.23
C LEU A 151 2.48 -0.09 -40.59
N ARG A 152 3.22 -0.93 -41.31
CA ARG A 152 3.87 -2.13 -40.77
C ARG A 152 5.32 -2.30 -41.33
N GLU A 153 6.00 -1.16 -41.55
CA GLU A 153 7.45 -1.13 -41.80
C GLU A 153 8.16 0.04 -41.06
N SER A 154 7.54 1.22 -41.07
CA SER A 154 7.97 2.37 -40.25
C SER A 154 7.20 2.52 -38.90
N CYS A 155 5.95 2.07 -38.84
CA CYS A 155 5.15 2.10 -37.58
C CYS A 155 5.45 0.92 -36.67
N ASP A 156 5.14 1.07 -35.38
CA ASP A 156 5.37 0.02 -34.37
C ASP A 156 4.60 -1.23 -34.72
N THR A 157 3.28 -1.12 -34.63
CA THR A 157 2.39 -2.24 -34.74
C THR A 157 1.10 -1.69 -35.30
N LEU A 158 0.29 -2.54 -35.90
CA LEU A 158 -0.98 -2.09 -36.41
C LEU A 158 -2.06 -3.11 -36.15
N ILE A 159 -3.26 -2.61 -35.94
CA ILE A 159 -4.41 -3.45 -35.66
C ILE A 159 -5.36 -3.35 -36.88
N VAL A 160 -5.24 -4.31 -37.80
CA VAL A 160 -5.94 -4.26 -39.10
C VAL A 160 -7.40 -4.72 -39.03
N ILE A 161 -8.23 -3.88 -38.41
CA ILE A 161 -9.66 -4.16 -38.18
C ILE A 161 -10.38 -4.18 -39.53
N PRO A 162 -10.83 -5.36 -40.00
CA PRO A 162 -11.58 -5.37 -41.25
C PRO A 162 -13.07 -5.14 -41.00
N ASN A 163 -13.57 -4.00 -41.49
CA ASN A 163 -15.02 -3.69 -41.52
C ASN A 163 -15.78 -4.64 -42.43
N ASP A 164 -15.08 -5.19 -43.42
CA ASP A 164 -15.53 -6.35 -44.20
C ASP A 164 -16.07 -7.41 -43.23
N ARG A 165 -15.25 -7.80 -42.25
CA ARG A 165 -15.62 -8.82 -41.27
C ARG A 165 -16.60 -8.30 -40.22
N LEU A 166 -16.61 -6.99 -39.97
CA LEU A 166 -17.54 -6.35 -39.01
C LEU A 166 -19.04 -6.43 -39.40
N LEU A 167 -19.35 -7.02 -40.55
CA LEU A 167 -20.73 -7.39 -40.91
C LEU A 167 -21.53 -8.07 -39.79
N GLN A 168 -20.86 -8.83 -38.92
CA GLN A 168 -21.52 -9.49 -37.78
C GLN A 168 -21.85 -8.56 -36.57
N MET A 169 -21.44 -7.29 -36.62
CA MET A 169 -21.72 -6.33 -35.54
C MET A 169 -22.75 -5.26 -35.94
N GLY A 170 -24.00 -5.48 -35.50
CA GLY A 170 -25.08 -4.52 -35.70
C GLY A 170 -26.45 -5.11 -35.36
N ASP A 171 -27.23 -5.41 -36.41
CA ASP A 171 -28.55 -6.06 -36.30
C ASP A 171 -28.82 -7.03 -37.46
N ALA A 172 -28.87 -6.52 -38.68
CA ALA A 172 -29.07 -7.32 -39.90
C ALA A 172 -28.47 -6.63 -41.11
N ALA A 173 -28.97 -5.41 -41.39
CA ALA A 173 -28.47 -4.55 -42.47
C ALA A 173 -28.20 -3.14 -41.94
N VAL A 174 -27.17 -2.49 -42.48
CA VAL A 174 -26.76 -1.14 -42.07
C VAL A 174 -26.61 -0.22 -43.32
N SER A 175 -25.50 0.51 -43.48
CA SER A 175 -25.30 1.46 -44.59
C SER A 175 -23.80 1.84 -44.72
N LEU A 176 -23.45 2.78 -45.60
CA LEU A 176 -22.11 3.40 -45.57
C LEU A 176 -21.95 4.31 -44.34
N MET A 177 -23.06 4.94 -43.91
CA MET A 177 -23.06 5.79 -42.69
C MET A 177 -22.92 5.00 -41.37
N ASP A 178 -23.17 3.70 -41.42
CA ASP A 178 -22.83 2.79 -40.33
C ASP A 178 -21.54 1.99 -40.65
N ALA A 179 -20.61 2.61 -41.39
CA ALA A 179 -19.24 2.12 -41.60
C ALA A 179 -18.18 3.07 -41.01
N PHE A 180 -18.57 4.27 -40.60
CA PHE A 180 -17.74 5.15 -39.75
C PHE A 180 -18.54 5.63 -38.52
N ARG A 181 -19.57 4.87 -38.14
CA ARG A 181 -20.41 5.14 -36.94
C ARG A 181 -20.63 3.85 -36.14
N SER A 182 -21.24 2.84 -36.75
CA SER A 182 -21.33 1.48 -36.16
C SER A 182 -20.00 0.74 -36.26
N ALA A 183 -19.05 1.30 -37.03
CA ALA A 183 -17.63 0.97 -36.95
C ALA A 183 -16.80 2.18 -36.45
N ASP A 184 -17.32 2.84 -35.41
CA ASP A 184 -16.51 3.67 -34.49
C ASP A 184 -16.32 2.85 -33.21
N GLU A 185 -17.45 2.36 -32.65
CA GLU A 185 -17.47 1.38 -31.54
C GLU A 185 -16.31 0.37 -31.55
N VAL A 186 -16.09 -0.32 -32.67
CA VAL A 186 -14.95 -1.24 -32.81
C VAL A 186 -13.61 -0.51 -33.01
N LEU A 187 -13.68 0.62 -33.68
CA LEU A 187 -12.49 1.42 -33.98
C LEU A 187 -11.90 2.06 -32.71
N LEU A 188 -12.76 2.52 -31.80
CA LEU A 188 -12.30 3.01 -30.49
C LEU A 188 -11.73 1.89 -29.66
N ASN A 189 -12.32 0.69 -29.78
CA ASN A 189 -11.93 -0.45 -28.93
C ASN A 189 -10.43 -0.72 -28.94
N GLY A 190 -9.88 -1.11 -30.09
CA GLY A 190 -8.43 -1.36 -30.24
C GLY A 190 -7.52 -0.27 -29.69
N VAL A 191 -8.06 0.95 -29.63
CA VAL A 191 -7.43 2.07 -28.95
C VAL A 191 -7.73 1.93 -27.44
N GLN A 192 -8.98 2.23 -27.07
CA GLN A 192 -9.43 2.47 -25.68
C GLN A 192 -9.13 1.29 -24.79
N GLY A 193 -9.35 0.10 -25.34
CA GLY A 193 -8.95 -1.14 -24.70
C GLY A 193 -7.57 -1.06 -24.05
N ILE A 194 -6.58 -0.53 -24.79
CA ILE A 194 -5.18 -0.56 -24.32
C ILE A 194 -4.66 0.74 -23.70
N THR A 195 -5.46 1.81 -23.73
CA THR A 195 -5.15 3.06 -23.02
C THR A 195 -5.62 2.98 -21.58
N ASP A 196 -6.84 2.45 -21.41
CA ASP A 196 -7.49 2.38 -20.11
C ASP A 196 -6.70 1.56 -19.06
N LEU A 197 -5.90 0.59 -19.48
CA LEU A 197 -4.97 -0.11 -18.57
C LEU A 197 -3.96 0.80 -17.81
N ILE A 198 -3.61 1.94 -18.42
CA ILE A 198 -2.70 2.91 -17.81
C ILE A 198 -3.44 4.17 -17.32
N THR A 199 -4.50 4.60 -18.03
CA THR A 199 -5.26 5.80 -17.61
C THR A 199 -6.23 5.50 -16.48
N THR A 200 -7.07 4.48 -16.69
CA THR A 200 -8.11 4.13 -15.72
C THR A 200 -8.13 2.62 -15.48
N PRO A 201 -7.17 2.10 -14.67
CA PRO A 201 -7.21 0.70 -14.32
C PRO A 201 -8.28 0.48 -13.24
N GLY A 202 -7.94 0.00 -12.04
CA GLY A 202 -8.97 -0.27 -11.03
C GLY A 202 -8.55 -1.40 -10.12
N LEU A 203 -9.28 -2.52 -10.20
CA LEU A 203 -9.08 -3.62 -9.28
C LEU A 203 -7.78 -4.39 -9.55
N ILE A 204 -7.25 -4.28 -10.76
CA ILE A 204 -5.88 -4.73 -11.10
C ILE A 204 -5.19 -3.65 -11.94
N ASN A 205 -3.87 -3.53 -11.80
CA ASN A 205 -3.08 -2.50 -12.50
C ASN A 205 -2.01 -3.06 -13.44
N VAL A 206 -1.68 -2.27 -14.46
CA VAL A 206 -0.68 -2.62 -15.49
C VAL A 206 0.22 -1.40 -15.78
N ASP A 207 1.54 -1.61 -15.74
CA ASP A 207 2.55 -0.53 -15.91
C ASP A 207 2.48 0.15 -17.28
N PHE A 208 3.17 1.27 -17.41
CA PHE A 208 3.43 1.87 -18.72
C PHE A 208 4.29 0.88 -19.51
N ALA A 209 5.30 0.31 -18.86
CA ALA A 209 6.30 -0.52 -19.53
C ALA A 209 5.81 -1.90 -19.90
N ASP A 210 4.58 -2.27 -19.50
CA ASP A 210 4.03 -3.59 -19.81
C ASP A 210 3.44 -3.60 -21.22
N VAL A 211 2.48 -2.71 -21.48
CA VAL A 211 1.97 -2.50 -22.85
C VAL A 211 3.15 -2.23 -23.78
N LYS A 212 3.96 -1.24 -23.43
CA LYS A 212 5.09 -0.77 -24.23
C LYS A 212 6.31 -1.70 -24.12
N GLY A 213 6.19 -2.74 -23.30
CA GLY A 213 7.14 -3.84 -23.26
C GLY A 213 6.70 -5.09 -23.98
N ILE A 214 5.45 -5.14 -24.43
CA ILE A 214 4.99 -6.23 -25.33
C ILE A 214 4.43 -5.78 -26.69
N MET A 215 3.74 -4.64 -26.72
CA MET A 215 3.17 -4.09 -27.95
C MET A 215 4.09 -3.00 -28.56
N SER A 216 5.39 -3.33 -28.69
CA SER A 216 6.43 -2.42 -29.20
C SER A 216 7.05 -3.03 -30.46
N GLY A 217 6.93 -2.31 -31.58
CA GLY A 217 7.42 -2.78 -32.87
C GLY A 217 6.88 -4.13 -33.31
N ALA A 218 5.67 -4.49 -32.85
CA ALA A 218 5.13 -5.83 -33.06
C ALA A 218 4.49 -6.05 -34.45
N GLY A 219 4.36 -4.99 -35.26
CA GLY A 219 3.91 -5.07 -36.65
C GLY A 219 2.53 -5.65 -36.85
N THR A 220 2.49 -6.95 -37.18
CA THR A 220 1.23 -7.68 -37.38
C THR A 220 0.51 -7.79 -36.03
N ALA A 221 -0.74 -7.36 -35.98
CA ALA A 221 -1.56 -7.47 -34.75
C ALA A 221 -3.06 -7.38 -35.02
N LEU A 222 -3.85 -8.21 -34.32
CA LEU A 222 -5.32 -8.18 -34.37
C LEU A 222 -5.83 -7.93 -32.96
N MET A 223 -7.15 -7.95 -32.78
CA MET A 223 -7.73 -7.77 -31.46
C MET A 223 -8.76 -8.83 -31.08
N GLY A 224 -10.06 -8.51 -31.18
CA GLY A 224 -11.10 -9.39 -30.70
C GLY A 224 -11.71 -8.76 -29.46
N ILE A 225 -13.00 -8.45 -29.53
CA ILE A 225 -13.73 -7.79 -28.42
C ILE A 225 -15.00 -8.56 -28.11
N GLY A 226 -15.71 -8.09 -27.08
CA GLY A 226 -16.93 -8.75 -26.66
C GLY A 226 -17.52 -8.11 -25.42
N SER A 227 -18.81 -8.36 -25.24
CA SER A 227 -19.59 -7.69 -24.20
C SER A 227 -20.60 -8.66 -23.62
N ALA A 228 -20.95 -8.44 -22.36
CA ALA A 228 -21.96 -9.24 -21.69
C ALA A 228 -22.48 -8.57 -20.41
N ARG A 229 -23.77 -8.77 -20.16
CA ARG A 229 -24.48 -8.35 -18.96
C ARG A 229 -25.22 -9.58 -18.42
N GLY A 230 -25.69 -9.49 -17.18
CA GLY A 230 -26.24 -10.66 -16.50
C GLY A 230 -25.16 -11.69 -16.18
N GLU A 231 -25.57 -12.82 -15.59
CA GLU A 231 -24.60 -13.73 -14.94
C GLU A 231 -23.59 -14.30 -15.94
N GLY A 232 -22.46 -14.74 -15.40
CA GLY A 232 -21.33 -15.17 -16.21
C GLY A 232 -20.62 -14.05 -16.98
N ARG A 233 -21.11 -12.82 -16.82
CA ARG A 233 -20.61 -11.63 -17.54
C ARG A 233 -19.16 -11.71 -18.03
N SER A 234 -18.19 -11.74 -17.11
CA SER A 234 -16.76 -11.76 -17.50
C SER A 234 -16.30 -12.96 -18.35
N LEU A 235 -16.87 -14.15 -18.15
CA LEU A 235 -16.52 -15.33 -18.97
C LEU A 235 -17.40 -15.46 -20.21
N LYS A 236 -18.62 -14.93 -20.14
CA LYS A 236 -19.50 -14.86 -21.33
C LYS A 236 -18.83 -13.97 -22.36
N ALA A 237 -18.40 -12.78 -21.94
CA ALA A 237 -17.75 -11.80 -22.82
C ALA A 237 -16.30 -12.16 -23.24
N ALA A 238 -15.61 -12.97 -22.47
CA ALA A 238 -14.27 -13.44 -22.86
C ALA A 238 -14.38 -14.55 -23.89
N GLU A 239 -15.43 -15.38 -23.77
CA GLU A 239 -15.71 -16.43 -24.77
C GLU A 239 -16.27 -15.80 -26.08
N ILE A 240 -16.93 -14.63 -26.00
CA ILE A 240 -17.19 -13.81 -27.20
C ILE A 240 -15.87 -13.25 -27.73
N ALA A 241 -15.02 -12.74 -26.82
CA ALA A 241 -13.78 -12.07 -27.21
C ALA A 241 -12.80 -12.88 -28.05
N ILE A 242 -12.68 -14.18 -27.78
CA ILE A 242 -11.76 -15.02 -28.56
C ILE A 242 -12.45 -15.58 -29.81
N ASN A 243 -13.77 -15.73 -29.78
CA ASN A 243 -14.52 -16.24 -30.95
C ASN A 243 -15.01 -15.12 -31.89
N SER A 244 -14.72 -13.85 -31.58
CA SER A 244 -15.23 -12.72 -32.38
C SER A 244 -14.59 -12.71 -33.77
N PRO A 245 -15.44 -12.78 -34.84
CA PRO A 245 -14.92 -12.67 -36.22
C PRO A 245 -14.14 -11.37 -36.44
N LEU A 246 -12.86 -11.40 -36.07
CA LEU A 246 -11.98 -10.22 -36.09
C LEU A 246 -10.54 -10.54 -35.74
N LEU A 247 -10.36 -11.41 -34.75
CA LEU A 247 -9.05 -12.03 -34.50
C LEU A 247 -8.75 -13.17 -35.46
N GLU A 248 -9.66 -13.49 -36.38
CA GLU A 248 -9.39 -14.39 -37.51
C GLU A 248 -9.00 -15.80 -37.04
N ALA A 249 -9.39 -16.17 -35.82
CA ALA A 249 -8.94 -17.37 -35.13
C ALA A 249 -7.44 -17.63 -35.29
N SER A 250 -6.62 -16.70 -34.77
CA SER A 250 -5.17 -16.79 -34.85
C SER A 250 -4.44 -16.36 -33.55
N MET A 251 -5.12 -16.42 -32.41
CA MET A 251 -4.52 -16.09 -31.12
C MET A 251 -3.42 -17.09 -30.74
N GLU A 252 -3.56 -18.34 -31.19
CA GLU A 252 -2.69 -19.44 -30.78
C GLU A 252 -1.36 -19.32 -31.51
N GLY A 253 -1.40 -18.70 -32.68
CA GLY A 253 -0.20 -18.39 -33.45
C GLY A 253 0.58 -17.24 -32.86
N ALA A 254 -0.10 -16.29 -32.24
CA ALA A 254 0.54 -15.15 -31.60
C ALA A 254 1.33 -15.56 -30.35
N GLN A 255 2.29 -14.70 -29.98
CA GLN A 255 3.18 -14.91 -28.85
C GLN A 255 3.20 -13.67 -27.95
N GLY A 256 2.00 -13.16 -27.61
CA GLY A 256 1.84 -12.00 -26.71
C GLY A 256 0.47 -11.34 -26.74
N VAL A 257 -0.34 -11.54 -25.69
CA VAL A 257 -1.73 -11.05 -25.66
C VAL A 257 -2.01 -10.19 -24.42
N LEU A 258 -2.64 -9.03 -24.66
CA LEU A 258 -2.95 -8.04 -23.60
C LEU A 258 -4.44 -7.98 -23.38
N MET A 259 -4.97 -8.95 -22.65
CA MET A 259 -6.40 -8.95 -22.36
C MET A 259 -6.76 -7.77 -21.42
N SER A 260 -7.75 -6.99 -21.83
CA SER A 260 -8.36 -5.99 -20.99
C SER A 260 -9.69 -6.55 -20.49
N ILE A 261 -10.29 -5.84 -19.53
CA ILE A 261 -11.59 -6.19 -18.97
C ILE A 261 -12.08 -5.04 -18.10
N ALA A 262 -13.29 -4.56 -18.39
CA ALA A 262 -13.84 -3.36 -17.78
C ALA A 262 -15.21 -3.66 -17.17
N GLY A 263 -15.91 -2.61 -16.74
CA GLY A 263 -17.15 -2.70 -15.98
C GLY A 263 -17.03 -1.81 -14.76
N GLY A 264 -18.05 -1.82 -13.91
CA GLY A 264 -18.04 -0.95 -12.73
C GLY A 264 -16.91 -1.22 -11.74
N SER A 265 -16.99 -0.58 -10.58
CA SER A 265 -16.21 -0.98 -9.40
C SER A 265 -16.92 -2.11 -8.65
N ASP A 266 -18.22 -2.26 -8.91
CA ASP A 266 -18.97 -3.48 -8.64
C ASP A 266 -18.21 -4.73 -9.07
N LEU A 267 -17.56 -4.67 -10.24
CA LEU A 267 -16.78 -5.79 -10.82
C LEU A 267 -15.96 -6.56 -9.81
N GLY A 268 -16.43 -7.75 -9.47
CA GLY A 268 -15.80 -8.58 -8.48
C GLY A 268 -14.40 -9.01 -8.86
N LEU A 269 -13.59 -9.26 -7.83
CA LEU A 269 -12.33 -9.97 -7.98
C LEU A 269 -12.54 -11.42 -8.45
N PHE A 270 -13.67 -12.05 -8.12
CA PHE A 270 -13.96 -13.43 -8.57
C PHE A 270 -14.32 -13.61 -10.06
N GLU A 271 -15.08 -12.65 -10.62
CA GLU A 271 -15.35 -12.63 -12.06
C GLU A 271 -14.05 -12.50 -12.87
N ILE A 272 -13.15 -11.63 -12.41
CA ILE A 272 -11.93 -11.34 -13.17
C ILE A 272 -11.09 -12.61 -13.29
N ASN A 273 -11.03 -13.41 -12.23
CA ASN A 273 -10.28 -14.67 -12.26
C ASN A 273 -10.86 -15.70 -13.29
N GLU A 274 -12.16 -15.64 -13.60
CA GLU A 274 -12.79 -16.51 -14.63
C GLU A 274 -12.22 -16.28 -16.07
N ALA A 275 -12.17 -15.02 -16.49
CA ALA A 275 -11.62 -14.64 -17.81
C ALA A 275 -10.12 -14.94 -17.92
N ALA A 276 -9.39 -14.61 -16.86
CA ALA A 276 -7.93 -14.82 -16.76
C ALA A 276 -7.50 -16.24 -17.11
N SER A 277 -8.25 -17.21 -16.58
CA SER A 277 -8.07 -18.62 -16.95
C SER A 277 -8.23 -18.82 -18.45
N LEU A 278 -9.31 -18.26 -19.01
CA LEU A 278 -9.57 -18.37 -20.45
C LEU A 278 -8.63 -17.45 -21.24
N VAL A 279 -7.40 -17.96 -21.39
CA VAL A 279 -6.21 -17.25 -21.88
C VAL A 279 -5.01 -18.18 -21.66
N GLN A 280 -4.91 -18.74 -20.44
CA GLN A 280 -3.86 -19.70 -20.06
C GLN A 280 -4.05 -21.02 -20.86
N ASP A 281 -5.30 -21.46 -20.96
CA ASP A 281 -5.69 -22.48 -21.95
C ASP A 281 -5.60 -21.86 -23.35
N ALA A 282 -6.29 -20.75 -23.55
CA ALA A 282 -6.54 -20.21 -24.89
C ALA A 282 -5.32 -20.04 -25.82
N ALA A 283 -4.45 -19.08 -25.51
CA ALA A 283 -3.31 -18.75 -26.39
C ALA A 283 -2.23 -19.82 -26.33
N HIS A 284 -1.22 -19.67 -27.17
CA HIS A 284 -0.03 -20.55 -27.18
C HIS A 284 0.38 -20.76 -25.71
N PRO A 285 0.45 -22.02 -25.23
CA PRO A 285 0.88 -22.26 -23.82
C PRO A 285 2.35 -21.93 -23.47
N ASP A 286 2.83 -20.79 -23.97
CA ASP A 286 4.20 -20.30 -23.77
C ASP A 286 4.33 -18.88 -24.35
N ALA A 287 3.41 -17.99 -23.96
CA ALA A 287 3.31 -16.65 -24.52
C ALA A 287 3.68 -15.61 -23.46
N ASN A 288 3.51 -14.32 -23.79
CA ASN A 288 3.70 -13.20 -22.85
C ASN A 288 2.42 -12.42 -22.61
N ILE A 289 1.65 -12.82 -21.61
CA ILE A 289 0.28 -12.31 -21.45
C ILE A 289 0.22 -11.29 -20.33
N ILE A 290 -0.49 -10.19 -20.56
CA ILE A 290 -0.71 -9.16 -19.55
C ILE A 290 -2.23 -8.99 -19.35
N PHE A 291 -2.72 -9.21 -18.11
CA PHE A 291 -4.17 -9.10 -17.79
C PHE A 291 -4.39 -7.65 -17.41
N GLY A 292 -5.36 -7.36 -16.55
CA GLY A 292 -5.54 -5.99 -16.03
C GLY A 292 -6.98 -5.57 -16.18
N THR A 293 -7.44 -4.73 -15.27
CA THR A 293 -8.84 -4.35 -15.25
C THR A 293 -8.98 -2.87 -15.46
N VAL A 294 -10.23 -2.46 -15.64
CA VAL A 294 -10.61 -1.09 -15.93
C VAL A 294 -11.88 -0.76 -15.15
N ILE A 295 -12.03 0.53 -14.83
CA ILE A 295 -13.28 1.08 -14.25
C ILE A 295 -13.98 2.00 -15.28
N ASP A 296 -15.26 1.70 -15.52
CA ASP A 296 -16.15 2.56 -16.30
C ASP A 296 -17.54 2.32 -15.70
N ASP A 297 -17.99 3.25 -14.86
CA ASP A 297 -19.28 3.12 -14.16
C ASP A 297 -20.50 3.63 -14.95
N SER A 298 -20.29 3.99 -16.23
CA SER A 298 -21.37 4.15 -17.21
C SER A 298 -21.84 2.81 -17.80
N LEU A 299 -21.04 1.75 -17.63
CA LEU A 299 -21.42 0.41 -18.05
C LEU A 299 -22.29 -0.25 -16.99
N GLY A 300 -22.03 0.06 -15.71
CA GLY A 300 -22.73 -0.55 -14.57
C GLY A 300 -22.61 -2.07 -14.53
N ASP A 301 -23.54 -2.71 -15.27
CA ASP A 301 -23.68 -4.18 -15.35
C ASP A 301 -22.98 -4.84 -16.54
N GLU A 302 -22.44 -4.05 -17.47
CA GLU A 302 -21.69 -4.56 -18.61
C GLU A 302 -20.19 -4.53 -18.38
N VAL A 303 -19.51 -5.50 -18.99
CA VAL A 303 -18.07 -5.71 -18.80
C VAL A 303 -17.28 -5.83 -20.13
N ARG A 304 -16.59 -4.77 -20.52
CA ARG A 304 -16.02 -4.67 -21.87
C ARG A 304 -14.70 -5.45 -22.05
N VAL A 305 -14.82 -6.74 -22.37
CA VAL A 305 -13.66 -7.62 -22.49
C VAL A 305 -12.92 -7.41 -23.83
N THR A 306 -11.87 -6.58 -23.85
CA THR A 306 -11.14 -6.29 -25.10
C THR A 306 -9.77 -6.95 -25.15
N VAL A 307 -9.68 -8.04 -25.90
CA VAL A 307 -8.42 -8.75 -26.12
C VAL A 307 -7.64 -8.10 -27.24
N ILE A 308 -6.31 -8.14 -27.19
CA ILE A 308 -5.41 -7.59 -28.25
C ILE A 308 -4.23 -8.56 -28.48
N ALA A 309 -3.89 -8.83 -29.74
CA ALA A 309 -2.89 -9.86 -30.12
C ALA A 309 -1.55 -9.31 -30.64
N ALA A 310 -0.49 -10.12 -30.55
CA ALA A 310 0.86 -9.75 -31.04
C ALA A 310 1.91 -10.88 -30.85
N GLY A 311 2.86 -10.97 -31.80
CA GLY A 311 4.01 -11.89 -31.70
C GLY A 311 4.07 -13.06 -32.70
N PHE A 312 3.54 -12.84 -33.90
CA PHE A 312 3.27 -13.91 -34.89
C PHE A 312 4.58 -14.40 -35.53
N LEU B 8 7.45 -35.14 23.24
CA LEU B 8 6.98 -36.07 22.16
C LEU B 8 7.78 -35.86 20.87
N ALA B 9 7.35 -34.93 20.03
CA ALA B 9 7.94 -34.70 18.73
C ALA B 9 8.26 -33.23 18.54
N VAL B 10 9.40 -32.95 17.88
CA VAL B 10 9.89 -31.59 17.63
C VAL B 10 9.42 -31.10 16.25
N ILE B 11 8.35 -30.30 16.25
CA ILE B 11 7.78 -29.75 15.04
C ILE B 11 8.27 -28.29 14.90
N LYS B 12 9.00 -28.00 13.83
CA LYS B 12 9.50 -26.66 13.56
C LYS B 12 8.90 -26.16 12.25
N VAL B 13 7.91 -25.27 12.31
CA VAL B 13 7.32 -24.71 11.06
C VAL B 13 8.19 -23.58 10.49
N VAL B 14 8.49 -23.68 9.20
CA VAL B 14 9.31 -22.72 8.46
C VAL B 14 8.43 -22.11 7.38
N GLY B 15 8.41 -20.77 7.35
CA GLY B 15 7.67 -20.00 6.35
C GLY B 15 8.62 -19.18 5.53
N ILE B 16 9.23 -19.81 4.53
CA ILE B 16 10.00 -19.08 3.51
C ILE B 16 9.06 -18.32 2.58
N GLY B 17 9.64 -17.36 1.87
CA GLY B 17 8.87 -16.48 1.04
C GLY B 17 8.40 -15.36 1.90
N GLY B 18 7.83 -14.38 1.23
CA GLY B 18 7.09 -13.31 1.85
C GLY B 18 5.71 -13.84 2.20
N GLY B 19 5.17 -14.68 1.32
CA GLY B 19 3.85 -15.30 1.51
C GLY B 19 3.86 -16.30 2.64
N GLY B 20 4.95 -17.05 2.76
CA GLY B 20 5.12 -18.01 3.86
C GLY B 20 5.20 -17.26 5.15
N VAL B 21 6.22 -16.40 5.25
CA VAL B 21 6.41 -15.59 6.46
C VAL B 21 5.17 -14.81 6.86
N ASN B 22 4.39 -14.37 5.89
CA ASN B 22 3.13 -13.69 6.18
C ASN B 22 2.09 -14.66 6.75
N ALA B 23 2.05 -15.88 6.19
CA ALA B 23 1.08 -16.93 6.57
C ALA B 23 1.39 -17.60 7.89
N VAL B 24 2.68 -17.77 8.21
CA VAL B 24 3.06 -18.30 9.53
C VAL B 24 2.75 -17.33 10.66
N ASN B 25 2.51 -16.08 10.32
CA ASN B 25 2.04 -15.12 11.30
C ASN B 25 0.63 -15.43 11.64
N ARG B 26 -0.20 -15.57 10.62
CA ARG B 26 -1.57 -16.02 10.83
C ARG B 26 -1.61 -17.25 11.71
N MET B 27 -0.69 -18.20 11.47
CA MET B 27 -0.55 -19.39 12.33
C MET B 27 -0.36 -18.95 13.77
N ILE B 28 0.61 -18.09 14.00
CA ILE B 28 0.88 -17.63 15.35
C ILE B 28 -0.35 -16.90 15.93
N GLU B 29 -0.92 -15.95 15.19
CA GLU B 29 -2.16 -15.24 15.61
C GLU B 29 -3.40 -16.14 15.65
N GLN B 30 -3.24 -17.45 15.45
CA GLN B 30 -4.32 -18.37 15.70
C GLN B 30 -4.01 -19.32 16.85
N GLY B 31 -2.75 -19.40 17.26
CA GLY B 31 -2.35 -20.29 18.35
C GLY B 31 -1.44 -21.40 17.85
N LEU B 32 -1.94 -22.14 16.86
CA LEU B 32 -1.28 -23.32 16.32
C LEU B 32 -0.21 -23.83 17.27
N LYS B 33 -0.66 -24.59 18.27
CA LYS B 33 0.23 -25.16 19.27
C LYS B 33 1.16 -26.26 18.73
N GLY B 34 2.17 -26.56 19.56
CA GLY B 34 3.05 -27.71 19.37
C GLY B 34 4.05 -27.60 18.23
N VAL B 35 4.27 -26.37 17.75
CA VAL B 35 5.19 -26.10 16.63
C VAL B 35 6.19 -25.01 17.03
N GLU B 36 7.12 -24.72 16.12
CA GLU B 36 8.12 -23.69 16.36
C GLU B 36 8.33 -22.92 15.07
N PHE B 37 8.06 -21.62 15.12
CA PHE B 37 7.98 -20.80 13.91
C PHE B 37 9.31 -20.17 13.45
N ILE B 38 9.57 -20.25 12.14
CA ILE B 38 10.82 -19.81 11.56
C ILE B 38 10.48 -19.04 10.31
N ALA B 39 10.83 -17.75 10.28
CA ALA B 39 10.57 -16.89 9.10
C ALA B 39 11.85 -16.61 8.33
N ILE B 40 11.93 -17.11 7.09
CA ILE B 40 13.09 -16.90 6.20
C ILE B 40 12.65 -16.01 5.01
N ASN B 41 13.29 -14.84 4.85
CA ASN B 41 12.99 -13.92 3.74
C ASN B 41 14.21 -13.07 3.44
N THR B 42 14.22 -12.48 2.23
CA THR B 42 15.35 -11.70 1.71
C THR B 42 15.42 -10.27 2.25
N ASP B 43 14.32 -9.52 2.21
CA ASP B 43 14.33 -8.17 2.75
C ASP B 43 14.15 -8.21 4.26
N ALA B 44 15.28 -8.19 4.98
CA ALA B 44 15.36 -8.12 6.46
C ALA B 44 14.26 -7.25 7.10
N GLN B 45 14.01 -6.09 6.49
CA GLN B 45 12.90 -5.19 6.87
C GLN B 45 11.60 -5.95 7.05
N ALA B 46 11.22 -6.75 6.05
CA ALA B 46 9.98 -7.53 6.12
C ALA B 46 9.89 -8.54 7.28
N LEU B 47 11.04 -9.01 7.76
CA LEU B 47 11.13 -9.87 8.96
C LEU B 47 10.95 -9.12 10.32
N LEU B 48 10.99 -7.79 10.32
CA LEU B 48 10.64 -7.03 11.53
C LEU B 48 9.19 -7.22 11.89
N MET B 49 8.33 -7.39 10.90
CA MET B 49 6.89 -7.53 11.13
C MET B 49 6.48 -8.96 11.44
N SER B 50 7.37 -9.93 11.21
CA SER B 50 7.11 -11.32 11.58
C SER B 50 7.16 -11.49 13.10
N ASP B 51 6.32 -12.39 13.62
CA ASP B 51 6.36 -12.83 15.02
C ASP B 51 6.97 -14.22 15.12
N ALA B 52 7.79 -14.60 14.15
CA ALA B 52 8.40 -15.89 14.21
C ALA B 52 9.32 -15.86 15.40
N ASP B 53 9.46 -17.01 16.03
CA ASP B 53 10.37 -17.16 17.17
C ASP B 53 11.78 -17.05 16.61
N VAL B 54 11.97 -17.53 15.39
CA VAL B 54 13.25 -17.40 14.73
C VAL B 54 13.09 -16.82 13.31
N LYS B 55 14.05 -15.98 12.95
CA LYS B 55 14.05 -15.26 11.70
C LYS B 55 15.42 -15.39 11.04
N LEU B 56 15.43 -15.67 9.72
CA LEU B 56 16.67 -15.73 8.93
C LEU B 56 16.64 -14.85 7.69
N ASP B 57 17.74 -14.13 7.49
CA ASP B 57 17.93 -13.16 6.41
C ASP B 57 18.85 -13.75 5.36
N VAL B 58 18.41 -13.72 4.09
CA VAL B 58 19.09 -14.41 2.99
C VAL B 58 19.13 -13.48 1.78
N GLY B 59 19.99 -12.46 1.83
CA GLY B 59 20.09 -11.48 0.72
C GLY B 59 21.23 -10.46 0.81
N ARG B 60 22.36 -10.77 0.15
CA ARG B 60 23.55 -9.88 0.11
C ARG B 60 23.35 -8.70 -0.84
N ASP B 61 22.77 -8.95 -2.02
CA ASP B 61 22.41 -7.90 -2.97
C ASP B 61 21.33 -8.36 -3.96
N SER B 62 20.30 -7.53 -4.14
CA SER B 62 19.16 -7.85 -5.00
C SER B 62 18.49 -6.62 -5.68
N THR B 63 19.22 -5.52 -5.81
CA THR B 63 18.68 -4.25 -6.31
C THR B 63 19.25 -3.94 -7.68
N ALA B 68 15.23 -11.31 -3.43
CA ALA B 68 15.09 -12.16 -4.61
C ALA B 68 14.16 -11.53 -5.64
N GLY B 69 14.65 -10.46 -6.27
CA GLY B 69 13.82 -9.57 -7.10
C GLY B 69 13.12 -10.25 -8.25
N ALA B 70 12.03 -10.96 -7.92
CA ALA B 70 11.19 -11.72 -8.88
C ALA B 70 11.88 -12.88 -9.62
N ASP B 71 13.15 -13.10 -9.32
CA ASP B 71 13.95 -14.09 -9.99
C ASP B 71 14.12 -15.14 -8.94
N PRO B 72 13.42 -16.27 -9.09
CA PRO B 72 13.65 -17.47 -8.30
C PRO B 72 15.12 -17.88 -8.11
N GLU B 73 15.93 -17.71 -9.15
CA GLU B 73 17.34 -18.11 -9.12
C GLU B 73 18.21 -17.28 -8.16
N VAL B 74 17.76 -16.08 -7.80
CA VAL B 74 18.36 -15.36 -6.66
C VAL B 74 18.02 -16.13 -5.38
N GLY B 75 16.71 -16.34 -5.17
CA GLY B 75 16.18 -17.12 -4.05
C GLY B 75 16.87 -18.46 -3.88
N ARG B 76 17.06 -19.15 -5.01
CA ARG B 76 17.80 -20.41 -5.02
C ARG B 76 19.19 -20.19 -4.45
N LYS B 77 19.95 -19.27 -5.05
CA LYS B 77 21.31 -19.00 -4.59
C LYS B 77 21.33 -18.57 -3.11
N ALA B 78 20.39 -17.69 -2.77
CA ALA B 78 20.19 -17.18 -1.40
C ALA B 78 20.02 -18.34 -0.42
N ALA B 79 19.08 -19.24 -0.75
CA ALA B 79 18.87 -20.44 0.04
C ALA B 79 20.17 -21.21 0.17
N GLU B 80 20.90 -21.37 -0.93
CA GLU B 80 22.14 -22.12 -0.89
C GLU B 80 23.24 -21.43 -0.09
N ASP B 81 23.44 -20.11 -0.26
CA ASP B 81 24.55 -19.45 0.44
C ASP B 81 24.32 -19.38 1.96
N ALA B 82 23.07 -19.54 2.39
CA ALA B 82 22.74 -19.77 3.80
C ALA B 82 22.36 -21.24 4.07
N LYS B 83 23.05 -22.18 3.41
CA LYS B 83 22.79 -23.60 3.59
C LYS B 83 23.09 -24.04 5.01
N ASP B 84 24.14 -23.46 5.60
CA ASP B 84 24.56 -23.83 6.96
C ASP B 84 23.64 -23.21 7.99
N GLU B 85 23.40 -21.89 7.85
CA GLU B 85 22.52 -21.11 8.74
C GLU B 85 21.21 -21.84 9.07
N ILE B 86 20.61 -22.42 8.04
CA ILE B 86 19.39 -23.22 8.16
C ILE B 86 19.65 -24.59 8.82
N GLU B 87 20.68 -25.28 8.34
CA GLU B 87 21.06 -26.63 8.84
C GLU B 87 21.56 -26.60 10.29
N GLU B 88 21.66 -25.41 10.89
CA GLU B 88 21.73 -25.27 12.35
C GLU B 88 20.34 -25.04 12.92
N LEU B 89 19.53 -24.21 12.27
CA LEU B 89 18.13 -24.01 12.69
C LEU B 89 17.31 -25.30 12.65
N LEU B 90 17.64 -26.20 11.71
CA LEU B 90 16.87 -27.42 11.48
C LEU B 90 17.46 -28.70 12.13
N ARG B 91 18.63 -28.62 12.76
CA ARG B 91 19.27 -29.82 13.33
C ARG B 91 18.34 -30.52 14.31
N GLY B 92 18.20 -31.84 14.13
CA GLY B 92 17.51 -32.72 15.09
C GLY B 92 16.08 -32.33 15.39
N ALA B 93 15.16 -32.75 14.54
CA ALA B 93 13.78 -32.26 14.62
C ALA B 93 12.78 -33.19 13.92
N ASP B 94 12.08 -34.00 14.70
CA ASP B 94 11.22 -35.07 14.19
C ASP B 94 10.36 -34.62 12.99
N MET B 95 9.81 -33.41 13.03
CA MET B 95 8.83 -32.91 12.03
C MET B 95 9.23 -31.51 11.61
N VAL B 96 9.43 -31.29 10.29
CA VAL B 96 9.85 -29.98 9.72
C VAL B 96 9.00 -29.55 8.52
N PHE B 97 8.29 -28.42 8.64
CA PHE B 97 7.37 -27.91 7.57
C PHE B 97 8.03 -26.81 6.76
N VAL B 98 7.58 -26.55 5.52
CA VAL B 98 8.22 -25.52 4.68
C VAL B 98 7.26 -24.79 3.76
N THR B 99 6.35 -24.08 4.39
CA THR B 99 5.27 -23.34 3.72
C THR B 99 5.70 -22.03 3.09
N ALA B 100 5.02 -21.68 2.00
CA ALA B 100 5.44 -20.61 1.10
C ALA B 100 4.30 -20.13 0.22
N GLY B 101 4.57 -19.07 -0.53
CA GLY B 101 3.78 -18.66 -1.68
C GLY B 101 4.64 -18.88 -2.91
N GLU B 102 4.26 -19.84 -3.75
CA GLU B 102 4.97 -20.10 -5.02
C GLU B 102 4.42 -19.09 -6.02
N GLY B 103 5.33 -18.51 -6.80
CA GLY B 103 5.00 -17.36 -7.66
C GLY B 103 6.15 -16.37 -7.77
N GLY B 104 6.71 -15.99 -6.63
CA GLY B 104 7.73 -14.96 -6.60
C GLY B 104 9.10 -15.53 -6.89
N GLY B 105 10.00 -15.37 -5.91
CA GLY B 105 11.39 -15.78 -6.01
C GLY B 105 11.98 -16.32 -4.72
N THR B 106 11.79 -15.57 -3.62
CA THR B 106 12.33 -15.99 -2.34
C THR B 106 11.82 -17.36 -1.89
N GLY B 107 10.51 -17.55 -2.00
CA GLY B 107 9.91 -18.82 -1.72
C GLY B 107 10.28 -19.77 -2.84
N THR B 108 9.66 -19.52 -3.99
CA THR B 108 9.78 -20.36 -5.21
C THR B 108 11.09 -21.08 -5.36
N GLY B 109 12.17 -20.32 -5.22
CA GLY B 109 13.52 -20.86 -5.36
C GLY B 109 14.05 -21.52 -4.10
N GLY B 110 13.72 -20.93 -2.96
CA GLY B 110 14.28 -21.35 -1.69
C GLY B 110 13.82 -22.71 -1.24
N ALA B 111 12.51 -22.85 -1.11
CA ALA B 111 11.89 -24.04 -0.56
C ALA B 111 12.52 -25.38 -1.02
N PRO B 112 12.81 -25.53 -2.31
CA PRO B 112 13.53 -26.72 -2.75
C PRO B 112 14.84 -27.01 -2.00
N VAL B 113 15.34 -26.05 -1.21
CA VAL B 113 16.55 -26.18 -0.41
C VAL B 113 16.20 -26.43 1.06
N VAL B 114 15.73 -25.42 1.76
CA VAL B 114 15.30 -25.57 3.16
C VAL B 114 14.64 -26.92 3.36
N ALA B 115 13.78 -27.31 2.42
CA ALA B 115 13.12 -28.59 2.47
C ALA B 115 14.18 -29.67 2.26
N SER B 116 14.88 -29.61 1.12
CA SER B 116 15.96 -30.57 0.84
C SER B 116 16.88 -30.74 2.04
N ILE B 117 17.16 -29.65 2.75
CA ILE B 117 18.06 -29.66 3.91
C ILE B 117 17.44 -30.41 5.10
N ALA B 118 16.17 -30.14 5.38
CA ALA B 118 15.46 -30.88 6.42
C ALA B 118 15.43 -32.36 6.09
N ARG B 119 15.26 -32.70 4.81
CA ARG B 119 15.07 -34.09 4.43
C ARG B 119 16.40 -34.84 4.55
N LYS B 120 17.49 -34.21 4.11
CA LYS B 120 18.84 -34.77 4.36
C LYS B 120 19.12 -34.97 5.87
N LEU B 121 18.61 -34.04 6.68
CA LEU B 121 18.59 -34.17 8.13
C LEU B 121 17.54 -35.18 8.67
N GLY B 122 16.97 -36.02 7.78
CA GLY B 122 16.10 -37.13 8.17
C GLY B 122 14.75 -36.80 8.78
N ALA B 123 14.45 -35.51 8.85
CA ALA B 123 13.22 -35.02 9.45
C ALA B 123 12.12 -35.11 8.42
N LEU B 124 11.09 -35.90 8.72
CA LEU B 124 9.88 -35.90 7.94
C LEU B 124 9.66 -34.46 7.55
N THR B 125 9.61 -34.21 6.24
CA THR B 125 9.48 -32.85 5.70
C THR B 125 8.22 -32.69 4.87
N VAL B 126 7.31 -31.84 5.36
CA VAL B 126 6.03 -31.61 4.70
C VAL B 126 6.02 -30.20 4.16
N GLY B 127 5.67 -30.11 2.87
CA GLY B 127 5.48 -28.83 2.18
C GLY B 127 4.00 -28.47 2.15
N VAL B 128 3.73 -27.17 2.21
CA VAL B 128 2.36 -26.69 2.24
C VAL B 128 2.42 -25.36 1.50
N VAL B 129 2.40 -25.42 0.18
CA VAL B 129 2.50 -24.20 -0.64
C VAL B 129 1.26 -23.96 -1.49
N THR B 130 1.20 -22.78 -2.10
CA THR B 130 0.08 -22.33 -2.89
C THR B 130 0.51 -21.98 -4.29
N ARG B 131 -0.44 -22.09 -5.21
CA ARG B 131 -0.27 -21.62 -6.58
C ARG B 131 -0.92 -20.24 -6.70
N PRO B 132 -0.39 -19.42 -7.64
CA PRO B 132 -0.85 -18.04 -7.69
C PRO B 132 -2.27 -17.97 -8.19
N PHE B 133 -3.00 -16.94 -7.77
CA PHE B 133 -4.26 -16.59 -8.45
C PHE B 133 -3.85 -16.41 -9.91
N SER B 134 -4.73 -16.72 -10.85
CA SER B 134 -4.33 -16.55 -12.23
C SER B 134 -4.46 -15.08 -12.58
N PHE B 135 -5.30 -14.34 -11.83
CA PHE B 135 -5.23 -12.87 -11.91
C PHE B 135 -3.87 -12.27 -11.52
N GLU B 136 -3.15 -12.92 -10.60
CA GLU B 136 -1.75 -12.56 -10.29
C GLU B 136 -0.75 -12.67 -11.49
N GLY B 137 -1.24 -12.47 -12.72
CA GLY B 137 -0.36 -12.48 -13.88
C GLY B 137 -0.03 -13.89 -14.32
N LYS B 138 0.65 -13.98 -15.45
CA LYS B 138 0.98 -15.25 -16.08
C LYS B 138 2.42 -15.67 -15.80
N ARG B 139 3.34 -14.70 -15.66
CA ARG B 139 4.75 -15.02 -15.33
C ARG B 139 4.78 -15.89 -14.06
N ARG B 140 4.19 -15.32 -13.01
CA ARG B 140 4.15 -15.87 -11.67
C ARG B 140 3.80 -17.37 -11.72
N SER B 141 2.67 -17.69 -12.35
CA SER B 141 2.26 -19.09 -12.61
C SER B 141 3.45 -19.98 -13.01
N ASN B 142 4.15 -19.57 -14.07
CA ASN B 142 5.23 -20.37 -14.65
C ASN B 142 6.41 -20.43 -13.70
N GLN B 143 6.61 -19.31 -12.98
CA GLN B 143 7.64 -19.20 -11.97
C GLN B 143 7.31 -20.26 -10.95
N ALA B 144 6.04 -20.23 -10.52
CA ALA B 144 5.49 -21.13 -9.50
C ALA B 144 5.54 -22.57 -9.97
N GLU B 145 5.18 -22.76 -11.22
CA GLU B 145 4.99 -24.09 -11.77
C GLU B 145 6.26 -24.99 -11.72
N ASN B 146 7.41 -24.45 -12.11
CA ASN B 146 8.69 -25.22 -12.06
C ASN B 146 9.20 -25.30 -10.62
N GLY B 147 8.80 -24.32 -9.82
CA GLY B 147 9.07 -24.33 -8.39
C GLY B 147 8.27 -25.36 -7.62
N ILE B 148 7.04 -25.62 -8.05
CA ILE B 148 6.28 -26.74 -7.49
C ILE B 148 6.94 -28.06 -7.93
N ALA B 149 7.25 -28.21 -9.22
CA ALA B 149 7.95 -29.39 -9.69
C ALA B 149 9.18 -29.60 -8.89
N ALA B 150 9.82 -28.50 -8.46
CA ALA B 150 11.01 -28.52 -7.59
C ALA B 150 10.88 -29.05 -6.13
N LEU B 151 9.76 -28.77 -5.47
CA LEU B 151 9.50 -29.32 -4.12
C LEU B 151 9.14 -30.79 -4.21
N ARG B 152 8.09 -31.09 -4.98
CA ARG B 152 7.68 -32.46 -5.21
C ARG B 152 8.94 -33.35 -5.28
N GLU B 153 9.93 -32.96 -6.10
CA GLU B 153 11.18 -33.74 -6.23
C GLU B 153 12.22 -33.55 -5.07
N SER B 154 11.80 -32.97 -3.93
CA SER B 154 12.70 -32.60 -2.83
C SER B 154 12.14 -33.00 -1.46
N CYS B 155 10.98 -32.45 -1.12
CA CYS B 155 10.25 -32.79 0.12
C CYS B 155 9.29 -33.94 -0.15
N ASP B 156 8.95 -34.68 0.89
CA ASP B 156 8.26 -35.97 0.71
C ASP B 156 6.85 -35.69 0.27
N THR B 157 6.11 -35.09 1.18
CA THR B 157 4.77 -34.68 0.88
C THR B 157 4.74 -33.21 0.48
N LEU B 158 3.97 -32.89 -0.58
CA LEU B 158 3.70 -31.50 -0.92
C LEU B 158 2.24 -31.28 -1.22
N ILE B 159 1.51 -30.99 -0.15
CA ILE B 159 0.20 -30.39 -0.23
C ILE B 159 0.37 -29.09 -1.04
N VAL B 160 -0.32 -29.03 -2.19
CA VAL B 160 -0.44 -27.82 -3.00
C VAL B 160 -1.86 -27.31 -2.84
N ILE B 161 -2.03 -26.00 -2.77
CA ILE B 161 -3.37 -25.42 -2.68
C ILE B 161 -3.53 -24.38 -3.79
N PRO B 162 -4.16 -24.76 -4.92
CA PRO B 162 -4.44 -23.74 -5.93
C PRO B 162 -5.42 -22.67 -5.46
N ASN B 163 -4.89 -21.45 -5.29
CA ASN B 163 -5.67 -20.27 -4.93
C ASN B 163 -6.84 -20.09 -5.85
N ASP B 164 -6.60 -20.19 -7.16
CA ASP B 164 -7.68 -20.26 -8.14
C ASP B 164 -8.91 -20.86 -7.46
N ARG B 165 -8.73 -22.08 -6.96
CA ARG B 165 -9.82 -22.85 -6.42
C ARG B 165 -10.34 -22.22 -5.14
N LEU B 166 -9.46 -21.66 -4.33
CA LEU B 166 -9.88 -21.00 -3.07
C LEU B 166 -11.06 -20.02 -3.24
N LEU B 167 -10.99 -19.22 -4.29
CA LEU B 167 -12.00 -18.20 -4.55
C LEU B 167 -13.16 -18.78 -5.36
N GLN B 168 -14.15 -19.31 -4.65
CA GLN B 168 -15.41 -19.74 -5.25
C GLN B 168 -16.40 -18.55 -5.21
N MET B 169 -17.60 -18.75 -5.73
CA MET B 169 -18.63 -17.71 -5.70
C MET B 169 -19.26 -17.53 -4.31
N GLY B 170 -19.19 -18.58 -3.48
CA GLY B 170 -19.56 -18.51 -2.04
C GLY B 170 -18.57 -17.76 -1.13
N ASP B 171 -17.54 -17.18 -1.74
CA ASP B 171 -16.76 -16.07 -1.20
C ASP B 171 -16.96 -14.90 -2.20
N ALA B 172 -17.90 -13.99 -1.92
CA ALA B 172 -18.49 -13.08 -2.94
C ALA B 172 -17.61 -11.87 -3.36
N ALA B 173 -17.98 -10.65 -2.99
CA ALA B 173 -17.18 -9.46 -3.33
C ALA B 173 -16.02 -9.31 -2.36
N VAL B 174 -14.93 -10.02 -2.64
CA VAL B 174 -13.76 -10.01 -1.75
C VAL B 174 -12.87 -8.81 -2.10
N SER B 175 -11.60 -8.85 -1.73
CA SER B 175 -10.63 -7.83 -2.10
C SER B 175 -9.27 -8.52 -2.34
N LEU B 176 -8.16 -7.78 -2.28
CA LEU B 176 -6.84 -8.39 -2.37
C LEU B 176 -6.29 -8.79 -1.00
N MET B 177 -6.43 -7.89 -0.03
CA MET B 177 -6.11 -8.18 1.37
C MET B 177 -6.87 -9.44 1.80
N ASP B 178 -8.20 -9.45 1.60
CA ASP B 178 -9.09 -10.59 1.95
C ASP B 178 -8.71 -11.85 1.19
N ALA B 179 -8.32 -11.68 -0.07
CA ALA B 179 -7.89 -12.79 -0.88
C ALA B 179 -6.75 -13.49 -0.17
N PHE B 180 -5.57 -12.87 -0.06
CA PHE B 180 -4.41 -13.60 0.51
C PHE B 180 -4.66 -13.97 1.97
N ARG B 181 -5.54 -13.24 2.65
CA ARG B 181 -6.01 -13.64 3.98
C ARG B 181 -6.80 -14.96 3.93
N SER B 182 -7.62 -15.18 2.89
CA SER B 182 -8.29 -16.49 2.66
C SER B 182 -7.28 -17.62 2.45
N ALA B 183 -6.20 -17.32 1.74
CA ALA B 183 -5.07 -18.23 1.66
C ALA B 183 -4.33 -18.36 2.99
N ASP B 184 -4.14 -17.25 3.72
CA ASP B 184 -3.43 -17.27 5.04
C ASP B 184 -3.99 -18.35 5.97
N GLU B 185 -5.30 -18.48 6.00
CA GLU B 185 -5.92 -19.57 6.73
C GLU B 185 -5.62 -20.94 6.10
N VAL B 186 -5.82 -21.04 4.79
CA VAL B 186 -5.71 -22.31 4.10
C VAL B 186 -4.31 -22.91 4.17
N LEU B 187 -3.26 -22.10 4.22
CA LEU B 187 -1.93 -22.67 4.38
C LEU B 187 -1.86 -23.34 5.73
N LEU B 188 -2.15 -22.56 6.77
CA LEU B 188 -2.29 -23.06 8.12
C LEU B 188 -3.10 -24.35 8.19
N ASN B 189 -4.23 -24.44 7.46
CA ASN B 189 -5.14 -25.61 7.57
C ASN B 189 -4.51 -26.94 7.12
N GLY B 190 -3.64 -26.90 6.12
CA GLY B 190 -2.81 -28.06 5.78
C GLY B 190 -1.68 -28.34 6.78
N VAL B 191 -1.39 -27.37 7.64
CA VAL B 191 -0.52 -27.56 8.79
C VAL B 191 -1.39 -28.00 9.98
N GLN B 192 -2.13 -27.10 10.60
CA GLN B 192 -3.02 -27.41 11.73
C GLN B 192 -3.48 -28.88 11.77
N GLY B 193 -4.09 -29.35 10.67
CA GLY B 193 -4.74 -30.67 10.59
C GLY B 193 -3.84 -31.90 10.43
N ILE B 194 -2.54 -31.67 10.29
CA ILE B 194 -1.48 -32.69 10.41
C ILE B 194 -0.77 -32.61 11.80
N THR B 195 -0.61 -31.40 12.33
CA THR B 195 0.14 -31.17 13.57
C THR B 195 -0.70 -31.50 14.80
N ASP B 196 -1.91 -30.95 14.89
CA ASP B 196 -2.76 -31.24 16.05
C ASP B 196 -2.89 -32.76 16.37
N LEU B 197 -2.96 -33.60 15.33
CA LEU B 197 -2.88 -35.05 15.52
C LEU B 197 -1.80 -35.47 16.51
N ILE B 198 -0.59 -34.95 16.28
CA ILE B 198 0.59 -35.27 17.06
C ILE B 198 0.66 -34.38 18.28
N THR B 199 0.28 -33.12 18.13
CA THR B 199 0.48 -32.10 19.17
C THR B 199 -0.65 -31.89 20.14
N THR B 200 -1.83 -32.41 19.86
CA THR B 200 -2.95 -32.25 20.79
C THR B 200 -3.98 -33.37 20.55
N PRO B 201 -3.49 -34.64 20.56
CA PRO B 201 -4.35 -35.75 20.17
C PRO B 201 -5.48 -35.84 21.16
N GLY B 202 -6.69 -36.04 20.66
CA GLY B 202 -7.84 -36.25 21.51
C GLY B 202 -7.92 -37.72 21.91
N LEU B 203 -9.15 -38.21 22.00
CA LEU B 203 -9.41 -39.59 22.42
C LEU B 203 -8.66 -40.70 21.66
N ILE B 204 -8.64 -40.65 20.32
CA ILE B 204 -7.79 -41.54 19.50
C ILE B 204 -6.43 -40.90 19.27
N ASN B 205 -5.43 -41.54 19.84
CA ASN B 205 -4.05 -41.17 19.63
C ASN B 205 -3.64 -41.67 18.25
N VAL B 206 -2.88 -40.84 17.54
CA VAL B 206 -2.19 -41.26 16.35
C VAL B 206 -0.81 -40.68 16.49
N ASP B 207 0.13 -41.51 16.97
CA ASP B 207 1.49 -41.04 17.26
C ASP B 207 2.24 -40.70 15.97
N PHE B 208 3.29 -39.89 16.12
CA PHE B 208 4.11 -39.44 14.99
C PHE B 208 4.35 -40.54 13.93
N ALA B 209 4.70 -41.74 14.40
CA ALA B 209 5.03 -42.86 13.53
C ALA B 209 4.00 -43.09 12.41
N ASP B 210 2.71 -43.04 12.76
CA ASP B 210 1.62 -43.32 11.81
C ASP B 210 1.62 -42.34 10.64
N VAL B 211 1.62 -41.06 10.99
CA VAL B 211 1.69 -39.96 10.04
C VAL B 211 2.93 -40.12 9.19
N LYS B 212 4.03 -40.56 9.80
CA LYS B 212 5.29 -40.76 9.08
C LYS B 212 5.08 -41.62 7.82
N GLY B 213 4.51 -42.82 8.05
CA GLY B 213 4.40 -43.88 7.04
C GLY B 213 3.43 -43.56 5.92
N ILE B 214 2.35 -42.90 6.27
CA ILE B 214 1.42 -42.38 5.27
C ILE B 214 2.01 -41.26 4.41
N MET B 215 2.72 -40.34 5.07
CA MET B 215 3.26 -39.12 4.44
C MET B 215 4.53 -39.39 3.70
N SER B 216 5.40 -40.23 4.30
CA SER B 216 6.67 -40.55 3.69
C SER B 216 6.56 -40.87 2.21
N GLY B 217 7.57 -40.43 1.47
CA GLY B 217 7.67 -40.64 0.02
C GLY B 217 6.48 -40.29 -0.86
N ALA B 218 5.40 -39.73 -0.31
CA ALA B 218 4.14 -39.70 -1.03
C ALA B 218 4.17 -38.61 -2.09
N GLY B 219 4.00 -37.36 -1.71
CA GLY B 219 3.97 -36.27 -2.68
C GLY B 219 2.65 -36.04 -3.40
N THR B 220 2.60 -34.88 -4.07
CA THR B 220 1.44 -34.40 -4.82
C THR B 220 0.17 -34.59 -4.01
N ALA B 221 0.25 -34.25 -2.73
CA ALA B 221 -0.87 -34.38 -1.83
C ALA B 221 -1.85 -33.23 -2.02
N LEU B 222 -3.13 -33.51 -1.81
CA LEU B 222 -4.16 -32.47 -1.77
C LEU B 222 -4.84 -32.48 -0.41
N MET B 223 -5.76 -31.54 -0.21
CA MET B 223 -6.50 -31.40 1.06
C MET B 223 -7.83 -30.68 0.93
N GLY B 224 -8.75 -31.00 1.84
CA GLY B 224 -10.03 -30.31 1.95
C GLY B 224 -10.41 -30.08 3.39
N ILE B 225 -11.32 -29.13 3.59
CA ILE B 225 -11.71 -28.75 4.94
C ILE B 225 -13.21 -28.51 5.06
N GLY B 226 -13.74 -28.95 6.20
CA GLY B 226 -15.15 -28.91 6.48
C GLY B 226 -15.44 -28.90 7.94
N SER B 227 -16.20 -27.88 8.38
CA SER B 227 -16.72 -27.79 9.74
C SER B 227 -18.25 -27.78 9.70
N ALA B 228 -18.90 -28.38 10.69
CA ALA B 228 -20.36 -28.41 10.76
C ALA B 228 -20.91 -28.65 12.15
N ARG B 229 -22.22 -28.52 12.29
CA ARG B 229 -22.92 -28.75 13.56
C ARG B 229 -24.46 -28.96 13.40
N GLY B 230 -25.07 -29.59 14.40
CA GLY B 230 -26.50 -29.96 14.39
C GLY B 230 -26.74 -31.47 14.50
N GLU B 231 -27.71 -31.97 13.75
CA GLU B 231 -27.83 -33.42 13.52
C GLU B 231 -26.68 -33.88 12.63
N GLY B 232 -26.37 -35.18 12.70
CA GLY B 232 -25.27 -35.78 11.96
C GLY B 232 -24.11 -34.86 11.63
N ARG B 233 -23.76 -34.01 12.58
CA ARG B 233 -22.79 -32.94 12.36
C ARG B 233 -21.51 -33.45 11.70
N SER B 234 -20.93 -34.50 12.26
CA SER B 234 -19.62 -34.98 11.83
C SER B 234 -19.69 -35.55 10.42
N LEU B 235 -20.86 -36.05 10.04
CA LEU B 235 -21.06 -36.51 8.68
C LEU B 235 -20.90 -35.35 7.74
N LYS B 236 -21.71 -34.32 7.97
CA LYS B 236 -21.72 -33.14 7.10
C LYS B 236 -20.37 -32.40 7.08
N ALA B 237 -19.82 -32.12 8.26
CA ALA B 237 -18.49 -31.51 8.39
C ALA B 237 -17.45 -32.30 7.61
N ALA B 238 -17.57 -33.62 7.61
CA ALA B 238 -16.67 -34.50 6.84
C ALA B 238 -17.01 -34.48 5.36
N GLU B 239 -18.31 -34.56 5.06
CA GLU B 239 -18.83 -34.58 3.68
C GLU B 239 -18.27 -33.42 2.90
N ILE B 240 -18.34 -32.23 3.47
CA ILE B 240 -17.93 -31.04 2.72
C ILE B 240 -16.44 -31.08 2.45
N ALA B 241 -15.63 -31.34 3.48
CA ALA B 241 -14.19 -31.56 3.30
C ALA B 241 -13.90 -32.52 2.13
N ILE B 242 -14.66 -33.62 2.02
CA ILE B 242 -14.46 -34.56 0.91
C ILE B 242 -14.65 -33.85 -0.41
N ASN B 243 -15.68 -33.00 -0.45
CA ASN B 243 -16.09 -32.26 -1.65
C ASN B 243 -15.40 -30.90 -1.82
N SER B 244 -14.47 -30.57 -0.93
CA SER B 244 -13.74 -29.33 -0.98
C SER B 244 -13.18 -29.18 -2.38
N PRO B 245 -13.43 -28.02 -3.02
CA PRO B 245 -12.93 -27.84 -4.38
C PRO B 245 -11.41 -27.88 -4.43
N LEU B 246 -10.81 -27.58 -3.29
CA LEU B 246 -9.35 -27.55 -3.12
C LEU B 246 -8.68 -28.91 -3.38
N LEU B 247 -9.50 -29.94 -3.57
CA LEU B 247 -9.04 -31.29 -3.88
C LEU B 247 -9.04 -31.59 -5.38
N GLU B 248 -10.10 -31.18 -6.08
CA GLU B 248 -10.29 -31.46 -7.53
C GLU B 248 -10.61 -32.93 -7.80
N ALA B 249 -11.69 -33.43 -7.20
CA ALA B 249 -12.21 -34.80 -7.44
C ALA B 249 -11.20 -35.93 -7.24
N SER B 250 -10.15 -35.66 -6.47
CA SER B 250 -8.98 -36.54 -6.43
C SER B 250 -9.12 -37.65 -5.40
N MET B 251 -9.97 -37.43 -4.37
CA MET B 251 -10.22 -38.41 -3.30
C MET B 251 -10.29 -39.78 -3.92
N GLU B 252 -11.17 -39.88 -4.91
CA GLU B 252 -11.40 -41.08 -5.71
C GLU B 252 -10.20 -42.02 -5.72
N GLY B 253 -9.02 -41.49 -6.09
CA GLY B 253 -7.86 -42.34 -6.42
C GLY B 253 -6.58 -42.13 -5.61
N ALA B 254 -6.73 -41.87 -4.32
CA ALA B 254 -5.58 -41.51 -3.50
C ALA B 254 -5.12 -42.66 -2.65
N GLN B 255 -3.96 -43.25 -2.94
CA GLN B 255 -3.48 -44.44 -2.20
C GLN B 255 -2.70 -44.02 -0.94
N GLY B 256 -3.44 -43.49 0.04
CA GLY B 256 -2.85 -42.82 1.22
C GLY B 256 -3.71 -41.60 1.57
N VAL B 257 -4.44 -41.67 2.68
CA VAL B 257 -5.30 -40.57 3.12
C VAL B 257 -5.17 -40.28 4.61
N LEU B 258 -4.82 -39.04 4.96
CA LEU B 258 -4.75 -38.64 6.36
C LEU B 258 -5.94 -37.78 6.75
N MET B 259 -6.76 -38.30 7.66
CA MET B 259 -7.97 -37.59 8.14
C MET B 259 -7.69 -37.03 9.51
N SER B 260 -8.66 -36.35 10.09
CA SER B 260 -8.53 -35.88 11.45
C SER B 260 -9.82 -35.18 11.81
N ILE B 261 -10.48 -35.62 12.88
CA ILE B 261 -11.79 -35.07 13.21
C ILE B 261 -11.62 -34.28 14.51
N ALA B 262 -11.12 -33.05 14.37
CA ALA B 262 -10.89 -32.15 15.52
C ALA B 262 -12.19 -31.57 16.09
N GLY B 263 -12.41 -31.82 17.38
CA GLY B 263 -13.66 -31.43 18.05
C GLY B 263 -13.45 -31.38 19.57
N GLY B 264 -14.51 -31.01 20.29
CA GLY B 264 -14.47 -30.92 21.75
C GLY B 264 -13.99 -32.18 22.43
N SER B 265 -13.69 -32.08 23.72
CA SER B 265 -13.26 -33.22 24.57
C SER B 265 -14.20 -34.43 24.51
N ASP B 266 -15.49 -34.15 24.70
CA ASP B 266 -16.56 -35.15 24.65
C ASP B 266 -17.07 -35.48 23.22
N LEU B 267 -16.16 -35.68 22.28
CA LEU B 267 -16.54 -36.02 20.93
C LEU B 267 -16.86 -37.48 20.88
N GLY B 268 -17.83 -37.83 20.09
CA GLY B 268 -18.28 -39.21 20.03
C GLY B 268 -17.34 -40.21 19.38
N LEU B 269 -17.59 -41.51 19.64
CA LEU B 269 -16.97 -42.64 18.91
C LEU B 269 -17.81 -42.97 17.71
N PHE B 270 -19.12 -43.09 17.97
CA PHE B 270 -20.13 -43.21 16.92
C PHE B 270 -19.93 -42.11 15.91
N GLU B 271 -19.66 -40.90 16.42
CA GLU B 271 -19.30 -39.77 15.60
C GLU B 271 -18.05 -40.06 14.79
N ILE B 272 -16.91 -40.29 15.47
CA ILE B 272 -15.62 -40.49 14.76
C ILE B 272 -15.84 -41.51 13.64
N ASN B 273 -16.41 -42.63 14.05
CA ASN B 273 -16.61 -43.78 13.23
C ASN B 273 -17.22 -43.35 11.93
N GLU B 274 -18.43 -42.79 11.97
CA GLU B 274 -19.19 -42.56 10.73
C GLU B 274 -18.75 -41.38 9.85
N ALA B 275 -17.89 -40.50 10.38
CA ALA B 275 -17.18 -39.50 9.56
C ALA B 275 -16.00 -40.18 8.84
N ALA B 276 -15.23 -40.97 9.57
CA ALA B 276 -14.17 -41.76 8.96
C ALA B 276 -14.76 -42.66 7.87
N SER B 277 -15.75 -43.41 8.26
CA SER B 277 -16.44 -44.25 7.33
C SER B 277 -17.04 -43.49 6.16
N LEU B 278 -17.03 -42.17 6.17
CA LEU B 278 -17.53 -41.44 5.00
C LEU B 278 -16.41 -41.12 4.03
N VAL B 279 -15.18 -41.06 4.57
CA VAL B 279 -13.94 -40.79 3.81
C VAL B 279 -13.50 -42.01 2.98
N GLN B 280 -13.15 -43.08 3.67
CA GLN B 280 -12.57 -44.23 2.99
C GLN B 280 -13.36 -44.60 1.71
N ASP B 281 -14.65 -44.25 1.73
CA ASP B 281 -15.56 -44.63 0.68
C ASP B 281 -15.42 -43.83 -0.57
N ALA B 282 -15.13 -42.55 -0.38
CA ALA B 282 -14.68 -41.72 -1.50
C ALA B 282 -13.40 -42.31 -2.05
N ALA B 283 -12.47 -42.57 -1.13
CA ALA B 283 -11.11 -42.99 -1.47
C ALA B 283 -11.05 -44.26 -2.28
N HIS B 284 -9.91 -44.43 -2.95
CA HIS B 284 -9.66 -45.63 -3.73
C HIS B 284 -9.77 -46.81 -2.79
N PRO B 285 -10.43 -47.92 -3.20
CA PRO B 285 -10.75 -48.94 -2.16
C PRO B 285 -9.51 -49.70 -1.59
N ASP B 286 -8.43 -49.71 -2.35
CA ASP B 286 -7.16 -50.19 -1.85
C ASP B 286 -6.53 -49.23 -0.83
N ALA B 287 -6.93 -47.96 -0.86
CA ALA B 287 -6.23 -46.85 -0.18
C ALA B 287 -5.95 -47.09 1.27
N ASN B 288 -4.73 -46.74 1.69
CA ASN B 288 -4.36 -46.78 3.09
C ASN B 288 -4.87 -45.50 3.72
N ILE B 289 -5.26 -45.57 4.99
CA ILE B 289 -6.07 -44.52 5.67
C ILE B 289 -5.66 -44.39 7.14
N ILE B 290 -5.88 -43.23 7.74
CA ILE B 290 -5.60 -43.05 9.16
C ILE B 290 -6.54 -42.03 9.83
N PHE B 291 -7.08 -42.40 11.00
CA PHE B 291 -8.09 -41.61 11.69
C PHE B 291 -7.53 -40.35 12.26
N GLY B 292 -7.01 -40.41 13.48
CA GLY B 292 -6.65 -39.21 14.25
C GLY B 292 -7.86 -38.41 14.69
N THR B 293 -8.08 -38.33 16.01
CA THR B 293 -9.01 -37.35 16.59
C THR B 293 -8.09 -36.27 17.19
N VAL B 294 -8.67 -35.09 17.50
CA VAL B 294 -7.95 -33.98 18.14
C VAL B 294 -8.83 -33.18 19.11
N ILE B 295 -8.35 -32.87 20.32
CA ILE B 295 -9.18 -32.02 21.21
C ILE B 295 -8.90 -30.55 20.99
N ASP B 296 -9.97 -29.81 20.65
CA ASP B 296 -9.98 -28.35 20.44
C ASP B 296 -11.31 -27.73 20.93
N ASP B 297 -11.22 -26.95 22.01
CA ASP B 297 -12.38 -26.38 22.72
C ASP B 297 -13.11 -25.24 21.97
N SER B 298 -12.33 -24.43 21.25
CA SER B 298 -12.81 -23.34 20.34
C SER B 298 -13.99 -23.67 19.38
N LEU B 299 -14.41 -24.92 19.36
CA LEU B 299 -15.53 -25.39 18.56
C LEU B 299 -16.79 -25.53 19.42
N GLY B 300 -16.64 -26.11 20.61
CA GLY B 300 -17.77 -26.57 21.42
C GLY B 300 -18.71 -27.47 20.61
N ASP B 301 -19.76 -26.85 20.06
CA ASP B 301 -20.85 -27.58 19.41
C ASP B 301 -20.51 -28.18 18.06
N GLU B 302 -19.34 -27.84 17.51
CA GLU B 302 -19.04 -28.20 16.12
C GLU B 302 -17.87 -29.12 16.05
N VAL B 303 -17.62 -29.59 14.83
CA VAL B 303 -16.47 -30.44 14.52
C VAL B 303 -15.85 -29.95 13.24
N ARG B 304 -14.53 -30.15 13.15
CA ARG B 304 -13.71 -29.88 11.95
C ARG B 304 -13.28 -31.24 11.34
N VAL B 305 -12.91 -31.27 10.06
CA VAL B 305 -12.37 -32.48 9.44
C VAL B 305 -11.40 -32.08 8.35
N THR B 306 -10.24 -32.74 8.26
CA THR B 306 -9.19 -32.31 7.29
C THR B 306 -8.54 -33.49 6.57
N VAL B 307 -9.33 -34.12 5.73
CA VAL B 307 -8.80 -35.16 4.88
C VAL B 307 -7.63 -34.61 4.04
N ILE B 308 -6.56 -35.42 3.94
CA ILE B 308 -5.35 -35.16 3.08
C ILE B 308 -5.09 -36.34 2.08
N ALA B 309 -5.72 -36.30 0.92
CA ALA B 309 -5.39 -37.27 -0.11
C ALA B 309 -3.88 -37.24 -0.44
N ALA B 310 -3.27 -38.41 -0.63
CA ALA B 310 -1.85 -38.46 -1.02
C ALA B 310 -1.43 -39.74 -1.79
N GLY B 311 -0.68 -39.56 -2.89
CA GLY B 311 -0.23 -40.68 -3.75
C GLY B 311 -1.23 -41.05 -4.83
N PHE B 312 -0.78 -41.05 -6.09
CA PHE B 312 -1.67 -41.16 -7.27
C PHE B 312 -1.12 -42.11 -8.36
N HIS C 5 -61.58 -9.25 27.70
CA HIS C 5 -61.13 -9.83 26.40
C HIS C 5 -59.60 -9.75 26.26
N ASN C 6 -58.93 -10.67 26.99
CA ASN C 6 -57.46 -10.69 27.13
C ASN C 6 -56.79 -11.44 25.97
N TYR C 7 -56.55 -10.74 24.86
CA TYR C 7 -55.86 -11.33 23.70
C TYR C 7 -54.41 -11.70 24.05
N LEU C 8 -54.25 -12.92 24.55
CA LEU C 8 -52.93 -13.51 24.83
C LEU C 8 -52.97 -14.99 24.43
N ALA C 9 -52.09 -15.38 23.51
CA ALA C 9 -51.92 -16.78 23.12
C ALA C 9 -50.58 -17.24 23.69
N VAL C 10 -50.60 -18.26 24.55
CA VAL C 10 -49.35 -18.84 25.14
C VAL C 10 -48.63 -19.81 24.17
N ILE C 11 -47.70 -19.29 23.37
CA ILE C 11 -47.02 -20.07 22.34
C ILE C 11 -45.60 -20.40 22.77
N LYS C 12 -45.27 -21.70 22.85
CA LYS C 12 -43.88 -22.17 23.11
C LYS C 12 -43.30 -23.00 21.96
N VAL C 13 -41.98 -23.00 21.85
CA VAL C 13 -41.30 -23.78 20.82
C VAL C 13 -40.14 -24.50 21.47
N VAL C 14 -40.17 -25.83 21.49
CA VAL C 14 -39.07 -26.63 22.03
C VAL C 14 -38.17 -27.17 20.90
N GLY C 15 -36.86 -27.02 21.09
CA GLY C 15 -35.84 -27.56 20.21
C GLY C 15 -35.13 -28.67 20.95
N ILE C 16 -35.35 -29.91 20.50
CA ILE C 16 -34.83 -31.13 21.18
C ILE C 16 -33.68 -31.72 20.35
N GLY C 17 -32.62 -32.12 21.05
CA GLY C 17 -31.40 -32.53 20.40
C GLY C 17 -30.67 -31.34 19.80
N GLY C 18 -29.48 -31.58 19.30
CA GLY C 18 -28.67 -30.52 18.69
C GLY C 18 -29.42 -29.85 17.59
N GLY C 19 -30.08 -30.64 16.75
CA GLY C 19 -30.88 -30.14 15.61
C GLY C 19 -31.92 -29.14 16.00
N GLY C 20 -32.68 -29.44 17.05
CA GLY C 20 -33.69 -28.52 17.59
C GLY C 20 -33.10 -27.27 18.22
N VAL C 21 -32.12 -27.46 19.10
CA VAL C 21 -31.47 -26.34 19.82
C VAL C 21 -30.73 -25.40 18.88
N ASN C 22 -29.95 -25.96 17.95
CA ASN C 22 -29.40 -25.18 16.83
C ASN C 22 -30.49 -24.33 16.22
N ALA C 23 -31.58 -24.97 15.87
CA ALA C 23 -32.64 -24.33 15.13
C ALA C 23 -33.34 -23.27 15.94
N VAL C 24 -33.52 -23.52 17.23
CA VAL C 24 -34.12 -22.54 18.13
C VAL C 24 -33.27 -21.26 18.29
N ASN C 25 -31.94 -21.40 18.28
CA ASN C 25 -31.05 -20.23 18.34
C ASN C 25 -31.00 -19.48 17.02
N ARG C 26 -31.12 -20.21 15.91
CA ARG C 26 -31.30 -19.57 14.62
C ARG C 26 -32.57 -18.75 14.65
N MET C 27 -33.63 -19.25 15.30
CA MET C 27 -34.87 -18.47 15.53
C MET C 27 -34.65 -17.24 16.42
N ILE C 28 -33.86 -17.41 17.49
CA ILE C 28 -33.53 -16.31 18.41
C ILE C 28 -32.74 -15.19 17.71
N GLU C 29 -31.68 -15.56 16.99
CA GLU C 29 -30.82 -14.59 16.29
C GLU C 29 -31.51 -13.89 15.11
N GLN C 30 -32.39 -14.58 14.40
CA GLN C 30 -33.16 -13.96 13.31
C GLN C 30 -34.46 -13.32 13.83
N GLY C 31 -34.63 -13.21 15.15
CA GLY C 31 -35.58 -12.29 15.76
C GLY C 31 -37.07 -12.62 15.67
N LEU C 32 -37.43 -13.86 16.01
CA LEU C 32 -38.83 -14.23 16.24
C LEU C 32 -39.16 -13.77 17.65
N LYS C 33 -40.39 -13.28 17.86
CA LYS C 33 -40.88 -12.91 19.20
C LYS C 33 -42.34 -13.31 19.46
N GLY C 34 -42.73 -13.19 20.72
CA GLY C 34 -44.04 -13.61 21.19
C GLY C 34 -44.13 -15.11 21.47
N VAL C 35 -43.02 -15.68 21.96
CA VAL C 35 -42.89 -17.13 22.11
C VAL C 35 -41.77 -17.50 23.08
N GLU C 36 -42.07 -18.37 24.04
CA GLU C 36 -41.05 -18.91 24.96
C GLU C 36 -40.30 -20.06 24.29
N PHE C 37 -39.01 -19.87 24.04
CA PHE C 37 -38.16 -20.92 23.49
C PHE C 37 -37.56 -21.83 24.54
N ILE C 38 -37.37 -23.09 24.16
CA ILE C 38 -36.93 -24.14 25.09
C ILE C 38 -35.92 -25.07 24.40
N ALA C 39 -34.78 -25.29 25.06
CA ALA C 39 -33.71 -26.16 24.54
C ALA C 39 -33.63 -27.42 25.39
N ILE C 40 -33.78 -28.60 24.77
CA ILE C 40 -33.64 -29.89 25.50
C ILE C 40 -32.62 -30.78 24.80
N ASN C 41 -31.70 -31.33 25.61
CA ASN C 41 -30.52 -31.98 25.05
C ASN C 41 -29.80 -32.83 26.11
N THR C 42 -28.97 -33.75 25.63
CA THR C 42 -28.29 -34.73 26.47
C THR C 42 -26.95 -34.22 27.02
N ASP C 43 -26.22 -33.50 26.16
CA ASP C 43 -25.00 -32.78 26.53
C ASP C 43 -25.31 -31.37 27.06
N ALA C 44 -24.86 -31.09 28.29
CA ALA C 44 -24.92 -29.75 28.89
C ALA C 44 -23.79 -28.81 28.39
N GLN C 45 -22.97 -29.27 27.44
CA GLN C 45 -22.04 -28.41 26.73
C GLN C 45 -22.81 -27.44 25.87
N ALA C 46 -23.65 -27.97 24.96
CA ALA C 46 -24.37 -27.16 23.97
C ALA C 46 -25.57 -26.39 24.52
N LEU C 47 -26.14 -26.86 25.65
CA LEU C 47 -27.25 -26.18 26.35
C LEU C 47 -26.88 -24.82 26.93
N LEU C 48 -25.78 -24.78 27.68
CA LEU C 48 -25.29 -23.52 28.29
C LEU C 48 -24.87 -22.47 27.23
N MET C 49 -24.39 -22.92 26.08
CA MET C 49 -24.14 -22.03 24.95
C MET C 49 -25.41 -21.49 24.29
N SER C 50 -26.53 -22.22 24.33
CA SER C 50 -27.82 -21.75 23.75
C SER C 50 -28.41 -20.62 24.52
N ASP C 51 -29.17 -19.81 23.81
CA ASP C 51 -29.79 -18.62 24.34
C ASP C 51 -31.29 -18.84 24.59
N ALA C 52 -31.75 -20.09 24.48
CA ALA C 52 -33.14 -20.45 24.79
C ALA C 52 -33.60 -19.88 26.12
N ASP C 53 -34.88 -19.51 26.19
CA ASP C 53 -35.46 -18.97 27.45
C ASP C 53 -35.30 -20.00 28.58
N VAL C 54 -35.69 -21.25 28.33
CA VAL C 54 -35.57 -22.33 29.32
C VAL C 54 -34.82 -23.53 28.71
N LYS C 55 -33.72 -23.91 29.34
CA LYS C 55 -32.88 -25.01 28.87
C LYS C 55 -33.10 -26.15 29.81
N LEU C 56 -33.26 -27.37 29.27
CA LEU C 56 -33.50 -28.57 30.09
C LEU C 56 -32.47 -29.64 29.77
N ASP C 57 -31.79 -30.13 30.82
CA ASP C 57 -30.85 -31.22 30.72
C ASP C 57 -31.61 -32.52 31.03
N VAL C 58 -31.77 -33.40 30.02
CA VAL C 58 -32.54 -34.67 30.14
C VAL C 58 -31.68 -35.90 30.16
N GLY C 59 -30.72 -35.95 29.25
CA GLY C 59 -29.87 -37.10 29.14
C GLY C 59 -28.94 -37.13 30.32
N ARG C 60 -28.66 -38.33 30.83
CA ARG C 60 -27.49 -38.55 31.67
C ARG C 60 -26.25 -38.07 30.90
N ASP C 61 -25.45 -37.22 31.55
CA ASP C 61 -24.14 -36.82 31.05
C ASP C 61 -23.28 -38.07 30.89
N SER C 62 -22.62 -38.24 29.74
CA SER C 62 -21.91 -39.49 29.41
C SER C 62 -20.41 -39.26 29.19
N THR C 63 -19.59 -40.07 29.84
CA THR C 63 -18.13 -40.04 29.70
C THR C 63 -17.62 -39.90 28.27
N ARG C 64 -16.40 -39.36 28.15
CA ARG C 64 -15.78 -39.05 26.86
C ARG C 64 -15.83 -40.22 25.88
N GLY C 65 -16.50 -40.00 24.75
CA GLY C 65 -16.53 -40.99 23.68
C GLY C 65 -17.61 -42.02 23.86
N LEU C 66 -18.71 -41.61 24.50
CA LEU C 66 -19.94 -42.38 24.49
C LEU C 66 -21.12 -41.42 24.30
N GLY C 67 -22.33 -41.84 24.65
CA GLY C 67 -23.47 -40.95 24.59
C GLY C 67 -23.83 -40.68 23.15
N ALA C 68 -23.02 -39.83 22.47
CA ALA C 68 -23.23 -39.33 21.08
C ALA C 68 -23.50 -40.43 20.04
N GLY C 69 -24.31 -41.41 20.44
CA GLY C 69 -24.50 -42.71 19.80
C GLY C 69 -25.64 -42.66 18.84
N ALA C 70 -26.61 -41.77 19.09
CA ALA C 70 -27.73 -41.48 18.18
C ALA C 70 -28.74 -42.62 18.13
N ASP C 71 -29.05 -43.19 19.30
CA ASP C 71 -29.96 -44.33 19.44
C ASP C 71 -31.27 -43.72 19.94
N PRO C 72 -32.27 -43.53 19.03
CA PRO C 72 -33.49 -42.85 19.51
C PRO C 72 -34.23 -43.58 20.66
N GLU C 73 -33.79 -44.77 21.05
CA GLU C 73 -34.29 -45.35 22.28
C GLU C 73 -33.85 -44.55 23.47
N VAL C 74 -32.59 -44.09 23.44
CA VAL C 74 -31.99 -43.38 24.59
C VAL C 74 -32.60 -41.98 24.76
N GLY C 75 -32.84 -41.30 23.65
CA GLY C 75 -33.56 -40.02 23.65
C GLY C 75 -35.00 -40.14 24.12
N ARG C 76 -35.72 -41.09 23.54
CA ARG C 76 -37.08 -41.40 23.98
C ARG C 76 -37.06 -41.70 25.47
N LYS C 77 -36.08 -42.48 25.90
CA LYS C 77 -35.85 -42.74 27.32
C LYS C 77 -35.73 -41.43 28.09
N ALA C 78 -34.78 -40.60 27.67
CA ALA C 78 -34.43 -39.36 28.39
C ALA C 78 -35.60 -38.46 28.76
N ALA C 79 -36.59 -38.35 27.87
CA ALA C 79 -37.74 -37.49 28.10
C ALA C 79 -38.78 -38.20 28.91
N GLU C 80 -39.09 -39.45 28.58
CA GLU C 80 -40.03 -40.24 29.38
C GLU C 80 -39.46 -40.29 30.81
N ASP C 81 -38.13 -40.33 30.92
CA ASP C 81 -37.43 -40.31 32.21
C ASP C 81 -37.51 -38.96 32.93
N ALA C 82 -37.56 -37.85 32.20
CA ALA C 82 -37.76 -36.51 32.77
C ALA C 82 -39.10 -35.89 32.33
N LYS C 83 -40.14 -36.73 32.25
CA LYS C 83 -41.46 -36.36 31.68
C LYS C 83 -42.20 -35.36 32.53
N ASP C 84 -41.91 -35.41 33.84
CA ASP C 84 -42.44 -34.47 34.81
C ASP C 84 -41.91 -33.09 34.46
N GLU C 85 -40.59 -32.97 34.40
CA GLU C 85 -39.96 -31.66 34.17
C GLU C 85 -40.45 -31.01 32.86
N ILE C 86 -40.79 -31.84 31.86
CA ILE C 86 -41.34 -31.40 30.56
C ILE C 86 -42.81 -30.98 30.68
N GLU C 87 -43.57 -31.69 31.52
CA GLU C 87 -44.95 -31.34 31.80
C GLU C 87 -45.05 -29.94 32.40
N GLU C 88 -44.22 -29.63 33.39
CA GLU C 88 -44.26 -28.30 33.99
C GLU C 88 -43.80 -27.27 32.99
N LEU C 89 -42.70 -27.53 32.30
CA LEU C 89 -42.19 -26.57 31.30
C LEU C 89 -43.23 -26.09 30.31
N LEU C 90 -44.06 -27.00 29.83
CA LEU C 90 -45.10 -26.69 28.83
C LEU C 90 -46.49 -26.49 29.43
N ARG C 91 -46.56 -26.31 30.76
CA ARG C 91 -47.82 -26.17 31.53
C ARG C 91 -48.57 -24.87 31.26
N GLY C 92 -49.86 -24.98 30.97
CA GLY C 92 -50.65 -23.81 30.56
C GLY C 92 -50.09 -23.12 29.32
N ALA C 93 -49.51 -23.91 28.43
CA ALA C 93 -49.23 -23.46 27.08
C ALA C 93 -50.57 -23.47 26.38
N ASP C 94 -50.62 -22.80 25.25
CA ASP C 94 -51.79 -22.73 24.37
C ASP C 94 -51.51 -23.45 23.06
N MET C 95 -50.23 -23.58 22.71
CA MET C 95 -49.80 -24.04 21.41
C MET C 95 -48.31 -24.27 21.53
N VAL C 96 -47.88 -25.48 21.23
CA VAL C 96 -46.51 -25.88 21.46
C VAL C 96 -45.93 -26.42 20.18
N PHE C 97 -45.02 -25.64 19.59
CA PHE C 97 -44.23 -26.11 18.46
C PHE C 97 -43.16 -27.07 18.96
N VAL C 98 -42.77 -28.02 18.11
CA VAL C 98 -41.80 -29.05 18.49
C VAL C 98 -40.82 -29.29 17.34
N THR C 99 -39.66 -28.65 17.40
CA THR C 99 -38.70 -28.74 16.31
C THR C 99 -37.48 -29.60 16.62
N ALA C 100 -36.97 -30.23 15.55
CA ALA C 100 -35.87 -31.18 15.64
C ALA C 100 -35.34 -31.43 14.25
N GLY C 101 -34.22 -32.14 14.15
CA GLY C 101 -33.65 -32.56 12.85
C GLY C 101 -33.52 -34.07 12.68
N GLU C 102 -34.61 -34.72 12.30
CA GLU C 102 -34.66 -36.17 12.42
C GLU C 102 -33.47 -36.93 11.71
N GLY C 103 -33.30 -38.20 12.09
CA GLY C 103 -32.14 -39.01 11.75
C GLY C 103 -31.29 -39.33 12.98
N GLY C 104 -31.27 -38.40 13.94
CA GLY C 104 -30.26 -38.45 15.01
C GLY C 104 -30.47 -39.48 16.11
N GLY C 105 -30.85 -38.99 17.28
CA GLY C 105 -31.14 -39.84 18.42
C GLY C 105 -31.96 -39.05 19.42
N THR C 106 -31.32 -38.09 20.06
CA THR C 106 -31.97 -37.34 21.11
C THR C 106 -33.21 -36.61 20.66
N GLY C 107 -33.11 -35.92 19.53
CA GLY C 107 -34.25 -35.21 18.96
C GLY C 107 -35.23 -36.14 18.25
N THR C 108 -34.68 -37.10 17.51
CA THR C 108 -35.45 -38.17 16.87
C THR C 108 -36.45 -38.74 17.89
N GLY C 109 -35.93 -39.30 18.97
CA GLY C 109 -36.74 -39.96 19.96
C GLY C 109 -37.30 -39.10 21.08
N GLY C 110 -36.79 -37.87 21.23
CA GLY C 110 -37.26 -36.91 22.23
C GLY C 110 -38.50 -36.12 21.82
N ALA C 111 -38.55 -35.70 20.56
CA ALA C 111 -39.75 -35.02 20.03
C ALA C 111 -41.05 -35.82 20.25
N PRO C 112 -41.07 -37.12 19.92
CA PRO C 112 -42.29 -37.89 20.15
C PRO C 112 -42.85 -37.71 21.54
N VAL C 113 -41.97 -37.66 22.54
CA VAL C 113 -42.38 -37.58 23.93
C VAL C 113 -43.00 -36.22 24.20
N VAL C 114 -42.19 -35.18 23.97
CA VAL C 114 -42.55 -33.78 24.30
C VAL C 114 -43.86 -33.34 23.61
N ALA C 115 -43.97 -33.69 22.33
CA ALA C 115 -45.22 -33.51 21.58
C ALA C 115 -46.41 -34.16 22.29
N SER C 116 -46.26 -35.43 22.63
CA SER C 116 -47.37 -36.17 23.25
C SER C 116 -47.68 -35.71 24.69
N ILE C 117 -46.74 -35.02 25.35
CA ILE C 117 -46.99 -34.37 26.65
C ILE C 117 -47.75 -33.05 26.47
N ALA C 118 -47.44 -32.27 25.44
CA ALA C 118 -48.23 -31.10 25.13
C ALA C 118 -49.70 -31.47 24.86
N ARG C 119 -49.91 -32.61 24.23
CA ARG C 119 -51.25 -33.12 23.93
C ARG C 119 -52.13 -33.41 25.16
N LYS C 120 -51.61 -34.21 26.11
CA LYS C 120 -52.35 -34.49 27.35
C LYS C 120 -52.69 -33.19 28.06
N LEU C 121 -51.75 -32.24 28.05
CA LEU C 121 -51.95 -30.93 28.67
C LEU C 121 -53.04 -30.13 27.99
N GLY C 122 -53.09 -30.22 26.67
CA GLY C 122 -54.15 -29.62 25.90
C GLY C 122 -53.71 -28.40 25.15
N ALA C 123 -52.55 -28.51 24.50
CA ALA C 123 -52.06 -27.49 23.59
C ALA C 123 -52.34 -27.94 22.16
N LEU C 124 -52.45 -26.96 21.25
CA LEU C 124 -52.35 -27.22 19.82
C LEU C 124 -50.89 -27.57 19.58
N THR C 125 -50.61 -28.83 19.32
CA THR C 125 -49.23 -29.28 19.22
C THR C 125 -48.82 -29.32 17.75
N VAL C 126 -47.65 -28.79 17.44
CA VAL C 126 -47.15 -28.78 16.07
C VAL C 126 -45.70 -29.22 16.01
N GLY C 127 -45.40 -30.05 15.01
CA GLY C 127 -44.09 -30.64 14.76
C GLY C 127 -43.47 -30.13 13.48
N VAL C 128 -42.45 -29.28 13.61
CA VAL C 128 -41.70 -28.75 12.48
C VAL C 128 -40.35 -29.46 12.47
N VAL C 129 -40.17 -30.46 11.61
CA VAL C 129 -38.93 -31.26 11.65
C VAL C 129 -38.36 -31.52 10.28
N THR C 130 -37.15 -32.06 10.23
CA THR C 130 -36.49 -32.35 8.95
C THR C 130 -35.93 -33.76 8.81
N ARG C 131 -35.96 -34.24 7.56
CA ARG C 131 -35.56 -35.59 7.21
C ARG C 131 -34.12 -35.54 6.73
N PRO C 132 -33.23 -36.29 7.39
CA PRO C 132 -31.82 -36.10 7.17
C PRO C 132 -31.43 -36.23 5.72
N PHE C 133 -30.20 -35.79 5.43
CA PHE C 133 -29.63 -35.83 4.08
C PHE C 133 -29.48 -37.27 3.62
N SER C 134 -29.39 -37.41 2.31
CA SER C 134 -29.33 -38.71 1.74
C SER C 134 -27.95 -39.28 2.00
N PHE C 135 -26.93 -38.43 2.02
CA PHE C 135 -25.56 -38.94 2.32
C PHE C 135 -25.30 -39.38 3.77
N GLU C 136 -26.20 -39.07 4.70
CA GLU C 136 -25.98 -39.37 6.11
C GLU C 136 -26.10 -40.90 6.43
N GLY C 137 -26.62 -41.64 5.46
CA GLY C 137 -26.60 -43.09 5.55
C GLY C 137 -27.93 -43.66 5.92
N LYS C 138 -28.03 -44.97 5.70
CA LYS C 138 -29.32 -45.61 5.67
C LYS C 138 -29.85 -45.72 7.07
N ARG C 139 -28.97 -45.88 8.05
CA ARG C 139 -29.37 -46.00 9.46
C ARG C 139 -30.14 -44.79 9.96
N ARG C 140 -29.67 -43.59 9.61
CA ARG C 140 -30.37 -42.34 9.96
C ARG C 140 -31.66 -42.18 9.16
N SER C 141 -31.58 -42.26 7.83
CA SER C 141 -32.79 -42.22 7.03
C SER C 141 -33.81 -43.23 7.54
N ASN C 142 -33.32 -44.35 8.08
CA ASN C 142 -34.18 -45.32 8.80
C ASN C 142 -34.65 -44.72 10.10
N GLN C 143 -33.69 -44.33 10.94
CA GLN C 143 -33.97 -43.76 12.27
C GLN C 143 -34.83 -42.51 12.22
N ALA C 144 -34.78 -41.79 11.10
CA ALA C 144 -35.65 -40.64 10.89
C ALA C 144 -37.06 -41.08 10.59
N GLU C 145 -37.25 -42.06 9.70
CA GLU C 145 -38.62 -42.44 9.30
C GLU C 145 -39.46 -42.96 10.45
N ASN C 146 -38.81 -43.49 11.47
CA ASN C 146 -39.49 -43.99 12.65
C ASN C 146 -39.83 -42.86 13.63
N GLY C 147 -38.86 -41.97 13.87
CA GLY C 147 -39.10 -40.75 14.64
C GLY C 147 -40.13 -39.81 14.01
N ILE C 148 -40.18 -39.77 12.68
CA ILE C 148 -41.22 -39.03 11.96
C ILE C 148 -42.54 -39.73 12.21
N ALA C 149 -42.56 -41.05 11.98
CA ALA C 149 -43.75 -41.88 12.18
C ALA C 149 -44.40 -41.57 13.52
N ALA C 150 -43.61 -41.62 14.60
CA ALA C 150 -44.10 -41.32 15.96
C ALA C 150 -44.68 -39.90 16.10
N LEU C 151 -43.90 -38.92 15.65
CA LEU C 151 -44.26 -37.50 15.73
C LEU C 151 -45.50 -37.12 14.91
N ARG C 152 -45.73 -37.86 13.81
CA ARG C 152 -46.94 -37.73 12.99
C ARG C 152 -48.16 -38.18 13.78
N GLU C 153 -47.99 -39.21 14.60
CA GLU C 153 -49.05 -39.70 15.47
C GLU C 153 -48.95 -39.15 16.89
N SER C 154 -48.23 -38.04 17.08
CA SER C 154 -48.17 -37.38 18.38
C SER C 154 -48.70 -35.97 18.23
N CYS C 155 -48.08 -35.20 17.34
CA CYS C 155 -48.59 -33.88 16.98
C CYS C 155 -49.93 -33.93 16.29
N ASP C 156 -50.75 -32.93 16.59
CA ASP C 156 -51.93 -32.64 15.80
C ASP C 156 -51.45 -32.55 14.35
N THR C 157 -50.50 -31.67 14.11
CA THR C 157 -49.99 -31.41 12.78
C THR C 157 -48.47 -31.63 12.77
N LEU C 158 -47.98 -32.24 11.68
CA LEU C 158 -46.54 -32.43 11.42
C LEU C 158 -46.12 -31.88 10.07
N ILE C 159 -45.09 -31.04 10.09
CA ILE C 159 -44.47 -30.50 8.88
C ILE C 159 -43.14 -31.21 8.71
N VAL C 160 -43.04 -32.05 7.67
CA VAL C 160 -41.80 -32.73 7.34
C VAL C 160 -41.21 -32.07 6.14
N ILE C 161 -39.89 -31.88 6.22
CA ILE C 161 -39.12 -31.14 5.23
C ILE C 161 -37.87 -31.95 4.95
N PRO C 162 -37.70 -32.45 3.71
CA PRO C 162 -36.45 -33.16 3.35
C PRO C 162 -35.31 -32.19 3.22
N ASN C 163 -34.19 -32.50 3.86
CA ASN C 163 -32.99 -31.69 3.75
C ASN C 163 -32.24 -32.07 2.49
N ASP C 164 -32.80 -33.01 1.72
CA ASP C 164 -32.20 -33.51 0.51
C ASP C 164 -32.63 -32.68 -0.67
N ARG C 165 -33.96 -32.48 -0.78
CA ARG C 165 -34.54 -31.53 -1.75
C ARG C 165 -34.15 -30.07 -1.45
N LEU C 166 -33.76 -29.80 -0.20
CA LEU C 166 -33.28 -28.49 0.27
C LEU C 166 -31.88 -28.16 -0.21
N LEU C 167 -31.30 -29.04 -1.04
CA LEU C 167 -30.01 -28.89 -1.69
C LEU C 167 -30.22 -29.09 -3.18
N GLN C 168 -29.56 -28.30 -4.02
CA GLN C 168 -29.73 -28.41 -5.49
C GLN C 168 -28.49 -27.92 -6.25
N ALA C 173 -22.89 -28.29 -4.90
CA ALA C 173 -21.97 -29.22 -4.23
C ALA C 173 -20.84 -28.48 -3.48
N VAL C 174 -20.25 -27.47 -4.12
CA VAL C 174 -19.19 -26.67 -3.51
C VAL C 174 -19.78 -25.91 -2.30
N SER C 175 -20.63 -24.92 -2.61
CA SER C 175 -21.15 -23.95 -1.63
C SER C 175 -22.53 -24.31 -1.04
N LEU C 176 -23.04 -25.51 -1.35
CA LEU C 176 -24.20 -26.10 -0.66
C LEU C 176 -23.75 -26.88 0.62
N MET C 177 -22.54 -26.55 1.08
CA MET C 177 -22.19 -26.59 2.48
C MET C 177 -22.97 -25.54 3.30
N ASP C 178 -23.03 -24.30 2.80
CA ASP C 178 -23.90 -23.24 3.38
C ASP C 178 -25.35 -23.43 2.87
N ALA C 179 -25.76 -24.68 2.64
CA ALA C 179 -27.12 -25.03 2.32
C ALA C 179 -27.60 -26.15 3.23
N PHE C 180 -27.02 -26.25 4.43
CA PHE C 180 -27.71 -26.97 5.47
C PHE C 180 -27.91 -26.17 6.75
N ARG C 181 -26.81 -25.71 7.34
CA ARG C 181 -26.85 -24.96 8.60
C ARG C 181 -27.36 -23.51 8.42
N SER C 182 -27.30 -22.98 7.20
CA SER C 182 -28.01 -21.72 6.86
C SER C 182 -29.28 -22.02 6.03
N ALA C 183 -29.55 -23.29 5.71
CA ALA C 183 -30.80 -23.72 5.09
C ALA C 183 -31.79 -24.39 6.04
N ASP C 184 -31.34 -24.82 7.23
CA ASP C 184 -32.22 -25.42 8.26
C ASP C 184 -33.32 -24.48 8.81
N GLU C 185 -33.07 -23.17 8.77
CA GLU C 185 -34.07 -22.16 9.19
C GLU C 185 -35.40 -22.24 8.44
N VAL C 186 -35.43 -23.05 7.38
CA VAL C 186 -36.70 -23.55 6.87
C VAL C 186 -37.61 -23.97 8.03
N LEU C 187 -37.03 -24.61 9.04
CA LEU C 187 -37.74 -24.89 10.28
C LEU C 187 -38.35 -23.61 10.86
N LEU C 188 -37.51 -22.58 11.06
CA LEU C 188 -37.95 -21.24 11.56
C LEU C 188 -39.06 -20.61 10.74
N ASN C 189 -38.85 -20.50 9.42
CA ASN C 189 -39.90 -20.00 8.54
C ASN C 189 -41.16 -20.87 8.61
N GLY C 190 -40.97 -22.15 8.92
CA GLY C 190 -42.05 -23.06 9.29
C GLY C 190 -42.81 -22.66 10.53
N VAL C 191 -42.10 -22.29 11.59
CA VAL C 191 -42.73 -21.88 12.85
C VAL C 191 -43.42 -20.50 12.76
N GLN C 192 -42.65 -19.43 12.51
CA GLN C 192 -43.23 -18.08 12.40
C GLN C 192 -44.26 -18.02 11.28
N GLY C 193 -44.08 -18.88 10.28
CA GLY C 193 -45.10 -19.16 9.28
C GLY C 193 -46.51 -19.27 9.83
N ILE C 194 -46.63 -19.74 11.07
CA ILE C 194 -47.88 -19.66 11.83
C ILE C 194 -47.83 -18.65 13.01
N THR C 195 -46.68 -18.57 13.70
CA THR C 195 -46.57 -17.78 14.94
C THR C 195 -46.80 -16.29 14.66
N ASP C 196 -46.03 -15.74 13.74
CA ASP C 196 -46.09 -14.31 13.46
C ASP C 196 -47.46 -13.78 13.01
N LEU C 197 -48.41 -14.65 12.67
CA LEU C 197 -49.80 -14.23 12.44
C LEU C 197 -50.55 -13.84 13.71
N ILE C 198 -50.28 -14.54 14.81
CA ILE C 198 -50.97 -14.30 16.08
C ILE C 198 -50.21 -13.28 16.91
N THR C 199 -48.87 -13.36 16.92
CA THR C 199 -48.05 -12.50 17.77
C THR C 199 -47.82 -11.08 17.23
N THR C 200 -47.63 -10.94 15.93
CA THR C 200 -47.38 -9.62 15.31
C THR C 200 -48.24 -9.45 14.06
N PRO C 201 -49.58 -9.42 14.23
CA PRO C 201 -50.49 -9.35 13.08
C PRO C 201 -50.37 -8.05 12.28
N GLY C 202 -50.91 -8.09 11.07
CA GLY C 202 -50.80 -6.98 10.13
C GLY C 202 -52.11 -6.26 9.96
N LEU C 203 -52.42 -5.94 8.70
CA LEU C 203 -53.64 -5.21 8.35
C LEU C 203 -54.84 -6.16 8.29
N ILE C 204 -54.61 -7.45 8.09
CA ILE C 204 -55.58 -8.51 8.34
C ILE C 204 -55.06 -9.42 9.46
N ASN C 205 -55.70 -9.32 10.63
CA ASN C 205 -55.41 -10.19 11.77
C ASN C 205 -56.16 -11.49 11.57
N VAL C 206 -55.58 -12.59 12.07
CA VAL C 206 -56.25 -13.90 12.10
C VAL C 206 -55.80 -14.69 13.34
N ASP C 207 -56.51 -14.50 14.46
CA ASP C 207 -56.05 -15.00 15.76
C ASP C 207 -55.98 -16.53 15.88
N PHE C 208 -55.37 -16.97 16.98
CA PHE C 208 -55.21 -18.38 17.35
C PHE C 208 -56.35 -19.29 16.89
N ALA C 209 -57.59 -18.86 17.09
CA ALA C 209 -58.79 -19.66 16.74
C ALA C 209 -58.90 -20.04 15.24
N ASP C 210 -58.54 -19.11 14.36
CA ASP C 210 -58.47 -19.39 12.92
C ASP C 210 -57.55 -20.58 12.68
N VAL C 211 -56.37 -20.52 13.30
CA VAL C 211 -55.35 -21.56 13.16
C VAL C 211 -55.81 -22.88 13.79
N LYS C 212 -56.45 -22.82 14.95
CA LYS C 212 -56.82 -24.03 15.70
C LYS C 212 -57.72 -24.97 14.90
N GLY C 213 -58.60 -24.39 14.07
CA GLY C 213 -59.44 -25.17 13.15
C GLY C 213 -58.65 -25.85 12.04
N ILE C 214 -57.78 -25.09 11.38
CA ILE C 214 -57.01 -25.57 10.21
C ILE C 214 -55.70 -26.31 10.57
N MET C 215 -55.61 -26.83 11.79
CA MET C 215 -54.47 -27.68 12.20
C MET C 215 -54.90 -28.91 13.04
N SER C 216 -55.69 -28.68 14.09
CA SER C 216 -56.06 -29.77 15.02
C SER C 216 -56.74 -30.94 14.33
N GLY C 217 -55.96 -32.01 14.14
CA GLY C 217 -56.43 -33.26 13.53
C GLY C 217 -55.99 -33.50 12.09
N ALA C 218 -55.17 -32.62 11.52
CA ALA C 218 -54.68 -32.79 10.16
C ALA C 218 -53.80 -34.04 10.04
N GLY C 219 -52.75 -34.07 10.87
CA GLY C 219 -51.73 -35.12 10.84
C GLY C 219 -50.51 -34.64 10.08
N THR C 220 -50.65 -34.58 8.75
CA THR C 220 -49.54 -34.32 7.80
C THR C 220 -49.63 -32.96 7.14
N ALA C 221 -48.48 -32.36 6.83
CA ALA C 221 -48.43 -31.04 6.19
C ALA C 221 -47.10 -30.76 5.48
N LEU C 222 -47.07 -29.67 4.68
CA LEU C 222 -45.90 -29.25 3.88
C LEU C 222 -45.84 -27.72 3.71
N MET C 223 -44.65 -27.15 3.51
CA MET C 223 -44.46 -25.68 3.45
C MET C 223 -43.66 -25.18 2.26
N GLY C 224 -43.77 -23.88 1.99
CA GLY C 224 -42.97 -23.19 0.97
C GLY C 224 -43.08 -21.67 1.09
N ILE C 225 -41.93 -20.99 1.02
CA ILE C 225 -41.88 -19.51 1.16
C ILE C 225 -41.56 -18.78 -0.16
N GLY C 226 -41.57 -17.45 -0.10
CA GLY C 226 -41.08 -16.59 -1.18
C GLY C 226 -40.55 -15.25 -0.68
N SER C 227 -39.48 -14.78 -1.33
CA SER C 227 -38.91 -13.45 -1.10
C SER C 227 -39.31 -12.51 -2.25
N ALA C 228 -39.31 -11.20 -2.00
CA ALA C 228 -39.72 -10.19 -3.00
C ALA C 228 -38.67 -9.12 -3.27
N ARG C 233 -43.71 -5.20 -6.09
CA ARG C 233 -42.77 -6.04 -5.34
C ARG C 233 -43.41 -7.39 -4.95
N SER C 234 -44.64 -7.35 -4.40
CA SER C 234 -45.37 -8.56 -3.99
C SER C 234 -46.12 -9.19 -5.16
N LEU C 235 -46.36 -8.39 -6.20
CA LEU C 235 -46.97 -8.88 -7.45
C LEU C 235 -46.20 -10.09 -7.97
N LYS C 236 -44.89 -9.90 -8.14
CA LYS C 236 -44.00 -10.89 -8.76
C LYS C 236 -43.52 -11.96 -7.75
N ALA C 237 -43.65 -11.66 -6.45
CA ALA C 237 -43.35 -12.61 -5.38
C ALA C 237 -44.64 -13.16 -4.79
N ALA C 238 -45.13 -14.24 -5.39
CA ALA C 238 -46.35 -14.93 -4.92
C ALA C 238 -46.39 -16.36 -5.47
N GLU C 239 -46.28 -16.47 -6.79
CA GLU C 239 -45.97 -17.72 -7.49
C GLU C 239 -44.82 -18.50 -6.82
N ILE C 240 -43.80 -17.77 -6.34
CA ILE C 240 -42.58 -18.36 -5.76
C ILE C 240 -42.85 -19.48 -4.74
N ALA C 241 -43.82 -19.26 -3.86
CA ALA C 241 -44.10 -20.15 -2.74
C ALA C 241 -44.70 -21.51 -3.13
N ILE C 242 -45.76 -21.46 -3.93
CA ILE C 242 -46.55 -22.67 -4.26
C ILE C 242 -45.71 -23.59 -5.14
N ASN C 243 -44.94 -22.98 -6.03
CA ASN C 243 -44.14 -23.72 -6.98
C ASN C 243 -42.89 -24.33 -6.32
N SER C 244 -42.47 -23.80 -5.15
CA SER C 244 -41.29 -24.31 -4.43
C SER C 244 -41.38 -25.83 -4.16
N PRO C 245 -40.49 -26.64 -4.79
CA PRO C 245 -40.48 -28.13 -4.72
C PRO C 245 -40.69 -28.73 -3.33
N LEU C 246 -40.13 -28.06 -2.32
CA LEU C 246 -40.38 -28.27 -0.88
C LEU C 246 -41.84 -28.66 -0.53
N LEU C 247 -42.79 -28.04 -1.24
CA LEU C 247 -44.24 -28.39 -1.16
C LEU C 247 -44.67 -29.70 -1.89
N GLU C 248 -43.71 -30.43 -2.49
CA GLU C 248 -43.96 -31.69 -3.24
C GLU C 248 -44.94 -31.55 -4.43
N ALA C 249 -45.20 -30.31 -4.86
CA ALA C 249 -46.33 -29.97 -5.73
C ALA C 249 -47.69 -30.51 -5.23
N SER C 250 -47.80 -30.78 -3.93
CA SER C 250 -48.96 -31.47 -3.36
C SER C 250 -50.11 -30.49 -3.11
N MET C 251 -50.22 -29.50 -3.99
CA MET C 251 -51.31 -28.55 -3.98
C MET C 251 -52.33 -28.91 -5.08
N GLU C 252 -52.34 -30.19 -5.49
CA GLU C 252 -53.45 -30.77 -6.26
C GLU C 252 -54.54 -31.38 -5.34
N GLY C 253 -54.40 -31.22 -4.02
CA GLY C 253 -55.50 -31.51 -3.09
C GLY C 253 -55.25 -31.28 -1.60
N ALA C 254 -54.53 -30.22 -1.26
CA ALA C 254 -54.22 -29.93 0.13
C ALA C 254 -55.48 -29.44 0.82
N GLN C 255 -56.19 -30.35 1.50
CA GLN C 255 -57.51 -30.01 2.08
C GLN C 255 -57.42 -29.25 3.41
N GLY C 256 -57.03 -27.97 3.34
CA GLY C 256 -56.85 -27.09 4.51
C GLY C 256 -55.55 -26.28 4.49
N VAL C 257 -55.54 -25.18 3.73
CA VAL C 257 -54.32 -24.39 3.46
C VAL C 257 -54.29 -23.06 4.25
N LEU C 258 -53.10 -22.70 4.76
CA LEU C 258 -52.85 -21.43 5.46
C LEU C 258 -51.79 -20.62 4.70
N MET C 259 -51.91 -19.30 4.74
CA MET C 259 -51.09 -18.41 3.92
C MET C 259 -50.85 -17.09 4.65
N SER C 260 -49.64 -16.57 4.57
CA SER C 260 -49.26 -15.38 5.34
C SER C 260 -48.37 -14.43 4.54
N ILE C 261 -48.37 -13.15 4.95
CA ILE C 261 -47.58 -12.07 4.34
C ILE C 261 -47.02 -11.09 5.40
N ALA C 262 -45.79 -10.61 5.22
CA ALA C 262 -45.10 -9.78 6.22
C ALA C 262 -44.39 -8.56 5.62
N GLY C 263 -44.57 -7.39 6.26
CA GLY C 263 -43.94 -6.14 5.81
C GLY C 263 -44.63 -4.87 6.27
N GLY C 264 -44.73 -3.88 5.38
CA GLY C 264 -45.38 -2.60 5.67
C GLY C 264 -46.87 -2.62 5.37
N SER C 265 -47.22 -2.55 4.08
CA SER C 265 -48.63 -2.63 3.65
C SER C 265 -48.79 -3.12 2.21
N LEU C 269 -53.06 -3.83 0.77
CA LEU C 269 -54.33 -4.45 0.36
C LEU C 269 -54.26 -4.92 -1.06
N PHE C 270 -53.79 -4.03 -1.92
CA PHE C 270 -53.51 -4.35 -3.31
C PHE C 270 -52.39 -5.38 -3.34
N GLU C 271 -51.28 -5.04 -2.67
CA GLU C 271 -50.19 -5.97 -2.37
C GLU C 271 -50.72 -7.31 -1.89
N ILE C 272 -51.63 -7.23 -0.92
CA ILE C 272 -52.27 -8.39 -0.31
C ILE C 272 -53.09 -9.18 -1.32
N ASN C 273 -54.15 -8.58 -1.84
CA ASN C 273 -55.06 -9.26 -2.77
C ASN C 273 -54.40 -9.68 -4.11
N GLU C 274 -53.22 -9.13 -4.44
CA GLU C 274 -52.40 -9.67 -5.53
C GLU C 274 -52.18 -11.19 -5.37
N ALA C 275 -51.72 -11.60 -4.20
CA ALA C 275 -51.45 -13.00 -3.89
C ALA C 275 -52.72 -13.80 -3.57
N ALA C 276 -53.66 -13.17 -2.88
CA ALA C 276 -54.97 -13.79 -2.59
C ALA C 276 -55.72 -14.17 -3.87
N SER C 277 -55.62 -13.31 -4.90
CA SER C 277 -56.14 -13.61 -6.23
C SER C 277 -55.22 -14.60 -6.97
N LEU C 278 -55.04 -15.78 -6.39
CA LEU C 278 -54.06 -16.80 -6.85
C LEU C 278 -54.15 -18.08 -6.00
N VAL C 279 -54.03 -17.90 -4.68
CA VAL C 279 -54.04 -18.98 -3.67
C VAL C 279 -55.03 -20.10 -4.01
N GLN C 280 -56.32 -19.76 -3.98
CA GLN C 280 -57.42 -20.71 -4.19
C GLN C 280 -57.24 -21.46 -5.52
N ASP C 281 -56.65 -20.76 -6.50
CA ASP C 281 -56.32 -21.35 -7.79
C ASP C 281 -55.10 -22.24 -7.60
N ALA C 282 -55.37 -23.44 -7.07
CA ALA C 282 -54.34 -24.43 -6.77
C ALA C 282 -54.95 -25.81 -6.46
N ALA C 283 -55.53 -25.98 -5.27
CA ALA C 283 -56.10 -27.26 -4.80
C ALA C 283 -57.62 -27.18 -4.77
N HIS C 284 -58.29 -28.28 -4.41
CA HIS C 284 -59.78 -28.36 -4.35
C HIS C 284 -60.36 -27.23 -3.47
N PRO C 285 -60.93 -26.16 -4.10
CA PRO C 285 -61.41 -25.02 -3.30
C PRO C 285 -62.71 -25.24 -2.49
N ASP C 286 -63.33 -26.42 -2.63
CA ASP C 286 -64.37 -26.91 -1.70
C ASP C 286 -63.89 -27.10 -0.23
N ALA C 287 -62.57 -27.21 0.00
CA ALA C 287 -61.99 -27.40 1.34
C ALA C 287 -62.05 -26.11 2.20
N ASN C 288 -60.91 -25.48 2.49
CA ASN C 288 -60.89 -24.22 3.26
C ASN C 288 -59.49 -23.58 3.26
N ILE C 289 -59.47 -22.25 3.13
CA ILE C 289 -58.24 -21.46 3.18
C ILE C 289 -58.42 -20.29 4.16
N ILE C 290 -57.32 -19.94 4.83
CA ILE C 290 -57.26 -18.85 5.79
C ILE C 290 -56.12 -17.93 5.32
N PHE C 291 -56.38 -16.63 5.24
CA PHE C 291 -55.35 -15.63 4.90
C PHE C 291 -54.82 -14.99 6.16
N GLY C 292 -53.88 -14.06 6.02
CA GLY C 292 -53.36 -13.31 7.16
C GLY C 292 -52.24 -12.35 6.78
N THR C 293 -51.89 -11.45 7.70
CA THR C 293 -50.86 -10.42 7.45
C THR C 293 -49.97 -10.18 8.68
N VAL C 294 -48.72 -9.77 8.42
CA VAL C 294 -47.70 -9.61 9.45
C VAL C 294 -46.99 -8.26 9.28
N ILE C 295 -46.70 -7.58 10.40
CA ILE C 295 -45.87 -6.37 10.42
C ILE C 295 -44.46 -6.71 10.94
N ASP C 296 -43.59 -7.13 10.03
CA ASP C 296 -42.20 -7.38 10.36
C ASP C 296 -41.36 -6.41 9.53
N ASP C 297 -41.25 -5.17 10.02
CA ASP C 297 -40.42 -4.15 9.37
C ASP C 297 -38.94 -4.49 9.59
N SER C 298 -38.48 -5.53 8.89
CA SER C 298 -37.07 -5.95 8.85
C SER C 298 -36.66 -6.14 7.40
N LEU C 299 -37.47 -5.59 6.49
CA LEU C 299 -37.45 -5.97 5.08
C LEU C 299 -38.03 -4.83 4.21
N GLY C 300 -37.21 -4.30 3.30
CA GLY C 300 -37.58 -3.16 2.45
C GLY C 300 -38.61 -3.55 1.40
N ASP C 301 -38.15 -3.83 0.18
CA ASP C 301 -39.03 -4.30 -0.90
C ASP C 301 -39.45 -5.78 -0.71
N GLU C 302 -38.70 -6.51 0.12
CA GLU C 302 -38.99 -7.93 0.40
C GLU C 302 -40.25 -8.08 1.26
N VAL C 303 -41.04 -9.11 0.98
CA VAL C 303 -42.20 -9.50 1.80
C VAL C 303 -42.33 -11.02 1.78
N ARG C 304 -42.39 -11.62 2.97
CA ARG C 304 -42.43 -13.07 3.12
C ARG C 304 -43.79 -13.60 2.60
N VAL C 305 -43.80 -14.76 1.95
CA VAL C 305 -45.04 -15.32 1.35
C VAL C 305 -45.18 -16.81 1.72
N THR C 306 -45.18 -17.07 3.02
CA THR C 306 -45.20 -18.44 3.54
C THR C 306 -46.60 -19.07 3.39
N VAL C 307 -46.62 -20.34 2.96
CA VAL C 307 -47.86 -21.09 2.72
C VAL C 307 -47.74 -22.52 3.26
N ILE C 308 -48.47 -22.81 4.33
CA ILE C 308 -48.57 -24.17 4.88
C ILE C 308 -49.78 -24.84 4.23
N ALA C 309 -49.65 -26.14 3.96
CA ALA C 309 -50.65 -26.91 3.24
C ALA C 309 -50.96 -28.20 4.00
N ALA C 310 -52.05 -28.16 4.78
CA ALA C 310 -52.42 -29.27 5.67
C ALA C 310 -53.52 -30.17 5.09
N GLY C 311 -53.86 -31.22 5.85
CA GLY C 311 -55.09 -32.00 5.65
C GLY C 311 -55.12 -32.91 4.43
N PHE C 312 -54.82 -34.19 4.65
CA PHE C 312 -54.79 -35.19 3.57
C PHE C 312 -55.41 -36.50 4.03
N ILE D 16 17.82 54.47 -32.40
CA ILE D 16 18.05 54.31 -33.86
C ILE D 16 18.42 55.68 -34.48
N GLY D 17 19.42 55.65 -35.37
CA GLY D 17 19.88 56.85 -36.10
C GLY D 17 21.37 57.12 -35.89
N GLY D 18 21.75 58.39 -35.93
CA GLY D 18 23.14 58.80 -35.73
C GLY D 18 23.62 58.49 -34.33
N GLY D 19 22.92 59.03 -33.34
CA GLY D 19 23.15 58.78 -31.92
C GLY D 19 23.66 57.40 -31.54
N GLY D 20 23.18 56.40 -32.27
CA GLY D 20 23.74 55.06 -32.22
C GLY D 20 23.49 54.31 -33.52
N VAL D 21 24.34 54.56 -34.51
CA VAL D 21 24.31 53.79 -35.76
C VAL D 21 24.68 52.32 -35.44
N ASN D 22 25.65 52.14 -34.53
CA ASN D 22 26.05 50.82 -34.07
C ASN D 22 24.98 50.26 -33.11
N ALA D 23 24.04 49.49 -33.66
CA ALA D 23 22.91 48.93 -32.90
C ALA D 23 23.34 47.72 -32.04
N VAL D 24 22.83 46.51 -32.32
CA VAL D 24 23.19 45.32 -31.54
C VAL D 24 24.59 44.83 -31.94
N ASN D 25 25.12 43.84 -31.22
CA ASN D 25 26.47 43.34 -31.53
C ASN D 25 26.70 41.85 -31.24
N ARG D 26 26.93 41.46 -29.98
CA ARG D 26 27.41 40.09 -29.65
C ARG D 26 26.31 39.01 -29.67
N MET D 27 25.49 39.00 -30.72
CA MET D 27 24.26 38.21 -30.73
C MET D 27 24.58 36.76 -31.09
N ARG D 76 16.02 59.40 -41.23
CA ARG D 76 14.79 60.05 -40.79
C ARG D 76 13.65 59.84 -41.81
N LYS D 77 13.97 59.98 -43.09
CA LYS D 77 13.00 59.82 -44.20
C LYS D 77 12.67 58.35 -44.59
N ALA D 78 13.28 57.37 -43.90
CA ALA D 78 13.03 55.95 -44.18
C ALA D 78 11.56 55.52 -44.05
N ALA D 79 10.83 56.16 -43.12
CA ALA D 79 9.38 55.94 -42.95
C ALA D 79 8.60 57.26 -42.90
N GLU D 80 9.15 58.29 -43.56
CA GLU D 80 8.62 59.67 -43.52
C GLU D 80 8.92 60.43 -44.82
N ALA D 100 21.92 51.72 -31.27
CA ALA D 100 20.66 52.44 -31.20
C ALA D 100 20.42 53.06 -29.80
N GLY D 101 21.47 53.62 -29.21
CA GLY D 101 21.41 54.32 -27.93
C GLY D 101 21.29 55.81 -28.10
N GLU D 102 20.12 56.36 -27.72
CA GLU D 102 19.74 57.76 -27.99
C GLU D 102 20.82 58.79 -27.62
N GLY D 103 20.97 59.81 -28.46
CA GLY D 103 21.97 60.85 -28.23
C GLY D 103 22.29 61.86 -29.32
N GLY D 104 22.02 61.54 -30.58
CA GLY D 104 22.56 62.29 -31.73
C GLY D 104 21.77 63.51 -32.16
N GLY D 105 22.27 64.18 -33.20
CA GLY D 105 21.64 65.36 -33.78
C GLY D 105 20.36 65.07 -34.56
N THR D 106 20.25 63.85 -35.08
CA THR D 106 18.98 63.28 -35.57
C THR D 106 18.58 61.94 -34.90
N GLY D 107 19.55 61.15 -34.41
CA GLY D 107 19.29 59.78 -33.95
C GLY D 107 18.70 59.56 -32.56
N THR D 108 18.15 60.63 -31.96
CA THR D 108 17.30 60.52 -30.76
C THR D 108 15.82 60.77 -31.09
N GLY D 109 15.54 61.79 -31.89
CA GLY D 109 14.17 62.11 -32.31
C GLY D 109 13.62 60.97 -33.16
N GLY D 110 14.36 60.62 -34.21
CA GLY D 110 14.11 59.43 -34.99
C GLY D 110 14.21 58.21 -34.09
N ALA D 111 13.05 57.73 -33.63
CA ALA D 111 12.95 56.62 -32.68
C ALA D 111 11.64 55.83 -32.77
N PRO D 112 10.46 56.43 -32.42
CA PRO D 112 9.22 55.63 -32.31
C PRO D 112 8.77 54.90 -33.58
N VAL D 113 7.98 53.82 -33.40
CA VAL D 113 7.51 52.98 -34.52
C VAL D 113 5.97 52.92 -34.56
N VAL D 114 5.37 52.14 -33.67
CA VAL D 114 3.92 51.91 -33.66
C VAL D 114 3.27 52.96 -32.74
N ALA D 123 6.32 39.69 -31.23
CA ALA D 123 6.63 40.78 -30.30
C ALA D 123 5.50 41.80 -30.26
N LEU D 124 5.26 42.39 -29.08
CA LEU D 124 4.35 43.54 -28.93
C LEU D 124 5.23 44.80 -28.98
N THR D 125 4.74 45.93 -28.44
CA THR D 125 5.41 47.22 -28.63
C THR D 125 6.71 47.28 -27.81
N VAL D 126 7.80 46.86 -28.46
CA VAL D 126 9.11 46.69 -27.81
C VAL D 126 9.62 48.09 -27.41
N GLY D 127 10.33 48.19 -26.28
CA GLY D 127 10.83 49.48 -25.79
C GLY D 127 12.04 49.42 -24.88
N VAL D 128 13.23 49.45 -25.47
CA VAL D 128 14.50 49.54 -24.72
C VAL D 128 15.51 50.43 -25.46
N VAL D 129 16.03 51.44 -24.76
CA VAL D 129 17.15 52.27 -25.23
C VAL D 129 17.96 52.76 -24.03
N THR D 130 19.05 53.50 -24.31
CA THR D 130 19.95 54.04 -23.28
C THR D 130 19.97 55.59 -23.27
N ARG D 131 20.70 56.19 -22.32
CA ARG D 131 20.77 57.66 -22.17
C ARG D 131 22.09 58.13 -21.50
N PRO D 132 23.02 58.77 -22.28
CA PRO D 132 24.27 59.29 -21.68
C PRO D 132 24.13 60.73 -21.18
N ARG D 140 25.45 67.70 -28.02
CA ARG D 140 24.60 66.56 -27.71
C ARG D 140 24.34 66.40 -26.21
N SER D 141 24.41 67.51 -25.48
CA SER D 141 24.26 67.54 -24.03
C SER D 141 22.87 67.07 -23.59
N ASN D 142 21.84 67.75 -24.09
CA ASN D 142 20.44 67.41 -23.80
C ASN D 142 19.71 66.68 -24.96
N GLN D 143 20.28 66.71 -26.18
CA GLN D 143 19.70 65.97 -27.32
C GLN D 143 19.69 64.47 -27.02
N ALA D 144 18.57 64.02 -26.45
CA ALA D 144 18.39 62.66 -25.89
C ALA D 144 17.06 62.58 -25.12
N GLU D 145 16.85 63.56 -24.24
CA GLU D 145 15.68 63.65 -23.35
C GLU D 145 14.30 63.67 -24.05
N ASN D 146 14.07 64.64 -24.93
CA ASN D 146 12.75 64.81 -25.58
C ASN D 146 12.43 63.76 -26.66
N GLY D 147 13.43 62.99 -27.09
CA GLY D 147 13.21 61.81 -27.96
C GLY D 147 12.77 60.56 -27.20
N ILE D 148 13.20 60.46 -25.93
CA ILE D 148 12.66 59.46 -24.99
C ILE D 148 11.20 59.78 -24.66
N ALA D 149 10.86 61.06 -24.51
CA ALA D 149 9.47 61.49 -24.24
C ALA D 149 8.46 61.17 -25.38
N ALA D 150 8.97 61.00 -26.60
CA ALA D 150 8.16 60.52 -27.74
C ALA D 150 8.00 59.00 -27.71
N LEU D 151 9.12 58.30 -27.50
CA LEU D 151 9.14 56.84 -27.42
C LEU D 151 8.35 56.29 -26.22
N ARG D 152 8.55 56.89 -25.04
CA ARG D 152 7.84 56.51 -23.81
C ARG D 152 6.37 57.01 -23.71
N GLU D 153 5.80 57.49 -24.82
CA GLU D 153 4.35 57.77 -24.94
C GLU D 153 3.63 56.93 -26.01
N SER D 154 4.25 56.76 -27.19
CA SER D 154 3.69 55.86 -28.21
C SER D 154 3.90 54.36 -27.90
N CYS D 155 4.80 54.05 -26.96
CA CYS D 155 5.13 52.65 -26.59
C CYS D 155 4.28 52.11 -25.44
N ASP D 156 4.37 50.78 -25.25
CA ASP D 156 3.75 50.07 -24.12
C ASP D 156 4.46 50.52 -22.86
N THR D 157 5.78 50.33 -22.87
CA THR D 157 6.64 50.67 -21.74
C THR D 157 8.09 50.79 -22.26
N LEU D 158 8.86 51.68 -21.64
CA LEU D 158 10.29 51.84 -21.96
C LEU D 158 11.11 51.77 -20.68
N ILE D 159 12.37 51.36 -20.81
CA ILE D 159 13.33 51.32 -19.70
C ILE D 159 14.50 52.29 -19.97
N VAL D 160 14.59 53.35 -19.17
CA VAL D 160 15.65 54.36 -19.29
C VAL D 160 16.92 53.82 -18.64
N ILE D 161 17.87 53.32 -19.46
CA ILE D 161 19.18 52.86 -18.96
C ILE D 161 20.22 54.00 -19.01
N PRO D 162 20.59 54.57 -17.85
CA PRO D 162 21.76 55.47 -17.84
C PRO D 162 23.08 54.74 -18.10
N ASN D 163 23.84 55.23 -19.08
CA ASN D 163 25.11 54.62 -19.48
C ASN D 163 26.22 55.04 -18.54
N ASP D 164 26.24 56.32 -18.17
CA ASP D 164 27.13 56.82 -17.13
C ASP D 164 26.96 56.09 -15.78
N ARG D 165 25.80 55.46 -15.57
CA ARG D 165 25.61 54.58 -14.42
C ARG D 165 26.38 53.25 -14.53
N LEU D 166 26.90 52.92 -15.72
CA LEU D 166 27.87 51.83 -15.85
C LEU D 166 29.22 52.15 -15.20
N LEU D 167 29.50 53.42 -14.91
CA LEU D 167 30.72 53.81 -14.21
C LEU D 167 30.79 53.22 -12.81
N GLN D 168 29.63 53.08 -12.16
CA GLN D 168 29.52 52.34 -10.90
C GLN D 168 29.52 50.83 -11.11
N MET D 169 28.80 50.32 -12.12
CA MET D 169 28.78 48.89 -12.46
C MET D 169 29.77 48.57 -13.58
N GLY D 170 31.06 48.63 -13.23
CA GLY D 170 32.16 48.35 -14.17
C GLY D 170 33.45 48.06 -13.44
N ASP D 171 34.41 49.00 -13.49
CA ASP D 171 35.73 48.83 -12.86
C ASP D 171 36.41 50.20 -12.60
N ALA D 172 37.51 50.16 -11.83
CA ALA D 172 38.37 51.33 -11.60
C ALA D 172 39.43 51.45 -12.71
N ALA D 173 38.96 51.62 -13.95
CA ALA D 173 39.82 51.79 -15.13
C ALA D 173 39.02 52.37 -16.30
N VAL D 174 38.02 51.62 -16.76
CA VAL D 174 37.05 52.07 -17.76
C VAL D 174 37.73 52.43 -19.09
N SER D 175 37.82 51.47 -20.01
CA SER D 175 38.33 51.71 -21.37
C SER D 175 37.20 52.32 -22.21
N LEU D 176 37.40 53.56 -22.66
CA LEU D 176 36.35 54.33 -23.34
C LEU D 176 36.07 53.91 -24.79
N MET D 177 37.03 53.24 -25.43
CA MET D 177 36.78 52.62 -26.75
C MET D 177 35.64 51.61 -26.65
N ASP D 178 35.54 50.95 -25.49
CA ASP D 178 34.37 50.15 -25.12
C ASP D 178 33.42 50.98 -24.24
N ALA D 179 32.73 51.93 -24.86
CA ALA D 179 31.70 52.77 -24.21
C ALA D 179 30.30 52.44 -24.74
N PHE D 180 30.07 52.68 -26.04
CA PHE D 180 28.89 52.15 -26.76
C PHE D 180 29.01 50.62 -27.04
N ARG D 181 30.17 50.01 -26.71
CA ARG D 181 30.39 48.54 -26.78
C ARG D 181 30.16 47.85 -25.42
N SER D 182 30.51 48.54 -24.34
CA SER D 182 30.14 48.09 -22.99
C SER D 182 28.73 48.56 -22.60
N ALA D 183 28.13 49.43 -23.40
CA ALA D 183 26.68 49.71 -23.31
C ALA D 183 25.82 48.76 -24.17
N ASP D 184 26.48 47.88 -24.93
CA ASP D 184 25.80 46.78 -25.66
C ASP D 184 25.44 45.64 -24.71
N GLU D 185 26.43 45.14 -23.94
CA GLU D 185 26.20 44.02 -23.00
C GLU D 185 25.03 44.26 -22.01
N VAL D 186 24.82 45.51 -21.61
CA VAL D 186 23.68 45.91 -20.76
C VAL D 186 22.37 46.10 -21.52
N LEU D 187 22.45 46.56 -22.76
CA LEU D 187 21.29 46.63 -23.66
C LEU D 187 20.76 45.23 -23.99
N LEU D 188 21.69 44.29 -24.17
CA LEU D 188 21.37 42.88 -24.39
C LEU D 188 20.51 42.35 -23.25
N ASN D 189 20.98 42.54 -22.03
CA ASN D 189 20.28 42.06 -20.83
C ASN D 189 18.86 42.63 -20.68
N GLY D 190 18.65 43.85 -21.17
CA GLY D 190 17.33 44.50 -21.16
C GLY D 190 16.24 43.84 -21.96
N VAL D 191 16.62 42.96 -22.90
CA VAL D 191 15.67 42.06 -23.56
C VAL D 191 16.12 40.58 -23.65
N GLN D 192 17.36 40.24 -23.29
CA GLN D 192 17.82 38.82 -23.30
C GLN D 192 17.14 38.06 -22.15
N GLY D 193 17.08 38.72 -21.01
CA GLY D 193 16.32 38.23 -19.85
C GLY D 193 14.84 38.06 -20.10
N ILE D 194 14.26 38.90 -20.97
CA ILE D 194 12.83 38.83 -21.30
C ILE D 194 12.59 37.85 -22.46
N THR D 195 13.53 37.74 -23.39
CA THR D 195 13.36 36.86 -24.57
C THR D 195 13.66 35.39 -24.26
N ASP D 196 14.63 35.13 -23.39
CA ASP D 196 14.96 33.76 -22.99
C ASP D 196 13.94 33.14 -22.00
N LEU D 197 13.03 33.96 -21.44
CA LEU D 197 11.84 33.46 -20.72
C LEU D 197 10.87 32.69 -21.63
N ILE D 198 10.62 33.23 -22.82
CA ILE D 198 9.66 32.64 -23.75
C ILE D 198 10.34 31.61 -24.66
N THR D 199 11.46 32.00 -25.26
CA THR D 199 12.13 31.17 -26.27
C THR D 199 12.87 29.93 -25.74
N THR D 200 13.57 30.08 -24.62
CA THR D 200 14.39 28.99 -24.08
C THR D 200 14.46 29.01 -22.53
N PRO D 201 13.33 28.67 -21.86
CA PRO D 201 13.24 28.70 -20.40
C PRO D 201 13.87 27.49 -19.70
N GLY D 202 13.78 27.46 -18.38
CA GLY D 202 14.44 26.45 -17.53
C GLY D 202 13.45 25.49 -16.91
N LEU D 203 13.61 25.19 -15.62
CA LEU D 203 12.68 24.28 -14.91
C LEU D 203 11.32 24.91 -14.55
N ILE D 204 11.21 26.24 -14.62
CA ILE D 204 9.95 26.98 -14.32
C ILE D 204 9.69 28.01 -15.43
N ASN D 205 8.52 27.94 -16.06
CA ASN D 205 8.24 28.65 -17.32
C ASN D 205 7.07 29.65 -17.28
N VAL D 206 7.14 30.65 -18.18
CA VAL D 206 6.06 31.62 -18.47
C VAL D 206 5.83 31.75 -19.98
N ASP D 207 4.69 32.34 -20.36
CA ASP D 207 4.24 32.45 -21.76
C ASP D 207 3.84 33.89 -22.14
N PHE D 208 3.49 34.11 -23.41
CA PHE D 208 3.04 35.42 -23.94
C PHE D 208 2.08 36.14 -22.99
N ALA D 209 1.03 35.44 -22.56
CA ALA D 209 0.00 36.00 -21.66
C ALA D 209 0.52 36.53 -20.31
N ASP D 210 1.64 35.98 -19.84
CA ASP D 210 2.27 36.40 -18.58
C ASP D 210 3.06 37.70 -18.74
N VAL D 211 4.01 37.75 -19.67
CA VAL D 211 4.70 39.01 -20.00
C VAL D 211 3.75 40.11 -20.51
N LYS D 212 2.71 39.71 -21.24
CA LYS D 212 1.65 40.60 -21.74
C LYS D 212 0.96 41.42 -20.63
N GLY D 213 0.67 40.79 -19.48
CA GLY D 213 0.03 41.47 -18.36
C GLY D 213 0.84 42.59 -17.75
N ILE D 214 2.17 42.43 -17.76
CA ILE D 214 3.10 43.33 -17.04
C ILE D 214 3.79 44.34 -17.99
N MET D 215 4.28 43.89 -19.15
CA MET D 215 4.94 44.77 -20.14
C MET D 215 3.92 45.26 -21.20
N SER D 216 2.93 46.01 -20.73
CA SER D 216 1.87 46.56 -21.58
C SER D 216 1.11 47.70 -20.88
N GLY D 217 1.42 48.94 -21.27
CA GLY D 217 0.66 50.11 -20.83
C GLY D 217 0.98 50.59 -19.42
N ALA D 218 2.26 50.70 -19.12
CA ALA D 218 2.75 51.35 -17.90
C ALA D 218 3.37 52.69 -18.25
N GLY D 219 4.37 52.63 -19.13
CA GLY D 219 5.19 53.78 -19.50
C GLY D 219 6.57 53.64 -18.91
N THR D 220 6.63 53.74 -17.58
CA THR D 220 7.88 53.83 -16.81
C THR D 220 8.32 52.48 -16.20
N ALA D 221 9.60 52.14 -16.40
CA ALA D 221 10.19 50.88 -15.88
C ALA D 221 11.71 50.98 -15.81
N LEU D 222 12.33 50.08 -15.03
CA LEU D 222 13.80 49.98 -14.96
C LEU D 222 14.23 48.52 -14.78
N MET D 223 15.50 48.24 -15.07
CA MET D 223 16.04 46.90 -14.94
C MET D 223 17.27 46.81 -14.02
N GLY D 224 17.46 45.63 -13.44
CA GLY D 224 18.66 45.29 -12.67
C GLY D 224 19.35 44.03 -13.22
N ILE D 225 20.53 43.72 -12.70
CA ILE D 225 21.27 42.53 -13.11
C ILE D 225 22.24 42.09 -12.00
N GLY D 226 22.63 40.82 -12.05
CA GLY D 226 23.55 40.25 -11.06
C GLY D 226 24.10 38.90 -11.44
N SER D 227 25.27 38.59 -10.86
CA SER D 227 26.04 37.39 -11.20
C SER D 227 26.79 36.86 -9.98
N ALA D 228 26.98 35.55 -9.96
CA ALA D 228 27.88 34.88 -9.01
C ALA D 228 28.08 33.43 -9.45
N ARG D 229 29.07 32.77 -8.84
CA ARG D 229 29.51 31.42 -9.27
C ARG D 229 30.03 30.55 -8.11
N GLY D 230 29.39 30.64 -6.95
CA GLY D 230 29.77 29.86 -5.76
C GLY D 230 28.61 29.54 -4.82
N GLU D 231 28.92 29.48 -3.52
CA GLU D 231 27.93 29.21 -2.47
C GLU D 231 26.84 30.28 -2.49
N GLY D 232 25.59 29.84 -2.41
CA GLY D 232 24.43 30.75 -2.45
C GLY D 232 24.43 31.70 -3.64
N ARG D 233 24.85 31.18 -4.79
CA ARG D 233 25.00 31.98 -6.01
C ARG D 233 23.74 32.75 -6.40
N SER D 234 22.61 32.05 -6.44
CA SER D 234 21.35 32.61 -6.93
C SER D 234 20.72 33.66 -6.00
N LEU D 235 20.99 33.56 -4.70
CA LEU D 235 20.59 34.59 -3.73
C LEU D 235 21.65 35.69 -3.62
N LYS D 236 22.93 35.35 -3.80
CA LYS D 236 23.99 36.37 -3.90
C LYS D 236 24.00 37.12 -5.23
N ALA D 237 23.30 36.58 -6.25
CA ALA D 237 23.11 37.27 -7.54
C ALA D 237 21.75 37.96 -7.69
N ALA D 238 20.75 37.56 -6.89
CA ALA D 238 19.47 38.30 -6.82
C ALA D 238 19.58 39.47 -5.83
N GLU D 239 20.46 39.32 -4.85
CA GLU D 239 20.87 40.41 -3.97
C GLU D 239 21.41 41.56 -4.81
N ILE D 240 22.42 41.28 -5.62
CA ILE D 240 23.06 42.29 -6.48
C ILE D 240 22.18 42.66 -7.70
N ALA D 241 21.15 41.86 -7.97
CA ALA D 241 20.13 42.24 -8.95
C ALA D 241 19.31 43.44 -8.48
N ILE D 242 18.54 43.25 -7.41
CA ILE D 242 17.59 44.29 -6.97
C ILE D 242 18.35 45.51 -6.51
N ASN D 243 19.44 45.28 -5.78
CA ASN D 243 20.42 46.32 -5.48
C ASN D 243 21.29 46.54 -6.72
N SER D 244 20.90 47.53 -7.53
CA SER D 244 21.74 48.03 -8.60
C SER D 244 21.42 49.52 -8.81
N PRO D 245 22.45 50.31 -9.18
CA PRO D 245 22.16 51.68 -9.62
C PRO D 245 21.12 51.70 -10.72
N LEU D 246 21.26 50.80 -11.69
CA LEU D 246 20.38 50.73 -12.87
C LEU D 246 18.90 50.54 -12.53
N LEU D 247 18.63 49.90 -11.39
CA LEU D 247 17.26 49.78 -10.87
C LEU D 247 16.77 51.06 -10.20
N GLU D 248 17.69 51.85 -9.64
CA GLU D 248 17.36 53.14 -9.00
C GLU D 248 16.43 52.94 -7.79
N ALA D 249 16.67 51.87 -7.03
CA ALA D 249 15.90 51.47 -5.83
C ALA D 249 14.41 51.90 -5.75
N SER D 250 13.66 51.66 -6.83
CA SER D 250 12.24 52.02 -6.95
C SER D 250 11.30 50.81 -7.09
N MET D 251 11.82 49.61 -6.79
CA MET D 251 11.04 48.37 -6.86
C MET D 251 10.11 48.19 -5.65
N GLU D 252 10.54 48.65 -4.48
CA GLU D 252 9.69 48.69 -3.27
C GLU D 252 8.45 49.60 -3.38
N GLY D 253 8.49 50.57 -4.29
CA GLY D 253 7.33 51.40 -4.61
C GLY D 253 6.67 51.05 -5.93
N ALA D 254 7.10 49.95 -6.56
CA ALA D 254 6.61 49.57 -7.87
C ALA D 254 5.28 48.82 -7.77
N GLN D 255 4.46 48.97 -8.81
CA GLN D 255 3.15 48.32 -8.90
C GLN D 255 3.16 47.13 -9.87
N GLY D 256 4.33 46.82 -10.43
CA GLY D 256 4.53 45.65 -11.27
C GLY D 256 6.02 45.34 -11.44
N VAL D 257 6.38 44.06 -11.23
CA VAL D 257 7.78 43.57 -11.28
C VAL D 257 7.84 42.25 -12.07
N LEU D 258 8.99 41.98 -12.69
CA LEU D 258 9.20 40.73 -13.44
C LEU D 258 10.67 40.33 -13.46
N MET D 259 11.01 39.21 -12.82
CA MET D 259 12.41 38.76 -12.79
C MET D 259 12.60 37.42 -13.48
N SER D 260 13.87 37.12 -13.75
CA SER D 260 14.24 35.87 -14.38
C SER D 260 15.70 35.55 -14.08
N ILE D 261 15.93 34.29 -13.71
CA ILE D 261 17.26 33.78 -13.40
C ILE D 261 17.61 32.75 -14.48
N ALA D 262 18.90 32.64 -14.78
CA ALA D 262 19.42 31.59 -15.67
C ALA D 262 20.66 30.94 -15.10
N GLY D 263 21.06 29.84 -15.73
CA GLY D 263 22.15 29.01 -15.27
C GLY D 263 21.98 27.56 -15.66
N GLY D 264 22.73 26.68 -14.99
CA GLY D 264 22.92 25.31 -15.43
C GLY D 264 21.74 24.36 -15.28
N SER D 265 21.98 23.11 -15.67
CA SER D 265 21.07 22.00 -15.37
C SER D 265 21.10 21.68 -13.87
N ASP D 266 22.27 21.81 -13.25
CA ASP D 266 22.44 21.61 -11.79
C ASP D 266 21.68 22.63 -10.89
N LEU D 267 21.19 23.72 -11.48
CA LEU D 267 20.35 24.71 -10.77
C LEU D 267 18.98 24.11 -10.37
N GLY D 268 18.96 23.49 -9.19
CA GLY D 268 17.76 22.85 -8.67
C GLY D 268 16.75 23.85 -8.12
N LEU D 269 15.66 23.30 -7.58
CA LEU D 269 14.55 24.11 -7.09
C LEU D 269 14.87 24.95 -5.87
N PHE D 270 15.89 24.59 -5.06
CA PHE D 270 16.18 25.36 -3.85
C PHE D 270 16.72 26.74 -4.19
N GLU D 271 17.80 26.78 -4.98
CA GLU D 271 18.41 28.04 -5.38
C GLU D 271 17.39 28.95 -6.10
N ILE D 272 16.57 28.36 -6.96
CA ILE D 272 15.53 29.09 -7.71
C ILE D 272 14.40 29.65 -6.82
N ASN D 273 14.08 28.96 -5.73
CA ASN D 273 13.04 29.44 -4.82
C ASN D 273 13.56 30.60 -3.96
N GLU D 274 14.86 30.58 -3.64
CA GLU D 274 15.51 31.59 -2.78
C GLU D 274 15.38 33.02 -3.29
N ALA D 275 15.45 33.19 -4.61
CA ALA D 275 15.29 34.48 -5.27
C ALA D 275 13.84 34.98 -5.19
N ALA D 276 12.91 34.14 -5.65
CA ALA D 276 11.45 34.42 -5.63
C ALA D 276 10.94 34.92 -4.27
N SER D 277 11.59 34.46 -3.20
CA SER D 277 11.31 34.92 -1.83
C SER D 277 11.64 36.40 -1.64
N LEU D 278 12.86 36.79 -2.04
CA LEU D 278 13.36 38.18 -1.88
C LEU D 278 12.46 39.22 -2.53
N VAL D 279 12.14 39.01 -3.80
CA VAL D 279 11.29 39.91 -4.59
C VAL D 279 9.95 40.22 -3.91
N GLN D 280 9.31 39.18 -3.38
CA GLN D 280 8.05 39.37 -2.66
C GLN D 280 8.30 40.02 -1.29
N ASP D 281 9.38 39.65 -0.63
CA ASP D 281 9.77 40.24 0.66
C ASP D 281 10.12 41.76 0.54
N ALA D 282 10.64 42.18 -0.62
CA ALA D 282 11.09 43.58 -0.84
C ALA D 282 10.11 44.46 -1.64
N ALA D 283 9.59 43.95 -2.77
CA ALA D 283 8.66 44.72 -3.62
C ALA D 283 7.38 45.04 -2.89
N HIS D 284 6.59 45.94 -3.49
CA HIS D 284 5.36 46.42 -2.85
C HIS D 284 4.38 45.25 -2.67
N PRO D 285 3.66 45.20 -1.53
CA PRO D 285 2.71 44.09 -1.35
C PRO D 285 1.63 44.03 -2.46
N ASP D 286 1.17 45.20 -2.91
CA ASP D 286 0.08 45.30 -3.87
C ASP D 286 0.66 45.30 -5.30
N ALA D 287 1.25 44.17 -5.70
CA ALA D 287 2.03 44.06 -6.95
C ALA D 287 1.49 42.95 -7.88
N ASN D 288 2.14 42.81 -9.04
CA ASN D 288 1.80 41.79 -10.04
C ASN D 288 3.05 41.03 -10.49
N ILE D 289 3.66 40.29 -9.56
CA ILE D 289 5.02 39.75 -9.79
C ILE D 289 5.02 38.48 -10.61
N ILE D 290 5.69 38.51 -11.77
CA ILE D 290 5.88 37.31 -12.60
C ILE D 290 7.33 36.85 -12.47
N PHE D 291 7.51 35.61 -12.03
CA PHE D 291 8.80 34.97 -11.85
C PHE D 291 9.11 34.07 -13.06
N GLY D 292 10.35 33.62 -13.21
CA GLY D 292 10.69 32.63 -14.25
C GLY D 292 12.12 32.14 -14.21
N THR D 293 12.40 31.09 -14.97
CA THR D 293 13.75 30.49 -15.06
C THR D 293 14.14 30.27 -16.54
N VAL D 294 15.45 30.15 -16.78
CA VAL D 294 16.00 29.98 -18.12
C VAL D 294 17.15 28.98 -18.11
N ILE D 295 17.34 28.30 -19.25
CA ILE D 295 18.52 27.48 -19.51
C ILE D 295 19.61 28.30 -20.24
N ASP D 296 20.83 28.24 -19.71
CA ASP D 296 22.04 28.64 -20.46
C ASP D 296 23.23 27.92 -19.81
N ASP D 297 23.38 26.63 -20.14
CA ASP D 297 24.39 25.77 -19.51
C ASP D 297 25.81 26.19 -19.86
N SER D 298 25.98 26.84 -21.02
CA SER D 298 27.26 27.43 -21.42
C SER D 298 27.52 28.78 -20.72
N LEU D 299 27.49 28.75 -19.38
CA LEU D 299 27.94 29.85 -18.54
C LEU D 299 28.99 29.38 -17.53
N GLY D 300 29.51 28.16 -17.72
CA GLY D 300 30.39 27.52 -16.73
C GLY D 300 29.66 27.18 -15.44
N ASP D 301 30.01 27.90 -14.37
CA ASP D 301 29.39 27.73 -13.04
C ASP D 301 28.59 28.98 -12.60
N GLU D 302 28.40 29.91 -13.53
CA GLU D 302 27.83 31.24 -13.23
C GLU D 302 26.33 31.27 -13.47
N VAL D 303 25.64 32.18 -12.78
CA VAL D 303 24.20 32.36 -12.92
C VAL D 303 23.87 33.82 -13.16
N ARG D 304 22.91 34.08 -14.06
CA ARG D 304 22.47 35.43 -14.40
C ARG D 304 21.08 35.69 -13.83
N VAL D 305 20.87 36.89 -13.29
CA VAL D 305 19.60 37.27 -12.62
C VAL D 305 19.09 38.64 -13.11
N THR D 306 18.27 38.65 -14.16
CA THR D 306 17.74 39.92 -14.68
C THR D 306 16.38 40.24 -14.08
N VAL D 307 16.13 41.52 -13.83
CA VAL D 307 14.93 42.02 -13.16
C VAL D 307 14.36 43.15 -13.97
N ILE D 308 13.04 43.33 -13.96
CA ILE D 308 12.36 44.42 -14.68
C ILE D 308 11.30 45.04 -13.76
N ALA D 309 10.90 46.29 -14.03
CA ALA D 309 9.82 46.96 -13.26
C ALA D 309 9.04 47.98 -14.08
N LEU E 8 -15.75 3.66 20.15
CA LEU E 8 -14.44 3.96 19.49
C LEU E 8 -14.53 5.25 18.70
N ALA E 9 -13.42 6.01 18.71
CA ALA E 9 -13.35 7.30 18.03
C ALA E 9 -13.31 7.07 16.53
N VAL E 10 -14.16 7.81 15.81
CA VAL E 10 -14.34 7.64 14.35
C VAL E 10 -13.79 8.85 13.58
N ILE E 11 -12.54 8.73 13.09
CA ILE E 11 -11.82 9.84 12.44
C ILE E 11 -12.10 9.84 10.96
N LYS E 12 -12.38 11.02 10.40
CA LYS E 12 -12.56 11.20 8.95
C LYS E 12 -11.57 12.24 8.40
N VAL E 13 -10.86 11.87 7.32
CA VAL E 13 -9.85 12.72 6.66
C VAL E 13 -10.29 13.06 5.21
N VAL E 14 -10.81 14.27 5.05
CA VAL E 14 -11.23 14.80 3.75
C VAL E 14 -10.01 15.37 3.05
N GLY E 15 -9.72 14.87 1.85
CA GLY E 15 -8.62 15.37 1.02
C GLY E 15 -9.05 16.11 -0.22
N ILE E 16 -9.44 17.38 -0.07
CA ILE E 16 -10.00 18.19 -1.17
C ILE E 16 -8.92 18.95 -1.95
N GLY E 17 -9.17 19.16 -3.25
CA GLY E 17 -8.20 19.79 -4.15
C GLY E 17 -7.18 18.78 -4.62
N GLY E 18 -6.69 18.92 -5.84
CA GLY E 18 -5.75 17.96 -6.44
C GLY E 18 -4.51 17.63 -5.63
N GLY E 19 -4.06 18.60 -4.83
CA GLY E 19 -2.99 18.40 -3.86
C GLY E 19 -3.52 17.53 -2.73
N GLY E 20 -4.49 18.08 -1.99
CA GLY E 20 -5.21 17.33 -0.95
C GLY E 20 -5.71 15.96 -1.41
N VAL E 21 -6.01 15.83 -2.70
CA VAL E 21 -6.39 14.55 -3.34
C VAL E 21 -5.19 13.63 -3.51
N ASN E 22 -4.05 14.19 -3.91
CA ASN E 22 -2.84 13.37 -4.07
C ASN E 22 -2.14 13.09 -2.72
N ALA E 23 -2.44 13.88 -1.69
CA ALA E 23 -2.06 13.55 -0.33
C ALA E 23 -2.80 12.29 0.12
N VAL E 24 -4.13 12.35 0.21
CA VAL E 24 -4.91 11.18 0.66
C VAL E 24 -4.66 9.93 -0.18
N ASN E 25 -4.11 10.11 -1.38
CA ASN E 25 -3.47 9.01 -2.10
C ASN E 25 -2.24 8.55 -1.34
N ARG E 26 -1.26 9.45 -1.14
CA ARG E 26 -0.02 9.14 -0.40
C ARG E 26 -0.30 8.61 0.99
N MET E 27 -1.31 9.18 1.65
CA MET E 27 -1.76 8.74 2.96
C MET E 27 -2.13 7.25 2.93
N ILE E 28 -3.04 6.91 2.00
CA ILE E 28 -3.42 5.54 1.73
C ILE E 28 -2.16 4.75 1.38
N GLU E 29 -1.48 5.14 0.31
CA GLU E 29 -0.34 4.37 -0.21
C GLU E 29 0.77 4.04 0.80
N GLN E 30 0.76 4.70 1.95
CA GLN E 30 1.55 4.28 3.09
C GLN E 30 0.64 3.97 4.28
N GLY E 31 -0.22 2.97 4.10
CA GLY E 31 -1.03 2.44 5.20
C GLY E 31 -2.04 3.38 5.80
N LEU E 32 -1.60 4.16 6.76
CA LEU E 32 -2.46 4.91 7.69
C LEU E 32 -3.79 4.21 8.03
N LYS E 33 -3.65 3.16 8.82
CA LYS E 33 -4.79 2.39 9.28
C LYS E 33 -5.45 3.20 10.41
N GLY E 34 -6.71 3.58 10.22
CA GLY E 34 -7.39 4.38 11.22
C GLY E 34 -8.65 5.14 10.84
N VAL E 35 -8.76 5.57 9.58
CA VAL E 35 -9.72 6.62 9.20
C VAL E 35 -10.31 6.42 7.79
N GLU E 36 -11.33 7.20 7.47
CA GLU E 36 -11.93 7.25 6.14
C GLU E 36 -11.17 8.24 5.27
N PHE E 37 -10.75 7.81 4.06
CA PHE E 37 -10.07 8.69 3.09
C PHE E 37 -10.95 9.06 1.89
N ILE E 38 -11.51 10.27 1.91
CA ILE E 38 -12.42 10.71 0.86
C ILE E 38 -11.77 11.78 -0.02
N ALA E 39 -11.86 11.59 -1.34
CA ALA E 39 -11.20 12.45 -2.33
C ALA E 39 -12.22 13.30 -3.09
N ILE E 40 -12.44 14.53 -2.59
CA ILE E 40 -13.25 15.54 -3.29
C ILE E 40 -12.39 16.31 -4.30
N ASN E 41 -12.90 16.45 -5.53
CA ASN E 41 -12.27 17.28 -6.59
C ASN E 41 -13.34 17.88 -7.53
N THR E 42 -12.88 18.77 -8.41
CA THR E 42 -13.66 19.30 -9.53
C THR E 42 -13.61 18.37 -10.77
N ASP E 43 -12.38 18.08 -11.25
CA ASP E 43 -12.16 17.30 -12.49
C ASP E 43 -12.40 15.78 -12.31
N ALA E 44 -13.66 15.36 -12.54
CA ALA E 44 -14.09 13.95 -12.35
C ALA E 44 -13.20 12.85 -12.98
N GLN E 45 -12.51 13.17 -14.08
CA GLN E 45 -11.58 12.26 -14.76
C GLN E 45 -10.16 12.26 -14.15
N ALA E 46 -9.81 13.32 -13.41
CA ALA E 46 -8.62 13.29 -12.56
C ALA E 46 -8.69 12.18 -11.48
N LEU E 47 -9.90 11.74 -11.13
CA LEU E 47 -10.14 10.66 -10.15
C LEU E 47 -10.04 9.21 -10.72
N LEU E 48 -9.43 9.08 -11.90
CA LEU E 48 -9.12 7.78 -12.51
C LEU E 48 -7.70 7.25 -12.18
N MET E 49 -6.95 7.97 -11.33
CA MET E 49 -5.80 7.43 -10.61
C MET E 49 -5.98 7.44 -9.08
N SER E 50 -7.01 8.14 -8.57
CA SER E 50 -7.19 8.36 -7.14
C SER E 50 -7.78 7.14 -6.41
N ASP E 51 -6.92 6.37 -5.74
CA ASP E 51 -7.34 5.17 -4.98
C ASP E 51 -7.94 5.65 -3.66
N ALA E 52 -9.25 5.91 -3.63
CA ALA E 52 -9.93 6.51 -2.45
C ALA E 52 -11.14 5.70 -2.01
N ASP E 53 -11.70 6.02 -0.83
CA ASP E 53 -12.90 5.33 -0.34
C ASP E 53 -14.14 5.90 -1.05
N VAL E 54 -14.70 6.99 -0.53
CA VAL E 54 -15.95 7.57 -1.02
C VAL E 54 -15.57 8.87 -1.73
N LYS E 55 -15.24 8.74 -3.01
CA LYS E 55 -14.83 9.89 -3.84
C LYS E 55 -16.01 10.69 -4.45
N LEU E 56 -16.13 11.95 -4.03
CA LEU E 56 -17.16 12.88 -4.51
C LEU E 56 -16.69 13.63 -5.78
N ASP E 57 -17.58 14.41 -6.37
CA ASP E 57 -17.28 15.25 -7.54
C ASP E 57 -18.04 16.57 -7.44
N VAL E 58 -17.33 17.69 -7.57
CA VAL E 58 -17.93 19.04 -7.47
C VAL E 58 -17.33 20.01 -8.51
N GLY E 59 -17.63 19.77 -9.78
CA GLY E 59 -17.12 20.62 -10.88
C GLY E 59 -17.87 20.51 -12.19
N ARG E 60 -17.92 21.63 -12.93
CA ARG E 60 -18.61 21.71 -14.23
C ARG E 60 -18.28 23.01 -14.99
N ALA E 68 -12.41 25.29 -10.03
CA ALA E 68 -11.16 24.89 -10.70
C ALA E 68 -10.57 26.05 -11.52
N GLY E 69 -9.37 25.85 -12.03
CA GLY E 69 -8.66 26.87 -12.79
C GLY E 69 -8.25 28.07 -11.95
N ALA E 70 -7.61 27.78 -10.81
CA ALA E 70 -7.06 28.80 -9.88
C ALA E 70 -8.08 29.83 -9.43
N ASP E 71 -9.32 29.39 -9.22
CA ASP E 71 -10.43 30.27 -8.89
C ASP E 71 -10.99 29.84 -7.54
N PRO E 72 -10.54 30.51 -6.45
CA PRO E 72 -11.06 30.17 -5.11
C PRO E 72 -12.54 30.51 -4.84
N GLU E 73 -13.32 30.91 -5.85
CA GLU E 73 -14.79 31.01 -5.72
C GLU E 73 -15.58 30.01 -6.56
N VAL E 74 -14.99 29.46 -7.64
CA VAL E 74 -15.63 28.38 -8.41
C VAL E 74 -15.51 27.09 -7.61
N GLY E 75 -14.28 26.77 -7.19
CA GLY E 75 -14.01 25.62 -6.30
C GLY E 75 -14.63 25.70 -4.91
N ARG E 76 -14.97 26.92 -4.48
CA ARG E 76 -15.71 27.15 -3.25
C ARG E 76 -17.23 27.10 -3.51
N LYS E 77 -17.70 27.61 -4.65
CA LYS E 77 -19.15 27.60 -4.94
C LYS E 77 -19.66 26.17 -5.06
N ALA E 78 -18.94 25.34 -5.82
CA ALA E 78 -19.29 23.92 -6.01
C ALA E 78 -19.20 23.08 -4.73
N ALA E 79 -18.50 23.59 -3.70
CA ALA E 79 -18.50 22.96 -2.39
C ALA E 79 -19.82 23.19 -1.62
N GLU E 80 -20.24 24.44 -1.43
CA GLU E 80 -21.50 24.75 -0.71
C GLU E 80 -22.74 24.39 -1.50
N ASP E 81 -22.60 24.32 -2.82
CA ASP E 81 -23.63 23.81 -3.73
C ASP E 81 -24.21 22.51 -3.15
N ALA E 82 -23.29 21.57 -2.86
CA ALA E 82 -23.61 20.29 -2.22
C ALA E 82 -23.30 20.33 -0.72
N LYS E 83 -24.07 21.15 0.01
CA LYS E 83 -24.02 21.22 1.48
C LYS E 83 -24.81 20.09 2.18
N ASP E 84 -25.64 19.40 1.42
CA ASP E 84 -26.39 18.24 1.92
C ASP E 84 -25.66 16.93 1.59
N GLU E 85 -25.04 16.86 0.42
CA GLU E 85 -24.29 15.67 0.00
C GLU E 85 -22.95 15.58 0.72
N ILE E 86 -22.48 16.69 1.26
CA ILE E 86 -21.29 16.67 2.12
C ILE E 86 -21.68 16.20 3.53
N GLU E 87 -22.80 16.69 4.07
CA GLU E 87 -23.25 16.36 5.44
C GLU E 87 -23.69 14.88 5.65
N GLU E 88 -23.70 14.06 4.60
CA GLU E 88 -23.92 12.59 4.71
C GLU E 88 -22.65 11.76 4.54
N LEU E 89 -21.54 12.42 4.22
CA LEU E 89 -20.21 11.79 4.25
C LEU E 89 -19.53 12.03 5.60
N LEU E 90 -19.74 13.21 6.18
CA LEU E 90 -19.22 13.55 7.49
C LEU E 90 -20.13 13.08 8.63
N ARG E 91 -21.23 12.39 8.34
CA ARG E 91 -22.07 11.82 9.38
C ARG E 91 -21.30 10.74 10.13
N GLY E 92 -21.30 10.83 11.46
CA GLY E 92 -20.63 9.83 12.32
C GLY E 92 -19.18 10.12 12.69
N ALA E 93 -18.65 11.24 12.22
CA ALA E 93 -17.28 11.63 12.54
C ALA E 93 -17.27 12.28 13.91
N ASP E 94 -16.29 11.88 14.71
CA ASP E 94 -16.06 12.52 16.00
C ASP E 94 -14.96 13.59 15.91
N MET E 95 -14.24 13.60 14.79
CA MET E 95 -13.03 14.41 14.63
C MET E 95 -12.66 14.46 13.15
N VAL E 96 -13.00 15.55 12.46
CA VAL E 96 -12.77 15.66 11.01
C VAL E 96 -11.46 16.41 10.69
N PHE E 97 -10.67 15.80 9.80
CA PHE E 97 -9.47 16.42 9.21
C PHE E 97 -9.74 16.87 7.77
N VAL E 98 -9.77 18.19 7.56
CA VAL E 98 -9.87 18.75 6.21
C VAL E 98 -8.48 19.11 5.70
N THR E 99 -7.92 18.29 4.80
CA THR E 99 -6.59 18.57 4.25
C THR E 99 -6.79 19.20 2.88
N ALA E 100 -5.83 20.02 2.47
CA ALA E 100 -5.88 20.74 1.18
C ALA E 100 -4.55 21.38 0.85
N GLY E 101 -4.30 21.56 -0.45
CA GLY E 101 -3.24 22.43 -0.95
C GLY E 101 -3.79 23.84 -1.13
N GLU E 102 -3.36 24.77 -0.26
CA GLU E 102 -3.81 26.17 -0.34
C GLU E 102 -2.98 26.88 -1.40
N GLY E 103 -3.67 27.34 -2.45
CA GLY E 103 -3.04 27.94 -3.65
C GLY E 103 -3.81 27.77 -4.96
N GLY E 104 -4.59 26.70 -5.08
CA GLY E 104 -5.41 26.46 -6.26
C GLY E 104 -6.72 27.20 -6.16
N GLY E 105 -7.79 26.58 -6.64
CA GLY E 105 -9.17 27.07 -6.47
C GLY E 105 -10.09 26.08 -5.77
N THR E 106 -10.05 24.83 -6.21
CA THR E 106 -10.80 23.73 -5.62
C THR E 106 -10.66 23.67 -4.09
N GLY E 107 -9.44 23.38 -3.62
CA GLY E 107 -9.15 23.20 -2.20
C GLY E 107 -9.03 24.51 -1.45
N THR E 108 -8.49 25.53 -2.10
CA THR E 108 -8.19 26.84 -1.45
C THR E 108 -9.40 27.58 -0.87
N GLY E 109 -10.60 27.27 -1.35
CA GLY E 109 -11.86 27.65 -0.70
C GLY E 109 -12.76 26.47 -0.32
N GLY E 110 -12.44 25.27 -0.83
CA GLY E 110 -13.22 24.05 -0.56
C GLY E 110 -13.25 23.57 0.89
N ALA E 111 -12.11 23.63 1.59
CA ALA E 111 -12.04 23.16 2.99
C ALA E 111 -12.87 24.00 3.98
N PRO E 112 -12.69 25.34 4.00
CA PRO E 112 -13.48 26.16 4.93
C PRO E 112 -14.98 25.87 4.91
N VAL E 113 -15.47 25.35 3.80
CA VAL E 113 -16.83 24.83 3.74
C VAL E 113 -16.88 23.54 4.53
N VAL E 114 -16.10 22.56 4.08
CA VAL E 114 -16.14 21.20 4.62
C VAL E 114 -16.01 21.31 6.14
N ALA E 115 -14.95 21.97 6.59
CA ALA E 115 -14.72 22.24 8.01
C ALA E 115 -15.99 22.70 8.75
N SER E 116 -16.54 23.83 8.33
CA SER E 116 -17.68 24.46 9.03
C SER E 116 -18.95 23.60 9.05
N ILE E 117 -19.12 22.72 8.05
CA ILE E 117 -20.16 21.69 8.08
C ILE E 117 -19.82 20.71 9.20
N ALA E 118 -18.64 20.09 9.11
CA ALA E 118 -18.17 19.18 10.15
C ALA E 118 -18.21 19.79 11.55
N ARG E 119 -18.18 21.12 11.63
CA ARG E 119 -18.42 21.85 12.87
C ARG E 119 -19.88 21.88 13.30
N LYS E 120 -20.82 22.04 12.36
CA LYS E 120 -22.26 21.88 12.67
C LYS E 120 -22.56 20.54 13.38
N LEU E 121 -21.82 19.50 13.00
CA LEU E 121 -21.99 18.16 13.58
C LEU E 121 -21.40 18.04 15.00
N GLY E 122 -20.65 19.04 15.45
CA GLY E 122 -19.98 19.02 16.75
C GLY E 122 -18.60 18.36 16.76
N ALA E 123 -18.10 17.96 15.57
CA ALA E 123 -16.88 17.15 15.48
C ALA E 123 -15.61 17.97 15.74
N LEU E 124 -14.59 17.28 16.30
CA LEU E 124 -13.28 17.88 16.51
C LEU E 124 -12.62 18.14 15.16
N THR E 125 -12.83 19.35 14.65
CA THR E 125 -12.40 19.71 13.31
C THR E 125 -10.95 20.24 13.30
N VAL E 126 -10.03 19.52 12.65
CA VAL E 126 -8.59 19.85 12.67
C VAL E 126 -8.01 19.87 11.26
N GLY E 127 -7.95 21.05 10.65
CA GLY E 127 -7.45 21.19 9.28
C GLY E 127 -5.94 21.08 9.19
N VAL E 128 -5.42 20.31 8.24
CA VAL E 128 -3.97 20.19 8.04
C VAL E 128 -3.63 20.46 6.60
N VAL E 129 -3.04 21.62 6.32
CA VAL E 129 -2.95 22.18 4.96
C VAL E 129 -1.57 22.80 4.65
N THR E 130 -1.26 22.92 3.36
CA THR E 130 0.08 23.34 2.90
C THR E 130 0.11 24.71 2.14
N ARG E 131 0.93 25.64 2.64
CA ARG E 131 1.26 26.90 1.93
C ARG E 131 2.04 26.63 0.66
N PRO E 132 1.79 27.41 -0.41
CA PRO E 132 2.34 27.16 -1.74
C PRO E 132 3.78 27.57 -1.82
N PHE E 133 4.56 26.91 -2.70
CA PHE E 133 5.99 27.22 -2.81
C PHE E 133 6.16 28.70 -3.14
N SER E 134 7.25 29.30 -2.68
CA SER E 134 7.50 30.71 -3.02
C SER E 134 7.51 30.91 -4.53
N PHE E 135 8.16 30.00 -5.27
CA PHE E 135 8.25 30.11 -6.73
C PHE E 135 6.92 30.00 -7.52
N GLU E 136 5.80 29.88 -6.82
CA GLU E 136 4.50 29.83 -7.44
C GLU E 136 4.00 31.24 -7.73
N GLY E 137 4.65 32.24 -7.11
CA GLY E 137 4.40 33.62 -7.45
C GLY E 137 3.28 34.23 -6.63
N LYS E 138 3.39 35.56 -6.45
CA LYS E 138 2.51 36.40 -5.60
C LYS E 138 1.01 36.02 -5.57
N ARG E 139 0.41 35.89 -6.76
CA ARG E 139 -1.04 35.68 -6.89
C ARG E 139 -1.47 34.33 -6.35
N ARG E 140 -0.67 33.30 -6.59
CA ARG E 140 -0.93 31.99 -5.99
C ARG E 140 -0.68 32.05 -4.47
N SER E 141 0.48 32.58 -4.08
CA SER E 141 0.82 32.85 -2.67
C SER E 141 -0.23 33.69 -1.94
N ASN E 142 -0.82 34.66 -2.64
CA ASN E 142 -1.86 35.54 -2.06
C ASN E 142 -3.14 34.81 -1.73
N GLN E 143 -3.74 34.22 -2.76
CA GLN E 143 -5.02 33.53 -2.62
C GLN E 143 -4.88 32.29 -1.76
N ALA E 144 -3.67 31.74 -1.67
CA ALA E 144 -3.35 30.67 -0.73
C ALA E 144 -3.53 31.09 0.72
N GLU E 145 -2.77 32.10 1.13
CA GLU E 145 -2.79 32.54 2.53
C GLU E 145 -4.14 33.18 2.93
N ASN E 146 -4.89 33.70 1.94
CA ASN E 146 -6.24 34.16 2.20
C ASN E 146 -7.14 33.00 2.65
N GLY E 147 -7.12 31.91 1.90
CA GLY E 147 -7.95 30.73 2.22
C GLY E 147 -7.73 30.14 3.61
N ILE E 148 -6.57 30.41 4.19
CA ILE E 148 -6.25 30.01 5.56
C ILE E 148 -7.07 30.76 6.61
N ALA E 149 -7.19 32.07 6.47
CA ALA E 149 -7.93 32.87 7.44
C ALA E 149 -9.39 32.40 7.58
N ALA E 150 -10.04 32.10 6.46
CA ALA E 150 -11.43 31.61 6.49
C ALA E 150 -11.53 30.23 7.16
N LEU E 151 -10.59 29.36 6.80
CA LEU E 151 -10.44 28.02 7.41
C LEU E 151 -10.31 28.07 8.95
N ARG E 152 -9.57 29.06 9.47
CA ARG E 152 -9.39 29.24 10.92
C ARG E 152 -10.70 29.28 11.71
N GLU E 153 -11.65 30.12 11.31
CA GLU E 153 -12.97 30.17 12.00
C GLU E 153 -13.79 28.90 11.78
N SER E 154 -13.57 28.21 10.67
CA SER E 154 -14.33 27.02 10.33
C SER E 154 -14.05 25.89 11.31
N CYS E 155 -12.78 25.49 11.39
CA CYS E 155 -12.37 24.31 12.16
C CYS E 155 -11.66 24.63 13.47
N ASP E 156 -11.90 23.78 14.48
CA ASP E 156 -11.39 23.95 15.84
C ASP E 156 -9.92 24.41 15.89
N THR E 157 -8.99 23.56 15.43
CA THR E 157 -7.57 23.94 15.29
C THR E 157 -7.11 23.57 13.91
N LEU E 158 -6.22 24.39 13.32
CA LEU E 158 -5.65 24.10 12.00
C LEU E 158 -4.14 24.27 11.91
N ILE E 159 -3.53 23.44 11.05
CA ILE E 159 -2.09 23.40 10.90
C ILE E 159 -1.72 23.75 9.48
N VAL E 160 -1.21 24.96 9.32
CA VAL E 160 -0.63 25.41 8.08
C VAL E 160 0.80 24.91 8.05
N ILE E 161 1.19 24.24 6.96
CA ILE E 161 2.59 23.80 6.77
C ILE E 161 3.17 24.63 5.65
N PRO E 162 4.38 25.17 5.81
CA PRO E 162 4.98 25.92 4.71
C PRO E 162 5.99 25.11 3.90
N ASN E 163 5.54 24.44 2.83
CA ASN E 163 6.47 23.64 1.99
C ASN E 163 7.55 24.50 1.31
N ASP E 164 7.31 25.81 1.31
CA ASP E 164 8.36 26.80 1.11
C ASP E 164 9.52 26.55 2.07
N ARG E 165 9.21 26.44 3.37
CA ARG E 165 10.23 26.17 4.39
C ARG E 165 10.78 24.75 4.33
N LEU E 166 9.98 23.79 3.86
CA LEU E 166 10.45 22.41 3.67
C LEU E 166 11.81 22.32 2.99
N LEU E 167 11.95 22.97 1.84
CA LEU E 167 13.10 22.75 0.96
C LEU E 167 14.43 23.28 1.52
N GLN E 168 15.53 22.64 1.11
CA GLN E 168 16.87 22.86 1.67
C GLN E 168 17.96 22.63 0.60
N MET E 169 19.15 23.24 0.79
CA MET E 169 20.31 22.95 -0.08
C MET E 169 21.08 21.68 0.33
N GLY E 170 20.67 21.04 1.43
CA GLY E 170 21.05 19.66 1.72
C GLY E 170 20.58 18.64 0.67
N ASP E 171 19.73 19.09 -0.26
CA ASP E 171 19.39 18.35 -1.48
C ASP E 171 20.33 18.75 -2.62
N ALA E 172 20.79 17.76 -3.38
CA ALA E 172 21.75 17.98 -4.48
C ALA E 172 21.07 18.67 -5.65
N ALA E 173 20.00 18.06 -6.14
CA ALA E 173 19.20 18.61 -7.23
C ALA E 173 17.82 17.97 -7.27
N VAL E 174 16.87 18.53 -6.51
CA VAL E 174 15.46 18.12 -6.55
C VAL E 174 14.74 18.59 -7.81
N SER E 175 13.51 18.10 -8.02
CA SER E 175 12.70 18.43 -9.22
C SER E 175 11.24 18.73 -8.84
N LEU E 176 10.38 18.96 -9.85
CA LEU E 176 8.99 19.40 -9.61
C LEU E 176 8.09 18.32 -9.06
N MET E 177 8.12 17.17 -9.72
CA MET E 177 7.40 15.99 -9.25
C MET E 177 7.89 15.75 -7.82
N ASP E 178 9.21 15.57 -7.68
CA ASP E 178 9.87 15.17 -6.41
C ASP E 178 9.69 16.12 -5.22
N ALA E 179 9.17 17.32 -5.43
CA ALA E 179 8.88 18.25 -4.34
C ALA E 179 7.46 18.06 -3.80
N PHE E 180 6.47 18.06 -4.68
CA PHE E 180 5.07 17.83 -4.27
C PHE E 180 4.84 16.44 -3.72
N ARG E 181 5.81 15.54 -3.93
CA ARG E 181 5.91 14.32 -3.15
C ARG E 181 6.10 14.69 -1.68
N SER E 182 7.14 15.46 -1.39
CA SER E 182 7.44 15.85 0.00
C SER E 182 6.30 16.62 0.69
N ALA E 183 5.48 17.32 -0.09
CA ALA E 183 4.29 18.01 0.45
C ALA E 183 3.15 17.04 0.80
N ASP E 184 3.07 15.93 0.10
CA ASP E 184 2.16 14.87 0.52
C ASP E 184 2.67 14.41 1.88
N GLU E 185 3.93 13.96 1.90
CA GLU E 185 4.58 13.45 3.12
C GLU E 185 4.28 14.38 4.28
N VAL E 186 4.67 15.65 4.17
CA VAL E 186 4.48 16.58 5.29
C VAL E 186 3.00 16.73 5.67
N LEU E 187 2.08 16.58 4.72
CA LEU E 187 0.64 16.56 5.04
C LEU E 187 0.21 15.29 5.76
N LEU E 188 0.79 14.15 5.32
CA LEU E 188 0.57 12.83 5.95
C LEU E 188 1.09 12.73 7.39
N ASN E 189 2.35 13.14 7.58
CA ASN E 189 2.96 13.10 8.91
C ASN E 189 2.25 13.99 9.92
N GLY E 190 1.75 15.13 9.46
CA GLY E 190 0.96 16.03 10.28
C GLY E 190 -0.36 15.49 10.79
N VAL E 191 -0.97 14.56 10.06
CA VAL E 191 -2.20 13.93 10.54
C VAL E 191 -1.81 12.74 11.41
N GLN E 192 -0.92 11.87 10.92
CA GLN E 192 -0.36 10.79 11.76
C GLN E 192 0.12 11.28 13.15
N GLY E 193 0.44 12.56 13.26
CA GLY E 193 0.80 13.16 14.53
C GLY E 193 -0.30 13.00 15.54
N ILE E 194 -1.52 13.22 15.09
CA ILE E 194 -2.69 13.29 15.96
C ILE E 194 -3.62 12.09 15.75
N THR E 195 -3.20 11.11 14.94
CA THR E 195 -4.07 10.02 14.51
C THR E 195 -3.65 8.70 15.13
N ASP E 196 -2.43 8.24 14.85
CA ASP E 196 -1.92 6.95 15.36
C ASP E 196 -1.81 6.85 16.92
N LEU E 197 -1.98 7.96 17.64
CA LEU E 197 -2.25 7.90 19.09
C LEU E 197 -3.68 7.50 19.40
N ILE E 198 -4.61 7.96 18.58
CA ILE E 198 -6.00 7.59 18.73
C ILE E 198 -6.28 6.25 18.07
N THR E 199 -5.64 5.97 16.92
CA THR E 199 -5.99 4.78 16.13
C THR E 199 -5.18 3.56 16.51
N THR E 200 -3.89 3.55 16.20
CA THR E 200 -3.08 2.36 16.44
C THR E 200 -2.00 2.71 17.42
N PRO E 201 -2.41 3.07 18.65
CA PRO E 201 -1.42 3.38 19.65
C PRO E 201 -0.75 2.15 20.25
N GLY E 202 0.19 2.45 21.15
CA GLY E 202 0.89 1.47 21.99
C GLY E 202 0.94 1.90 23.45
N LEU E 203 2.11 1.70 24.09
CA LEU E 203 2.28 1.69 25.58
C LEU E 203 1.55 2.75 26.40
N ILE E 204 1.85 4.03 26.17
CA ILE E 204 1.23 5.09 26.97
C ILE E 204 -0.21 5.28 26.51
N ASN E 205 -1.11 5.34 27.49
CA ASN E 205 -2.52 5.46 27.24
C ASN E 205 -2.81 6.92 26.97
N VAL E 206 -3.22 7.23 25.73
CA VAL E 206 -3.77 8.54 25.37
C VAL E 206 -5.27 8.38 25.24
N ASP E 207 -6.01 9.31 25.82
CA ASP E 207 -7.46 9.33 25.67
C ASP E 207 -7.78 10.28 24.53
N PHE E 208 -8.83 9.96 23.78
CA PHE E 208 -9.34 10.86 22.75
C PHE E 208 -9.80 12.19 23.35
N ALA E 209 -10.34 12.14 24.56
CA ALA E 209 -10.80 13.34 25.27
C ALA E 209 -9.65 14.25 25.70
N ASP E 210 -8.43 13.71 25.79
CA ASP E 210 -7.20 14.52 25.96
C ASP E 210 -6.86 15.25 24.66
N VAL E 211 -6.80 14.49 23.57
CA VAL E 211 -6.65 15.05 22.23
C VAL E 211 -7.68 16.16 22.02
N LYS E 212 -8.95 15.87 22.34
CA LYS E 212 -10.02 16.88 22.27
C LYS E 212 -9.62 18.11 23.07
N GLY E 213 -9.24 17.91 24.33
CA GLY E 213 -8.87 18.99 25.24
C GLY E 213 -7.76 19.88 24.71
N ILE E 214 -6.75 19.25 24.11
CA ILE E 214 -5.60 19.97 23.55
C ILE E 214 -5.86 20.63 22.20
N MET E 215 -6.74 20.04 21.38
CA MET E 215 -6.99 20.46 19.98
C MET E 215 -8.20 21.35 19.83
N SER E 216 -9.34 20.90 20.34
CA SER E 216 -10.61 21.63 20.27
C SER E 216 -10.48 23.10 20.72
N GLY E 217 -10.44 24.00 19.74
CA GLY E 217 -10.55 25.43 19.99
C GLY E 217 -9.21 26.13 20.16
N ALA E 218 -8.13 25.43 19.83
CA ALA E 218 -6.77 25.95 20.01
C ALA E 218 -6.38 27.11 19.08
N GLY E 219 -7.14 27.33 18.00
CA GLY E 219 -6.83 28.38 17.03
C GLY E 219 -5.70 27.95 16.12
N THR E 220 -4.70 28.82 15.95
CA THR E 220 -3.54 28.50 15.10
C THR E 220 -2.68 27.41 15.74
N ALA E 221 -2.31 26.42 14.94
CA ALA E 221 -1.42 25.36 15.39
C ALA E 221 -0.26 25.27 14.45
N LEU E 222 0.74 24.50 14.87
CA LEU E 222 1.97 24.28 14.12
C LEU E 222 2.38 22.88 14.40
N MET E 223 3.06 22.24 13.45
CA MET E 223 3.51 20.85 13.61
C MET E 223 5.02 20.82 13.52
N GLY E 224 5.58 19.62 13.57
CA GLY E 224 7.03 19.41 13.44
C GLY E 224 7.45 17.98 13.76
N ILE E 225 8.04 17.29 12.78
CA ILE E 225 8.57 15.94 13.01
C ILE E 225 10.08 15.93 13.12
N GLY E 226 10.57 14.81 13.65
CA GLY E 226 11.97 14.49 13.72
C GLY E 226 12.12 12.99 13.97
N SER E 227 12.76 12.28 13.04
CA SER E 227 13.22 10.89 13.28
C SER E 227 14.63 10.86 13.82
N ALA E 228 14.92 9.95 14.74
CA ALA E 228 16.32 9.61 14.98
C ALA E 228 16.53 8.16 15.38
N ARG E 229 17.80 7.80 15.43
CA ARG E 229 18.28 6.42 15.63
C ARG E 229 19.64 6.49 16.32
N GLY E 230 20.05 5.41 17.01
CA GLY E 230 21.39 5.32 17.64
C GLY E 230 21.37 5.70 19.10
N GLU E 231 22.53 5.94 19.72
CA GLU E 231 22.57 6.24 21.17
C GLU E 231 21.84 7.57 21.52
N GLY E 232 20.84 7.50 22.40
CA GLY E 232 19.97 8.63 22.69
C GLY E 232 18.92 8.93 21.61
N ARG E 233 18.58 7.92 20.81
CA ARG E 233 17.69 8.10 19.65
C ARG E 233 16.49 8.97 19.97
N SER E 234 15.70 8.58 20.97
CA SER E 234 14.50 9.35 21.32
C SER E 234 14.83 10.84 21.49
N LEU E 235 15.89 11.13 22.26
CA LEU E 235 16.39 12.52 22.44
C LEU E 235 16.74 13.14 21.08
N LYS E 236 17.61 12.47 20.33
CA LYS E 236 18.02 12.93 18.99
C LYS E 236 16.84 13.25 18.11
N ALA E 237 15.82 12.39 18.17
CA ALA E 237 14.60 12.52 17.38
C ALA E 237 13.71 13.70 17.84
N ALA E 238 13.76 13.98 19.14
CA ALA E 238 12.92 15.00 19.76
C ALA E 238 13.41 16.43 19.51
N GLU E 239 14.72 16.62 19.66
CA GLU E 239 15.34 17.91 19.38
C GLU E 239 15.06 18.29 17.94
N ILE E 240 15.37 17.39 17.01
CA ILE E 240 15.22 17.74 15.58
C ILE E 240 13.78 18.04 15.22
N ALA E 241 12.85 17.42 15.92
CA ALA E 241 11.44 17.68 15.76
C ALA E 241 11.00 19.04 16.25
N ILE E 242 11.51 19.44 17.43
CA ILE E 242 11.18 20.77 17.98
C ILE E 242 12.04 21.90 17.45
N ASN E 243 13.14 21.58 16.76
CA ASN E 243 13.93 22.57 16.02
C ASN E 243 13.68 22.51 14.50
N SER E 244 12.89 21.55 14.01
CA SER E 244 12.72 21.40 12.57
C SER E 244 12.07 22.65 11.99
N PRO E 245 12.58 23.15 10.84
CA PRO E 245 12.01 24.29 10.14
C PRO E 245 10.50 24.55 10.36
N LEU E 246 9.68 23.52 10.16
CA LEU E 246 8.21 23.60 10.28
C LEU E 246 7.72 24.32 11.55
N LEU E 247 8.36 24.05 12.67
CA LEU E 247 8.00 24.64 13.95
C LEU E 247 8.41 26.12 14.09
N GLU E 248 9.40 26.54 13.30
CA GLU E 248 9.90 27.92 13.32
C GLU E 248 9.99 28.49 14.72
N ALA E 249 10.81 27.83 15.55
CA ALA E 249 11.15 28.26 16.93
C ALA E 249 10.05 29.09 17.63
N SER E 250 8.85 28.55 17.65
CA SER E 250 7.73 29.07 18.42
C SER E 250 7.20 27.96 19.32
N MET E 251 8.14 27.24 19.93
CA MET E 251 7.83 26.21 20.89
C MET E 251 7.44 26.86 22.22
N GLU E 252 8.26 27.80 22.70
CA GLU E 252 7.95 28.56 23.93
C GLU E 252 6.67 29.39 23.87
N GLY E 253 6.18 29.70 22.66
CA GLY E 253 4.86 30.30 22.50
C GLY E 253 3.71 29.31 22.66
N ALA E 254 4.02 28.01 22.44
CA ALA E 254 3.03 26.92 22.49
C ALA E 254 2.48 26.72 23.89
N GLN E 255 1.25 27.17 24.10
CA GLN E 255 0.56 26.99 25.36
C GLN E 255 0.06 25.55 25.54
N GLY E 256 -0.07 24.80 24.43
CA GLY E 256 -0.43 23.37 24.47
C GLY E 256 0.21 22.54 23.37
N VAL E 257 1.02 21.55 23.78
CA VAL E 257 1.79 20.68 22.86
C VAL E 257 1.17 19.28 22.75
N LEU E 258 1.50 18.52 21.70
CA LEU E 258 0.96 17.17 21.56
C LEU E 258 1.99 16.20 20.98
N MET E 259 2.80 15.60 21.85
CA MET E 259 3.83 14.61 21.46
C MET E 259 3.24 13.32 20.88
N SER E 260 4.07 12.50 20.23
CA SER E 260 3.58 11.30 19.55
C SER E 260 4.74 10.46 19.02
N ILE E 261 5.51 9.94 19.96
CA ILE E 261 6.74 9.20 19.60
C ILE E 261 6.37 7.79 19.09
N ALA E 262 6.86 7.43 17.91
CA ALA E 262 6.59 6.11 17.32
C ALA E 262 7.83 5.23 17.35
N GLY E 263 7.74 4.06 16.74
CA GLY E 263 8.81 3.06 16.75
C GLY E 263 8.24 1.66 16.84
N GLY E 264 9.13 0.69 16.94
CA GLY E 264 8.72 -0.66 17.28
C GLY E 264 8.10 -0.79 18.66
N SER E 265 8.26 -1.98 19.24
CA SER E 265 7.67 -2.34 20.51
C SER E 265 8.75 -2.54 21.55
N ASP E 266 10.00 -2.26 21.19
CA ASP E 266 11.10 -2.42 22.15
C ASP E 266 11.14 -1.17 23.01
N LEU E 267 10.65 -0.07 22.43
CA LEU E 267 10.73 1.29 23.00
C LEU E 267 10.55 1.32 24.48
N GLY E 268 11.68 1.17 25.16
CA GLY E 268 11.80 1.34 26.61
C GLY E 268 11.24 2.66 27.11
N LEU E 269 10.67 2.60 28.31
CA LEU E 269 9.84 3.66 28.87
C LEU E 269 10.69 4.89 29.17
N PHE E 270 11.95 4.67 29.57
CA PHE E 270 12.94 5.73 29.83
C PHE E 270 13.05 6.62 28.60
N GLU E 271 13.43 6.00 27.48
CA GLU E 271 13.43 6.66 26.17
C GLU E 271 12.28 7.61 26.08
N ILE E 272 11.09 7.04 26.23
CA ILE E 272 9.85 7.73 26.07
C ILE E 272 9.80 8.96 26.96
N ASN E 273 10.25 8.82 28.22
CA ASN E 273 10.20 9.94 29.19
C ASN E 273 11.08 11.11 28.74
N GLU E 274 12.37 10.84 28.65
CA GLU E 274 13.36 11.84 28.23
C GLU E 274 13.02 12.57 26.93
N ALA E 275 12.41 11.85 25.99
CA ALA E 275 11.87 12.47 24.79
C ALA E 275 10.97 13.56 25.21
N ALA E 276 10.03 13.22 26.10
CA ALA E 276 8.99 14.16 26.55
C ALA E 276 9.41 15.31 27.52
N SER E 277 10.21 14.97 28.54
CA SER E 277 10.88 15.97 29.38
C SER E 277 11.76 16.94 28.61
N LEU E 278 12.38 16.49 27.52
CA LEU E 278 13.03 17.42 26.62
C LEU E 278 12.00 18.31 25.92
N VAL E 279 10.89 17.74 25.46
CA VAL E 279 9.84 18.52 24.82
C VAL E 279 9.15 19.42 25.84
N GLN E 280 9.06 18.98 27.09
CA GLN E 280 8.57 19.83 28.17
C GLN E 280 9.54 21.02 28.25
N ASP E 281 10.82 20.71 28.50
CA ASP E 281 11.90 21.72 28.61
C ASP E 281 12.16 22.32 27.23
N ALA E 282 11.21 23.14 26.77
CA ALA E 282 11.12 23.59 25.38
C ALA E 282 9.77 24.27 25.22
N ALA E 283 8.72 23.62 25.69
CA ALA E 283 7.38 24.19 25.67
C ALA E 283 7.15 25.23 26.76
N HIS E 284 6.23 26.16 26.49
CA HIS E 284 5.85 27.24 27.43
C HIS E 284 5.69 26.68 28.84
N PRO E 285 6.27 27.37 29.85
CA PRO E 285 6.43 26.85 31.22
C PRO E 285 5.17 26.31 31.91
N ASP E 286 4.00 26.89 31.62
CA ASP E 286 2.73 26.23 31.91
C ASP E 286 2.50 25.20 30.79
N ALA E 287 3.31 24.15 30.86
CA ALA E 287 3.40 23.16 29.80
C ALA E 287 2.16 22.25 29.89
N ASN E 288 1.22 22.49 28.97
CA ASN E 288 -0.05 21.74 28.90
C ASN E 288 0.02 20.52 27.95
N ILE E 289 1.12 19.77 28.01
CA ILE E 289 1.40 18.75 27.00
C ILE E 289 0.70 17.40 27.28
N ILE E 290 0.80 16.50 26.31
CA ILE E 290 0.19 15.16 26.34
C ILE E 290 1.21 14.22 25.72
N PHE E 291 1.22 13.00 26.19
CA PHE E 291 2.43 12.21 26.13
C PHE E 291 2.53 11.44 24.83
N GLY E 292 1.62 10.47 24.62
CA GLY E 292 1.49 9.70 23.37
C GLY E 292 2.60 8.75 22.92
N THR E 293 2.24 7.52 22.56
CA THR E 293 3.20 6.58 21.99
C THR E 293 2.53 5.69 20.99
N VAL E 294 3.24 5.39 19.88
CA VAL E 294 2.73 4.58 18.76
C VAL E 294 3.55 3.29 18.50
N ILE E 295 2.82 2.26 18.06
CA ILE E 295 3.33 0.92 17.80
C ILE E 295 3.53 0.81 16.29
N ASP E 296 4.77 0.56 15.87
CA ASP E 296 5.07 0.31 14.46
C ASP E 296 6.49 -0.27 14.28
N ASP E 297 6.61 -1.59 14.35
CA ASP E 297 7.93 -2.27 14.22
C ASP E 297 8.52 -2.10 12.83
N SER E 298 7.73 -1.62 11.86
CA SER E 298 8.31 -1.22 10.59
C SER E 298 9.47 -0.26 10.80
N LEU E 299 9.30 0.69 11.71
CA LEU E 299 10.34 1.70 11.97
C LEU E 299 11.68 1.02 12.12
N GLY E 300 11.67 -0.12 12.79
CA GLY E 300 12.89 -0.91 12.95
C GLY E 300 13.60 -0.38 14.16
N ASP E 301 14.82 0.09 13.99
CA ASP E 301 15.56 0.62 15.13
C ASP E 301 15.64 2.14 15.15
N GLU E 302 14.62 2.83 14.67
CA GLU E 302 14.47 4.29 14.86
C GLU E 302 13.15 4.61 15.57
N VAL E 303 12.89 5.90 15.81
CA VAL E 303 11.66 6.39 16.47
C VAL E 303 11.29 7.75 15.92
N ARG E 304 10.07 7.94 15.45
CA ARG E 304 9.69 9.24 14.88
C ARG E 304 8.95 9.98 15.95
N VAL E 305 9.65 10.93 16.57
CA VAL E 305 8.98 11.93 17.40
C VAL E 305 8.23 12.91 16.51
N THR E 306 7.07 13.36 16.97
CA THR E 306 6.32 14.40 16.29
C THR E 306 5.71 15.30 17.33
N VAL E 307 5.63 16.61 17.04
CA VAL E 307 5.28 17.60 18.06
C VAL E 307 4.25 18.59 17.56
N ILE E 308 3.07 18.66 18.14
CA ILE E 308 2.08 19.60 17.61
C ILE E 308 1.84 20.77 18.54
N ALA E 309 2.53 21.86 18.22
CA ALA E 309 2.45 23.11 18.96
C ALA E 309 1.17 23.84 18.61
N ALA E 310 0.28 23.97 19.59
CA ALA E 310 -1.03 24.58 19.40
C ALA E 310 -1.27 25.64 20.45
N GLY E 311 -2.12 26.61 20.12
CA GLY E 311 -2.54 27.63 21.10
C GLY E 311 -1.45 28.65 21.42
N PHE E 312 -1.42 29.72 20.64
CA PHE E 312 -0.47 30.82 20.78
C PHE E 312 -1.23 32.10 21.11
N LEU F 8 49.24 -11.87 6.73
CA LEU F 8 48.36 -10.66 6.75
C LEU F 8 47.65 -10.54 8.11
N ALA F 9 47.15 -9.34 8.39
CA ALA F 9 46.55 -8.99 9.68
C ALA F 9 45.06 -9.35 9.82
N VAL F 10 44.78 -10.03 10.92
CA VAL F 10 43.44 -10.44 11.26
C VAL F 10 42.86 -9.29 12.05
N ILE F 11 41.85 -8.61 11.49
CA ILE F 11 41.31 -7.39 12.13
C ILE F 11 39.80 -7.45 12.32
N LYS F 12 39.39 -7.33 13.58
CA LYS F 12 37.99 -7.39 13.97
C LYS F 12 37.48 -6.00 14.34
N VAL F 13 36.23 -5.73 13.99
CA VAL F 13 35.58 -4.45 14.29
C VAL F 13 34.26 -4.68 15.04
N VAL F 14 34.33 -4.63 16.38
CA VAL F 14 33.15 -4.74 17.22
C VAL F 14 32.37 -3.42 17.19
N GLY F 15 31.04 -3.55 17.13
CA GLY F 15 30.11 -2.45 17.39
C GLY F 15 29.16 -2.77 18.54
N ILE F 16 29.57 -2.48 19.78
CA ILE F 16 28.71 -2.68 20.98
C ILE F 16 27.80 -1.46 21.21
N GLY F 17 26.51 -1.72 21.39
CA GLY F 17 25.50 -0.68 21.58
C GLY F 17 24.88 -0.29 20.26
N GLY F 18 23.60 0.03 20.29
CA GLY F 18 22.90 0.62 19.15
C GLY F 18 23.65 1.75 18.43
N GLY F 19 24.50 2.48 19.14
CA GLY F 19 25.44 3.41 18.50
C GLY F 19 26.53 2.66 17.73
N GLY F 20 27.34 1.90 18.45
CA GLY F 20 28.38 1.04 17.85
C GLY F 20 27.88 0.08 16.76
N VAL F 21 26.65 -0.41 16.91
CA VAL F 21 26.00 -1.23 15.88
C VAL F 21 25.70 -0.41 14.61
N ASN F 22 25.16 0.80 14.76
CA ASN F 22 24.82 1.68 13.63
C ASN F 22 26.09 2.30 13.00
N ALA F 23 27.16 2.32 13.78
CA ALA F 23 28.46 2.71 13.27
C ALA F 23 28.94 1.69 12.22
N VAL F 24 29.25 0.44 12.60
CA VAL F 24 29.73 -0.54 11.63
C VAL F 24 28.83 -0.69 10.44
N ASN F 25 27.57 -0.31 10.57
CA ASN F 25 26.67 -0.26 9.42
C ASN F 25 27.09 0.74 8.37
N ARG F 26 27.23 2.02 8.76
CA ARG F 26 27.77 3.07 7.88
C ARG F 26 29.18 2.73 7.36
N MET F 27 29.96 2.00 8.16
CA MET F 27 31.23 1.44 7.71
C MET F 27 30.99 0.30 6.70
N ILE F 28 29.79 0.22 6.10
CA ILE F 28 29.48 -0.72 5.04
C ILE F 28 28.81 -0.01 3.86
N GLU F 29 27.85 0.88 4.10
CA GLU F 29 27.33 1.80 3.08
C GLU F 29 28.45 2.54 2.33
N GLN F 30 29.65 2.59 2.91
CA GLN F 30 30.88 3.00 2.21
C GLN F 30 31.97 1.88 2.19
N GLY F 31 31.55 0.66 1.87
CA GLY F 31 32.39 -0.54 1.67
C GLY F 31 33.85 -0.62 2.10
N LEU F 32 34.07 -0.54 3.40
CA LEU F 32 35.38 -0.85 4.02
C LEU F 32 35.80 -2.32 3.74
N LYS F 33 37.12 -2.58 3.76
CA LYS F 33 37.68 -3.88 3.35
C LYS F 33 38.69 -4.39 4.36
N GLY F 34 38.98 -5.69 4.32
CA GLY F 34 40.02 -6.29 5.18
C GLY F 34 39.65 -6.50 6.64
N VAL F 35 38.36 -6.38 6.94
CA VAL F 35 37.86 -6.44 8.33
C VAL F 35 36.52 -7.19 8.51
N GLU F 36 36.51 -8.11 9.48
CA GLU F 36 35.31 -8.80 9.94
C GLU F 36 34.52 -7.87 10.87
N PHE F 37 33.31 -7.47 10.47
CA PHE F 37 32.44 -6.68 11.34
C PHE F 37 31.62 -7.57 12.31
N ILE F 38 31.69 -7.27 13.61
CA ILE F 38 31.06 -8.12 14.64
C ILE F 38 30.20 -7.30 15.58
N ALA F 39 28.88 -7.25 15.26
CA ALA F 39 27.91 -6.45 16.05
C ALA F 39 27.59 -7.16 17.38
N ILE F 40 27.34 -6.35 18.41
CA ILE F 40 26.90 -6.82 19.70
C ILE F 40 25.78 -5.88 20.12
N ASN F 41 24.62 -6.44 20.47
CA ASN F 41 23.53 -5.64 21.05
C ASN F 41 22.68 -6.57 21.93
N THR F 42 21.63 -6.05 22.56
CA THR F 42 20.81 -6.85 23.47
C THR F 42 19.53 -7.35 22.81
N ASP F 43 18.89 -6.52 21.98
CA ASP F 43 17.67 -6.94 21.26
C ASP F 43 17.93 -7.17 19.77
N ALA F 44 17.39 -8.28 19.25
CA ALA F 44 17.72 -8.79 17.92
C ALA F 44 16.90 -8.20 16.76
N GLN F 45 16.10 -7.18 17.01
CA GLN F 45 15.55 -6.34 15.94
C GLN F 45 16.57 -5.33 15.42
N ALA F 46 17.39 -4.76 16.32
CA ALA F 46 18.50 -3.90 15.90
C ALA F 46 19.64 -4.71 15.27
N LEU F 47 19.66 -6.01 15.52
CA LEU F 47 20.61 -6.92 14.91
C LEU F 47 20.11 -7.46 13.56
N LEU F 48 18.80 -7.58 13.39
CA LEU F 48 18.23 -7.95 12.07
C LEU F 48 18.54 -6.88 10.99
N MET F 49 18.75 -5.62 11.41
CA MET F 49 19.22 -4.53 10.50
C MET F 49 20.74 -4.35 10.47
N SER F 50 21.48 -4.90 11.43
CA SER F 50 22.95 -4.89 11.32
C SER F 50 23.30 -5.68 10.06
N ASP F 51 23.93 -4.98 9.12
CA ASP F 51 24.45 -5.60 7.90
C ASP F 51 25.69 -6.44 8.21
N ALA F 52 26.30 -6.15 9.37
CA ALA F 52 27.40 -6.93 9.94
C ALA F 52 27.47 -8.40 9.56
N ASP F 53 28.69 -8.94 9.61
CA ASP F 53 28.98 -10.31 9.22
C ASP F 53 28.69 -11.23 10.41
N VAL F 54 29.07 -10.79 11.63
CA VAL F 54 28.83 -11.56 12.87
C VAL F 54 28.00 -10.82 13.98
N LYS F 55 26.83 -11.39 14.31
CA LYS F 55 25.89 -10.83 15.29
C LYS F 55 26.06 -11.47 16.67
N LEU F 56 25.80 -10.68 17.71
CA LEU F 56 25.87 -11.15 19.09
C LEU F 56 24.79 -10.48 19.95
N ASP F 57 24.17 -11.34 20.77
CA ASP F 57 23.06 -11.01 21.63
C ASP F 57 23.55 -11.22 23.06
N VAL F 58 23.04 -10.43 23.98
CA VAL F 58 23.40 -10.56 25.39
C VAL F 58 22.12 -10.64 26.22
N GLY F 59 21.48 -11.81 26.10
CA GLY F 59 20.26 -12.18 26.80
C GLY F 59 19.01 -11.69 26.10
N ARG F 60 18.03 -12.61 25.92
CA ARG F 60 16.71 -12.32 25.34
C ARG F 60 16.08 -11.06 25.93
N ASP F 61 16.27 -10.91 27.25
CA ASP F 61 16.14 -9.66 27.99
C ASP F 61 15.12 -8.70 27.39
N SER F 62 13.93 -9.23 27.14
CA SER F 62 12.95 -8.54 26.32
C SER F 62 12.15 -7.48 27.14
N THR F 63 10.95 -7.89 27.58
CA THR F 63 10.07 -7.12 28.46
C THR F 63 9.59 -5.82 27.82
N ARG F 64 8.67 -6.00 26.87
CA ARG F 64 8.29 -4.96 25.91
C ARG F 64 7.81 -3.68 26.59
N GLY F 65 8.78 -2.79 26.82
CA GLY F 65 8.61 -1.56 27.58
C GLY F 65 9.71 -1.22 28.58
N LEU F 66 10.56 -2.21 28.92
CA LEU F 66 11.66 -2.09 29.91
C LEU F 66 13.10 -2.00 29.36
N GLY F 67 14.06 -1.87 30.30
CA GLY F 67 15.51 -2.23 30.13
C GLY F 67 16.46 -1.23 29.47
N ALA F 68 15.98 -0.72 28.29
CA ALA F 68 16.60 0.32 27.38
C ALA F 68 16.39 1.74 27.88
N GLY F 69 16.90 1.92 29.09
CA GLY F 69 16.98 3.16 29.80
C GLY F 69 18.39 3.24 30.29
N ALA F 70 19.31 3.01 29.37
CA ALA F 70 20.61 3.60 29.41
C ALA F 70 21.46 3.31 30.64
N ASP F 71 21.13 2.31 31.45
CA ASP F 71 21.94 2.09 32.65
C ASP F 71 23.21 1.35 32.21
N PRO F 72 24.37 2.03 32.21
CA PRO F 72 25.60 1.38 31.76
C PRO F 72 25.94 0.11 32.51
N GLU F 73 25.72 0.12 33.83
CA GLU F 73 25.93 -1.08 34.64
C GLU F 73 25.08 -2.25 34.15
N VAL F 74 23.84 -2.00 33.73
CA VAL F 74 23.06 -3.08 33.18
C VAL F 74 23.75 -3.66 31.93
N GLY F 75 24.23 -2.80 31.05
CA GLY F 75 24.90 -3.21 29.82
C GLY F 75 26.26 -3.85 30.08
N ARG F 76 27.01 -3.29 31.02
CA ARG F 76 28.31 -3.84 31.36
C ARG F 76 28.20 -5.21 31.99
N LYS F 77 27.10 -5.46 32.70
CA LYS F 77 26.84 -6.77 33.30
C LYS F 77 26.55 -7.81 32.21
N ALA F 78 25.81 -7.41 31.18
CA ALA F 78 25.49 -8.28 30.07
C ALA F 78 26.73 -8.65 29.22
N ALA F 79 27.63 -7.69 29.00
CA ALA F 79 28.86 -7.99 28.30
C ALA F 79 29.75 -8.90 29.13
N GLU F 80 29.97 -8.59 30.40
CA GLU F 80 30.84 -9.43 31.26
C GLU F 80 30.19 -10.79 31.54
N ASP F 81 28.87 -10.85 31.37
CA ASP F 81 28.20 -12.13 31.36
C ASP F 81 28.73 -12.92 30.18
N ALA F 82 28.58 -12.35 28.98
CA ALA F 82 28.99 -13.03 27.74
C ALA F 82 30.48 -12.91 27.50
N LYS F 83 31.29 -13.37 28.44
CA LYS F 83 32.73 -13.10 28.41
C LYS F 83 33.53 -14.15 27.65
N ASP F 84 33.11 -15.42 27.80
CA ASP F 84 33.71 -16.57 27.12
C ASP F 84 33.19 -16.72 25.70
N GLU F 85 32.11 -16.02 25.35
CA GLU F 85 31.58 -16.04 23.98
C GLU F 85 32.38 -15.09 23.09
N ILE F 86 32.55 -13.86 23.56
CA ILE F 86 33.36 -12.86 22.85
C ILE F 86 34.79 -13.36 22.69
N GLU F 87 35.30 -14.11 23.69
CA GLU F 87 36.65 -14.69 23.63
C GLU F 87 36.82 -15.39 22.29
N GLU F 88 36.07 -16.45 22.03
CA GLU F 88 36.20 -17.19 20.77
C GLU F 88 35.81 -16.38 19.50
N LEU F 89 35.03 -15.30 19.68
CA LEU F 89 34.73 -14.39 18.56
C LEU F 89 35.84 -13.44 18.13
N LEU F 90 36.66 -13.01 19.09
CA LEU F 90 37.83 -12.16 18.83
C LEU F 90 39.13 -12.98 18.73
N ARG F 91 39.05 -14.31 18.89
CA ARG F 91 40.24 -15.18 19.00
C ARG F 91 41.20 -15.11 17.79
N GLY F 92 42.49 -15.00 18.07
CA GLY F 92 43.52 -14.89 17.03
C GLY F 92 43.51 -13.62 16.18
N ALA F 93 42.78 -12.60 16.62
CA ALA F 93 42.80 -11.29 15.98
C ALA F 93 44.13 -10.66 16.33
N ASP F 94 44.69 -9.96 15.35
CA ASP F 94 45.94 -9.26 15.53
C ASP F 94 45.59 -7.87 16.01
N MET F 95 44.63 -7.26 15.31
CA MET F 95 44.05 -5.96 15.65
C MET F 95 42.52 -6.08 15.95
N VAL F 96 42.01 -5.31 16.91
CA VAL F 96 40.58 -5.29 17.26
C VAL F 96 40.05 -3.90 17.62
N PHE F 97 38.96 -3.51 16.98
CA PHE F 97 38.27 -2.22 17.26
C PHE F 97 36.97 -2.38 18.09
N VAL F 98 36.71 -1.39 18.93
CA VAL F 98 35.52 -1.33 19.78
C VAL F 98 34.85 0.05 19.53
N THR F 99 34.03 0.12 18.50
CA THR F 99 33.33 1.34 18.19
C THR F 99 31.98 1.30 18.95
N ALA F 100 31.52 2.46 19.43
CA ALA F 100 30.33 2.59 20.31
C ALA F 100 29.92 4.05 20.59
N GLY F 101 28.65 4.23 20.96
CA GLY F 101 28.11 5.52 21.37
C GLY F 101 27.98 5.63 22.90
N GLU F 102 29.02 6.16 23.53
CA GLU F 102 29.00 6.45 24.97
C GLU F 102 27.94 7.51 25.29
N GLY F 103 27.43 7.38 26.53
CA GLY F 103 26.22 8.04 27.01
C GLY F 103 25.08 7.05 27.27
N GLY F 104 25.22 5.82 26.78
CA GLY F 104 24.17 4.79 26.83
C GLY F 104 24.32 3.68 27.87
N GLY F 105 23.92 2.46 27.48
CA GLY F 105 23.75 1.29 28.38
C GLY F 105 24.52 0.09 27.87
N THR F 106 23.94 -0.59 26.87
CA THR F 106 24.54 -1.79 26.26
C THR F 106 26.02 -1.65 26.02
N GLY F 107 26.41 -0.46 25.53
CA GLY F 107 27.72 -0.19 24.96
C GLY F 107 28.60 0.58 25.89
N THR F 108 28.18 1.80 26.19
CA THR F 108 28.82 2.65 27.19
C THR F 108 29.44 1.83 28.31
N GLY F 109 28.64 0.88 28.82
CA GLY F 109 29.09 -0.05 29.84
C GLY F 109 29.72 -1.34 29.31
N GLY F 110 29.13 -1.90 28.26
CA GLY F 110 29.59 -3.16 27.70
C GLY F 110 30.96 -3.08 27.06
N ALA F 111 31.26 -1.92 26.48
CA ALA F 111 32.45 -1.72 25.64
C ALA F 111 33.81 -2.10 26.23
N PRO F 112 34.13 -1.64 27.44
CA PRO F 112 35.35 -2.10 28.07
C PRO F 112 35.46 -3.60 28.15
N VAL F 113 34.41 -4.28 28.55
CA VAL F 113 34.50 -5.73 28.74
C VAL F 113 35.11 -6.32 27.46
N VAL F 114 34.54 -5.90 26.33
CA VAL F 114 34.94 -6.38 25.03
C VAL F 114 36.43 -6.08 24.85
N ALA F 115 36.74 -4.78 24.86
CA ALA F 115 38.10 -4.25 24.70
C ALA F 115 39.09 -4.87 25.67
N SER F 116 38.66 -5.20 26.89
CA SER F 116 39.57 -5.72 27.89
C SER F 116 39.93 -7.17 27.63
N ILE F 117 39.07 -7.89 26.89
CA ILE F 117 39.38 -9.26 26.43
C ILE F 117 40.24 -9.15 25.17
N ALA F 118 39.84 -8.31 24.22
CA ALA F 118 40.69 -8.06 23.06
C ALA F 118 42.14 -7.87 23.49
N ARG F 119 42.33 -7.08 24.55
CA ARG F 119 43.64 -6.85 25.14
C ARG F 119 44.21 -8.10 25.80
N LYS F 120 43.41 -8.77 26.65
CA LYS F 120 43.86 -10.02 27.35
C LYS F 120 44.32 -11.12 26.39
N LEU F 121 43.65 -11.19 25.23
CA LEU F 121 43.99 -12.10 24.15
C LEU F 121 45.37 -11.80 23.59
N GLY F 122 45.61 -10.52 23.32
CA GLY F 122 46.89 -10.03 22.83
C GLY F 122 46.69 -9.43 21.45
N ALA F 123 45.97 -8.32 21.40
CA ALA F 123 45.68 -7.63 20.15
C ALA F 123 45.89 -6.15 20.34
N LEU F 124 45.83 -5.44 19.23
CA LEU F 124 45.83 -3.99 19.27
C LEU F 124 44.41 -3.56 19.54
N THR F 125 44.11 -3.29 20.80
CA THR F 125 42.82 -2.74 21.19
C THR F 125 42.80 -1.27 20.79
N VAL F 126 41.85 -0.87 19.95
CA VAL F 126 41.70 0.55 19.61
C VAL F 126 40.25 0.96 19.73
N GLY F 127 39.93 1.65 20.82
CA GLY F 127 38.67 2.35 20.95
C GLY F 127 38.45 3.41 19.86
N VAL F 128 37.20 3.57 19.47
CA VAL F 128 36.75 4.74 18.73
C VAL F 128 35.36 5.09 19.21
N VAL F 129 35.27 5.75 20.35
CA VAL F 129 33.97 6.08 20.96
C VAL F 129 33.34 7.35 20.35
N THR F 130 32.24 7.81 20.91
CA THR F 130 31.66 9.11 20.57
C THR F 130 30.90 9.65 21.81
N ARG F 131 31.64 10.45 22.57
CA ARG F 131 31.09 11.22 23.68
C ARG F 131 29.84 11.96 23.18
N PRO F 132 28.68 11.80 23.85
CA PRO F 132 27.42 12.25 23.24
C PRO F 132 27.24 13.75 23.26
N PHE F 133 26.18 14.20 22.62
CA PHE F 133 25.98 15.61 22.42
C PHE F 133 25.61 16.17 23.77
N SER F 134 25.41 17.48 23.83
CA SER F 134 25.07 18.15 25.09
C SER F 134 23.58 18.19 25.31
N PHE F 135 22.81 18.48 24.28
CA PHE F 135 21.36 18.33 24.42
C PHE F 135 20.95 16.95 24.92
N GLU F 136 21.75 15.93 24.59
CA GLU F 136 21.67 14.59 25.23
C GLU F 136 21.37 14.67 26.76
N GLY F 137 22.04 15.58 27.47
CA GLY F 137 21.72 15.86 28.87
C GLY F 137 22.78 15.32 29.79
N LYS F 138 22.74 15.78 31.05
CA LYS F 138 23.81 15.53 32.05
C LYS F 138 24.00 14.06 32.36
N ARG F 139 22.87 13.38 32.62
CA ARG F 139 22.84 11.92 32.90
C ARG F 139 23.66 11.16 31.84
N ARG F 140 23.31 11.46 30.60
CA ARG F 140 24.01 10.92 29.46
C ARG F 140 25.49 11.30 29.60
N SER F 141 25.74 12.60 29.60
CA SER F 141 27.10 13.11 29.55
C SER F 141 27.96 12.69 30.75
N ASN F 142 27.28 12.28 31.83
CA ASN F 142 27.94 11.72 33.03
C ASN F 142 28.27 10.24 32.93
N GLN F 143 27.44 9.46 32.25
CA GLN F 143 27.77 8.03 32.01
C GLN F 143 28.90 7.98 31.01
N ALA F 144 28.71 8.72 29.91
CA ALA F 144 29.76 9.02 28.97
C ALA F 144 31.09 9.19 29.70
N GLU F 145 31.19 10.22 30.55
CA GLU F 145 32.47 10.55 31.18
C GLU F 145 32.91 9.49 32.19
N ASN F 146 31.93 8.80 32.81
CA ASN F 146 32.20 7.69 33.72
C ASN F 146 32.80 6.52 32.94
N GLY F 147 32.17 6.22 31.81
CA GLY F 147 32.54 5.08 31.01
C GLY F 147 33.79 5.28 30.17
N ILE F 148 34.14 6.54 29.88
CA ILE F 148 35.29 6.81 29.02
C ILE F 148 36.52 6.27 29.70
N ALA F 149 36.62 6.47 31.02
CA ALA F 149 37.77 5.99 31.79
C ALA F 149 37.87 4.47 31.82
N ALA F 150 36.74 3.80 31.76
CA ALA F 150 36.69 2.35 31.71
C ALA F 150 37.27 1.82 30.42
N LEU F 151 36.96 2.48 29.29
CA LEU F 151 37.58 2.08 28.02
C LEU F 151 39.08 2.33 28.11
N ARG F 152 39.42 3.60 28.27
CA ARG F 152 40.76 4.12 28.03
C ARG F 152 41.83 3.27 28.69
N GLU F 153 41.53 2.77 29.89
CA GLU F 153 42.41 1.84 30.60
C GLU F 153 42.42 0.46 29.94
N SER F 154 41.23 -0.10 29.72
CA SER F 154 41.08 -1.43 29.09
C SER F 154 41.56 -1.49 27.65
N CYS F 155 41.61 -0.35 26.97
CA CYS F 155 42.22 -0.24 25.63
C CYS F 155 43.70 0.16 25.64
N ASP F 156 44.33 0.11 24.46
CA ASP F 156 45.65 0.69 24.19
C ASP F 156 45.43 2.16 23.85
N THR F 157 44.55 2.38 22.87
CA THR F 157 44.21 3.70 22.40
C THR F 157 42.71 3.95 22.48
N LEU F 158 42.33 5.20 22.23
CA LEU F 158 40.94 5.65 22.31
C LEU F 158 40.84 6.97 21.60
N ILE F 159 39.77 7.14 20.83
CA ILE F 159 39.59 8.35 20.03
C ILE F 159 38.24 8.97 20.38
N VAL F 160 38.20 9.59 21.54
CA VAL F 160 37.07 10.45 21.94
C VAL F 160 36.72 11.50 20.87
N ILE F 161 35.58 11.32 20.21
CA ILE F 161 35.14 12.26 19.17
C ILE F 161 33.91 13.01 19.66
N PRO F 162 34.10 14.23 20.18
CA PRO F 162 33.00 14.94 20.82
C PRO F 162 31.95 15.35 19.82
N ASN F 163 30.79 14.71 19.90
CA ASN F 163 29.67 15.00 19.00
C ASN F 163 29.29 16.48 18.99
N ASP F 164 29.59 17.20 20.07
CA ASP F 164 29.43 18.67 20.11
C ASP F 164 30.21 19.40 18.99
N ARG F 165 31.45 18.99 18.75
CA ARG F 165 32.32 19.63 17.74
C ARG F 165 31.92 19.28 16.30
N LEU F 166 30.90 18.43 16.12
CA LEU F 166 30.32 18.16 14.80
C LEU F 166 29.14 19.11 14.49
N LEU F 167 29.12 20.29 15.12
CA LEU F 167 28.11 21.32 14.85
C LEU F 167 28.77 22.72 14.77
N VAL F 174 23.44 20.75 6.36
CA VAL F 174 24.27 20.58 7.56
C VAL F 174 23.61 21.17 8.85
N SER F 175 22.30 20.94 9.02
CA SER F 175 21.56 21.50 10.17
C SER F 175 21.82 20.64 11.40
N LEU F 176 21.06 19.57 11.60
CA LEU F 176 21.10 18.80 12.87
C LEU F 176 21.04 17.29 12.68
N MET F 177 20.10 16.82 11.87
CA MET F 177 20.11 15.44 11.34
C MET F 177 21.49 15.12 10.76
N ASP F 178 22.03 16.08 10.02
CA ASP F 178 23.34 15.98 9.40
C ASP F 178 24.46 15.82 10.41
N ALA F 179 24.29 16.43 11.58
CA ALA F 179 25.22 16.17 12.69
C ALA F 179 25.19 14.72 13.16
N PHE F 180 24.02 14.08 13.16
CA PHE F 180 23.94 12.66 13.56
C PHE F 180 24.58 11.77 12.51
N ARG F 181 24.47 12.15 11.25
CA ARG F 181 25.22 11.47 10.23
C ARG F 181 26.69 11.62 10.57
N SER F 182 27.11 12.83 10.88
CA SER F 182 28.51 13.12 11.21
C SER F 182 29.09 12.29 12.37
N ALA F 183 28.23 11.92 13.32
CA ALA F 183 28.65 11.02 14.41
C ALA F 183 28.94 9.62 13.90
N ASP F 184 28.12 9.14 12.96
CA ASP F 184 28.37 7.84 12.33
C ASP F 184 29.57 7.97 11.39
N GLU F 185 29.58 9.03 10.58
CA GLU F 185 30.65 9.30 9.59
C GLU F 185 32.05 9.30 10.22
N VAL F 186 32.22 10.09 11.26
CA VAL F 186 33.52 10.23 11.94
C VAL F 186 34.00 8.94 12.62
N LEU F 187 33.09 8.02 12.96
CA LEU F 187 33.48 6.73 13.56
C LEU F 187 34.13 5.83 12.52
N LEU F 188 33.60 5.87 11.30
CA LEU F 188 34.22 5.18 10.20
C LEU F 188 35.65 5.65 10.04
N ASN F 189 35.78 6.95 9.78
CA ASN F 189 37.05 7.61 9.40
C ASN F 189 38.22 7.32 10.35
N GLY F 190 37.95 7.31 11.64
CA GLY F 190 38.95 7.07 12.65
C GLY F 190 39.42 5.65 12.66
N VAL F 191 38.58 4.72 12.20
CA VAL F 191 38.99 3.30 12.00
C VAL F 191 39.56 3.19 10.60
N GLN F 192 38.80 3.66 9.61
CA GLN F 192 39.19 3.69 8.17
C GLN F 192 40.60 4.19 7.92
N GLY F 193 41.08 5.11 8.74
CA GLY F 193 42.48 5.51 8.75
C GLY F 193 43.36 4.32 9.05
N ILE F 194 43.37 3.89 10.30
CA ILE F 194 44.36 2.93 10.81
C ILE F 194 44.24 1.52 10.15
N THR F 195 43.13 1.22 9.47
CA THR F 195 42.99 -0.04 8.75
C THR F 195 43.50 0.06 7.34
N ASP F 196 43.04 1.06 6.58
CA ASP F 196 43.28 1.12 5.12
C ASP F 196 44.77 1.06 4.71
N LEU F 197 45.66 1.61 5.54
CA LEU F 197 47.14 1.49 5.34
C LEU F 197 47.62 0.03 5.30
N ILE F 198 46.96 -0.82 6.09
CA ILE F 198 47.28 -2.25 6.15
C ILE F 198 46.38 -3.07 5.21
N THR F 199 45.19 -2.55 4.89
CA THR F 199 44.21 -3.28 4.09
C THR F 199 44.07 -2.77 2.63
N THR F 200 44.99 -1.92 2.20
CA THR F 200 45.13 -1.50 0.79
C THR F 200 46.23 -0.42 0.67
N PRO F 201 47.53 -0.82 0.70
CA PRO F 201 48.64 0.18 0.69
C PRO F 201 48.71 1.09 -0.56
N GLY F 202 49.77 1.89 -0.65
CA GLY F 202 49.98 2.75 -1.84
C GLY F 202 51.43 2.81 -2.27
N LEU F 203 52.30 3.33 -1.41
CA LEU F 203 53.69 3.56 -1.73
C LEU F 203 54.55 2.53 -1.07
N ILE F 204 54.58 2.59 0.26
CA ILE F 204 55.44 1.75 1.08
C ILE F 204 54.48 0.78 1.74
N ASN F 205 54.87 -0.49 1.78
CA ASN F 205 54.07 -1.51 2.44
C ASN F 205 54.19 -1.29 3.96
N VAL F 206 53.24 -0.51 4.48
CA VAL F 206 53.18 -0.12 5.89
C VAL F 206 52.56 -1.30 6.64
N ASP F 207 53.26 -1.82 7.64
CA ASP F 207 52.91 -3.12 8.25
C ASP F 207 52.30 -3.00 9.66
N PHE F 208 51.75 -4.10 10.16
CA PHE F 208 51.13 -4.13 11.48
C PHE F 208 52.10 -3.65 12.55
N ALA F 209 53.25 -4.31 12.65
CA ALA F 209 54.26 -4.01 13.70
C ALA F 209 54.80 -2.57 13.65
N ASP F 210 54.64 -1.93 12.48
CA ASP F 210 54.98 -0.53 12.26
C ASP F 210 54.21 0.42 13.18
N VAL F 211 52.89 0.21 13.26
CA VAL F 211 51.99 1.03 14.10
C VAL F 211 51.81 0.46 15.52
N LYS F 212 51.86 -0.86 15.69
CA LYS F 212 51.84 -1.50 17.03
C LYS F 212 52.56 -0.64 18.10
N GLY F 213 53.74 -0.10 17.77
CA GLY F 213 54.48 0.81 18.67
C GLY F 213 53.83 2.17 18.89
N ILE F 214 53.24 2.72 17.83
CA ILE F 214 52.55 4.04 17.87
C ILE F 214 51.06 4.01 18.32
N MET F 215 50.55 2.83 18.65
CA MET F 215 49.24 2.70 19.30
C MET F 215 49.36 2.09 20.70
N SER F 216 50.18 1.05 20.88
CA SER F 216 50.40 0.45 22.20
C SER F 216 50.80 1.53 23.22
N GLY F 217 50.12 1.52 24.37
CA GLY F 217 50.39 2.44 25.49
C GLY F 217 49.64 3.78 25.50
N ALA F 218 49.24 4.27 24.33
CA ALA F 218 48.94 5.69 24.14
C ALA F 218 47.56 6.22 24.63
N GLY F 219 46.94 5.52 25.59
CA GLY F 219 45.67 5.97 26.15
C GLY F 219 44.79 6.77 25.19
N THR F 220 44.79 8.09 25.34
CA THR F 220 43.93 8.96 24.54
C THR F 220 44.74 9.49 23.34
N ALA F 221 44.15 9.43 22.15
CA ALA F 221 44.67 10.09 20.93
C ALA F 221 43.54 10.85 20.29
N LEU F 222 43.83 11.58 19.22
CA LEU F 222 42.79 12.30 18.47
C LEU F 222 43.02 12.04 17.00
N MET F 223 42.28 12.73 16.13
CA MET F 223 42.47 12.59 14.67
C MET F 223 42.15 13.87 13.89
N GLY F 224 42.29 13.81 12.57
CA GLY F 224 41.82 14.87 11.67
C GLY F 224 41.33 14.32 10.35
N ILE F 225 40.70 15.20 9.54
CA ILE F 225 40.29 14.88 8.16
C ILE F 225 40.45 16.10 7.25
N GLY F 226 40.48 15.85 5.94
CA GLY F 226 40.48 16.91 4.93
C GLY F 226 40.30 16.40 3.51
N SER F 227 39.59 17.17 2.67
CA SER F 227 39.37 16.84 1.26
C SER F 227 39.50 18.08 0.33
N ALA F 228 40.05 17.85 -0.87
CA ALA F 228 40.17 18.90 -1.92
C ALA F 228 40.47 18.23 -3.28
N ARG F 229 40.11 18.89 -4.38
CA ARG F 229 40.31 18.30 -5.72
C ARG F 229 40.49 19.33 -6.86
N GLY F 230 41.49 19.08 -7.72
CA GLY F 230 41.83 19.96 -8.84
C GLY F 230 43.34 20.19 -8.89
N GLU F 231 43.74 21.48 -8.84
CA GLU F 231 45.15 21.89 -8.85
C GLU F 231 45.68 21.99 -7.41
N GLY F 232 46.88 21.46 -7.18
CA GLY F 232 47.47 21.40 -5.85
C GLY F 232 46.51 20.79 -4.84
N ARG F 233 45.89 19.67 -5.24
CA ARG F 233 44.84 19.02 -4.45
C ARG F 233 45.35 18.41 -3.12
N SER F 234 46.50 17.74 -3.17
CA SER F 234 47.09 17.07 -1.99
C SER F 234 47.60 18.04 -0.89
N LEU F 235 47.94 19.27 -1.29
CA LEU F 235 48.45 20.26 -0.35
C LEU F 235 47.32 20.79 0.54
N LYS F 236 46.23 21.24 -0.09
CA LYS F 236 45.07 21.85 0.60
C LYS F 236 44.39 20.94 1.63
N ALA F 237 44.10 19.71 1.21
CA ALA F 237 43.43 18.72 2.07
C ALA F 237 44.29 18.30 3.27
N ALA F 238 45.58 18.08 3.01
CA ALA F 238 46.53 17.68 4.06
C ALA F 238 46.64 18.68 5.21
N GLU F 239 46.49 19.96 4.89
CA GLU F 239 46.52 21.05 5.87
C GLU F 239 45.35 20.93 6.87
N ILE F 240 44.17 20.61 6.36
CA ILE F 240 42.92 20.61 7.15
C ILE F 240 42.87 19.48 8.19
N ALA F 241 43.59 18.39 7.94
CA ALA F 241 43.85 17.37 8.96
C ALA F 241 44.63 17.97 10.13
N ILE F 242 45.63 18.79 9.82
CA ILE F 242 46.46 19.44 10.84
C ILE F 242 45.64 20.55 11.49
N ASN F 243 44.94 21.33 10.66
CA ASN F 243 43.94 22.31 11.10
C ASN F 243 42.52 21.68 11.19
N SER F 244 42.39 20.68 12.07
CA SER F 244 41.13 19.95 12.28
C SER F 244 40.53 20.32 13.65
N PRO F 245 39.21 20.66 13.71
CA PRO F 245 38.59 20.95 15.00
C PRO F 245 38.76 19.80 16.00
N LEU F 246 38.39 18.59 15.57
CA LEU F 246 38.49 17.36 16.36
C LEU F 246 39.87 17.10 16.99
N LEU F 247 40.94 17.52 16.32
CA LEU F 247 42.33 17.28 16.74
C LEU F 247 42.80 18.10 17.97
N GLU F 248 42.14 19.21 18.27
CA GLU F 248 42.50 20.11 19.39
C GLU F 248 43.96 20.62 19.29
N ALA F 249 44.42 20.84 18.04
CA ALA F 249 45.80 21.25 17.70
C ALA F 249 46.93 20.55 18.49
N SER F 250 46.63 19.37 19.06
CA SER F 250 47.55 18.65 19.94
C SER F 250 48.62 17.94 19.11
N MET F 251 48.38 17.86 17.80
CA MET F 251 49.32 17.43 16.76
C MET F 251 50.79 17.44 17.18
N GLU F 252 51.32 18.63 17.44
CA GLU F 252 52.73 18.80 17.81
C GLU F 252 53.03 18.41 19.25
N GLY F 253 52.02 18.41 20.12
CA GLY F 253 52.15 17.87 21.46
C GLY F 253 52.34 16.36 21.55
N ALA F 254 51.90 15.62 20.54
CA ALA F 254 51.80 14.15 20.63
C ALA F 254 53.14 13.42 20.48
N GLN F 255 53.32 12.33 21.26
CA GLN F 255 54.48 11.44 21.19
C GLN F 255 54.20 10.27 20.23
N GLY F 256 53.88 10.60 18.99
CA GLY F 256 53.47 9.63 17.98
C GLY F 256 52.38 10.21 17.11
N VAL F 257 52.58 10.17 15.78
CA VAL F 257 51.54 10.49 14.81
C VAL F 257 51.55 9.49 13.64
N LEU F 258 50.36 9.15 13.12
CA LEU F 258 50.22 8.35 11.90
C LEU F 258 49.36 9.11 10.90
N MET F 259 49.67 8.96 9.61
CA MET F 259 48.96 9.66 8.55
C MET F 259 48.54 8.73 7.41
N SER F 260 47.27 8.81 7.02
CA SER F 260 46.77 8.23 5.78
C SER F 260 46.69 9.36 4.76
N ILE F 261 46.94 9.02 3.49
CA ILE F 261 46.69 9.93 2.37
C ILE F 261 46.06 9.10 1.26
N ALA F 262 44.79 9.41 0.98
CA ALA F 262 44.00 8.67 0.02
C ALA F 262 44.02 9.34 -1.35
N GLY F 263 43.58 8.58 -2.33
CA GLY F 263 43.57 9.01 -3.72
C GLY F 263 43.29 7.84 -4.61
N GLY F 264 43.08 8.12 -5.90
CA GLY F 264 42.90 7.07 -6.90
C GLY F 264 44.21 6.37 -7.19
N SER F 265 44.13 5.31 -7.98
CA SER F 265 45.32 4.66 -8.53
C SER F 265 46.19 5.67 -9.32
N ASP F 266 45.52 6.62 -9.98
CA ASP F 266 46.19 7.77 -10.63
C ASP F 266 46.72 8.82 -9.62
N LEU F 267 47.57 8.37 -8.71
CA LEU F 267 48.21 9.23 -7.73
C LEU F 267 49.71 9.05 -7.87
N GLY F 268 50.44 10.15 -7.73
CA GLY F 268 51.90 10.19 -7.89
C GLY F 268 52.59 10.53 -6.58
N LEU F 269 53.82 10.03 -6.44
CA LEU F 269 54.63 10.22 -5.22
C LEU F 269 54.90 11.70 -4.96
N PHE F 270 54.99 12.48 -6.05
CA PHE F 270 55.06 13.95 -6.03
C PHE F 270 54.03 14.57 -5.06
N GLU F 271 52.76 14.22 -5.25
CA GLU F 271 51.67 14.68 -4.36
C GLU F 271 51.83 14.17 -2.93
N ILE F 272 52.21 12.90 -2.82
CA ILE F 272 52.32 12.19 -1.55
C ILE F 272 53.54 12.66 -0.76
N ASN F 273 54.58 13.09 -1.48
CA ASN F 273 55.75 13.73 -0.91
C ASN F 273 55.36 15.10 -0.33
N GLU F 274 54.57 15.86 -1.09
CA GLU F 274 54.13 17.21 -0.69
C GLU F 274 53.38 17.19 0.64
N ALA F 275 52.44 16.26 0.78
CA ALA F 275 51.70 16.06 2.04
C ALA F 275 52.61 15.54 3.16
N ALA F 276 53.52 14.61 2.82
CA ALA F 276 54.51 14.10 3.77
C ALA F 276 55.34 15.23 4.35
N SER F 277 55.71 16.17 3.48
CA SER F 277 56.37 17.42 3.85
C SER F 277 55.44 18.32 4.67
N LEU F 278 55.24 17.96 5.95
CA LEU F 278 54.34 18.68 6.86
C LEU F 278 54.57 18.29 8.32
N VAL F 279 54.33 17.01 8.61
CA VAL F 279 54.25 16.52 9.98
C VAL F 279 55.63 16.51 10.62
N GLN F 280 56.65 16.16 9.83
CA GLN F 280 58.04 16.17 10.29
C GLN F 280 58.39 17.48 10.99
N ASP F 281 58.03 18.60 10.35
CA ASP F 281 58.26 19.96 10.90
C ASP F 281 57.12 20.46 11.80
N ALA F 282 55.87 20.18 11.42
CA ALA F 282 54.69 20.64 12.16
C ALA F 282 54.29 19.73 13.35
N ALA F 283 55.15 18.77 13.73
CA ALA F 283 54.95 17.96 14.95
C ALA F 283 56.21 17.94 15.84
N HIS F 284 56.10 17.27 16.99
CA HIS F 284 57.23 17.05 17.90
C HIS F 284 58.33 16.37 17.09
N PRO F 285 59.54 16.98 17.01
CA PRO F 285 60.65 16.35 16.29
C PRO F 285 61.05 14.94 16.77
N ASP F 286 61.06 14.72 18.09
CA ASP F 286 61.30 13.38 18.68
C ASP F 286 60.00 12.67 19.07
N ALA F 287 59.48 11.90 18.10
CA ALA F 287 58.26 11.12 18.24
C ALA F 287 58.04 10.30 16.94
N ASN F 288 57.84 8.98 17.07
CA ASN F 288 57.60 8.09 15.91
C ASN F 288 56.53 8.65 14.98
N ILE F 289 56.90 9.09 13.77
CA ILE F 289 55.91 9.62 12.82
C ILE F 289 55.89 8.83 11.49
N ILE F 290 55.01 7.85 11.41
CA ILE F 290 54.91 6.94 10.26
C ILE F 290 53.94 7.52 9.24
N PHE F 291 54.14 7.18 7.98
CA PHE F 291 53.21 7.57 6.91
C PHE F 291 52.70 6.34 6.21
N GLY F 292 51.59 6.53 5.50
CA GLY F 292 51.01 5.47 4.70
C GLY F 292 50.15 6.04 3.61
N THR F 293 49.97 5.25 2.57
CA THR F 293 49.26 5.70 1.38
C THR F 293 48.24 4.66 0.99
N VAL F 294 47.11 5.12 0.43
CA VAL F 294 45.93 4.27 0.20
C VAL F 294 45.42 4.44 -1.23
N ILE F 295 45.06 3.32 -1.86
CA ILE F 295 44.44 3.32 -3.19
C ILE F 295 42.92 3.15 -3.03
N ASP F 296 42.23 4.26 -2.78
CA ASP F 296 40.78 4.29 -2.74
C ASP F 296 40.21 4.80 -4.07
N ASP F 297 39.83 3.85 -4.92
CA ASP F 297 39.16 4.18 -6.19
C ASP F 297 37.62 4.31 -6.04
N SER F 298 37.11 4.40 -4.81
CA SER F 298 35.73 4.85 -4.56
C SER F 298 35.59 6.32 -4.91
N LEU F 299 36.50 7.13 -4.37
CA LEU F 299 36.62 8.55 -4.76
C LEU F 299 37.03 8.64 -6.22
N GLY F 300 38.04 7.86 -6.58
CA GLY F 300 38.51 7.76 -7.97
C GLY F 300 39.61 8.73 -8.33
N ASP F 301 39.52 9.97 -7.84
CA ASP F 301 40.45 11.04 -8.19
C ASP F 301 40.47 12.15 -7.14
N GLU F 302 40.40 11.75 -5.86
CA GLU F 302 40.16 12.70 -4.77
C GLU F 302 41.04 12.40 -3.56
N VAL F 303 41.44 13.47 -2.87
CA VAL F 303 42.30 13.37 -1.69
C VAL F 303 41.48 13.25 -0.41
N ARG F 304 42.00 12.48 0.55
CA ARG F 304 41.37 12.33 1.86
C ARG F 304 42.44 11.96 2.90
N VAL F 305 43.06 12.97 3.49
CA VAL F 305 44.15 12.78 4.44
C VAL F 305 43.56 12.66 5.82
N THR F 306 44.03 11.67 6.58
CA THR F 306 43.67 11.51 7.99
C THR F 306 44.94 11.42 8.83
N VAL F 307 44.86 11.91 10.08
CA VAL F 307 45.99 11.94 11.03
C VAL F 307 45.55 11.34 12.36
N ILE F 308 46.51 10.89 13.16
CA ILE F 308 46.21 10.24 14.45
C ILE F 308 47.26 10.64 15.50
N ALA F 309 47.05 11.78 16.14
CA ALA F 309 47.95 12.28 17.21
C ALA F 309 48.00 11.40 18.49
N ALA F 310 48.88 10.41 18.46
CA ALA F 310 48.83 9.29 19.40
C ALA F 310 49.92 9.30 20.48
N GLY F 311 49.52 9.63 21.71
CA GLY F 311 50.39 9.51 22.89
C GLY F 311 50.56 10.83 23.58
N PHE F 312 50.46 10.80 24.91
CA PHE F 312 50.64 11.98 25.75
C PHE F 312 51.19 11.55 27.12
N ASP F 313 52.18 12.28 27.63
CA ASP F 313 52.84 11.96 28.90
C ASP F 313 53.28 13.24 29.63
PB GDP G . 8.71 -14.09 -2.60
O1B GDP G . 8.67 -13.67 -1.16
O2B GDP G . 9.68 -13.29 -3.43
O3B GDP G . 8.87 -15.58 -2.82
O3A GDP G . 7.27 -13.69 -3.23
PA GDP G . 5.90 -13.99 -2.42
O1A GDP G . 6.11 -15.28 -1.62
O2A GDP G . 5.48 -12.74 -1.70
O5' GDP G . 4.74 -14.18 -3.52
C5' GDP G . 4.11 -15.45 -3.75
C4' GDP G . 2.61 -15.45 -4.03
O4' GDP G . 1.88 -15.62 -2.81
C3' GDP G . 2.04 -14.21 -4.69
O3' GDP G . 2.09 -14.31 -6.11
C2' GDP G . 0.61 -14.15 -4.16
O2' GDP G . -0.33 -14.78 -5.04
C1' GDP G . 0.68 -14.87 -2.81
N9 GDP G . 0.68 -13.97 -1.60
C8 GDP G . 1.02 -12.66 -1.51
N7 GDP G . 0.88 -12.20 -0.24
C5 GDP G . 0.47 -13.24 0.52
C6 GDP G . 0.14 -13.45 1.93
O6 GDP G . 0.21 -12.53 2.76
N1 GDP G . -0.25 -14.68 2.30
C2 GDP G . -0.35 -15.72 1.44
N2 GDP G . -0.75 -16.93 1.89
N3 GDP G . -0.07 -15.58 0.12
C4 GDP G . 0.33 -14.39 -0.38
P PO4 H . -28.35 -35.75 18.66
O1 PO4 H . -29.08 -36.95 19.27
O2 PO4 H . -27.52 -35.06 19.74
O3 PO4 H . -29.32 -34.73 18.06
O4 PO4 H . -27.47 -36.36 17.57
PB GDP I . -7.03 22.91 -6.79
O1B GDP I . -7.12 22.86 -5.27
O2B GDP I . -7.69 24.15 -7.29
O3B GDP I . -7.45 21.67 -7.55
O3A GDP I . -5.43 23.05 -7.08
PA GDP I . -4.27 22.01 -6.60
O1A GDP I . -4.85 21.12 -5.51
O2A GDP I . -3.65 21.35 -7.80
O5' GDP I . -3.11 22.94 -5.96
C5' GDP I . -3.17 23.38 -4.61
C4' GDP I . -1.78 23.65 -4.04
O4' GDP I . -1.14 22.39 -3.84
C3' GDP I . -0.87 24.51 -4.90
O3' GDP I . -0.59 25.77 -4.27
C2' GDP I . 0.41 23.72 -5.11
O2' GDP I . 1.55 24.39 -4.56
C1' GDP I . 0.16 22.35 -4.45
N9 GDP I . 0.25 21.14 -5.33
C8 GDP I . 0.27 21.03 -6.68
N7 GDP I . 0.36 19.73 -7.08
C5 GDP I . 0.41 19.00 -5.97
C6 GDP I . 0.49 17.56 -5.67
O6 GDP I . 0.57 16.74 -6.59
N1 GDP I . 0.50 17.19 -4.37
C2 GDP I . 0.43 18.09 -3.36
N2 GDP I . 0.44 17.67 -2.06
N3 GDP I . 0.34 19.42 -3.58
C4 GDP I . 0.32 19.91 -4.84
P PO4 J . 22.28 1.59 23.97
O1 PO4 J . 22.02 1.18 25.41
O2 PO4 J . 23.77 1.91 23.85
O3 PO4 J . 21.86 0.42 23.09
O4 PO4 J . 21.40 2.78 23.62
#